data_3M9D
#
_entry.id   3M9D
#
_cell.length_a   176.580
_cell.length_b   176.960
_cell.length_c   176.610
_cell.angle_alpha   90.00
_cell.angle_beta   89.94
_cell.angle_gamma   90.00
#
_symmetry.space_group_name_H-M   'P 1 21 1'
#
loop_
_entity.id
_entity.type
_entity.pdbx_description
1 polymer 'Proteasome-associated ATPase'
2 polymer 'Prokaryotic ubiquitin-like protein pup'
#
loop_
_entity_poly.entity_id
_entity_poly.type
_entity_poly.pdbx_seq_one_letter_code
_entity_poly.pdbx_strand_id
1 'polypeptide(L)'
;MGESERSEAFGIPRDSPLSSGDAAELEQLRREAAVLREQLENAVGSHAPTRSARDIHQLEARIDSLAARNSKLMETLKEA
RQQLLALREEVDRLGQPPSGYGVLLATHDDDTVDVFTSGRKMRLTCSPNIDAASLKKGQTVRLNEALTVVEAGTFEAVGE
ISTLREILADGHRALVVGHADEERVVWLADPLIAEDLPDGLPEALNDDTRPRKLRPGDSLLVDTKAGYAFERIPLVPRGS
AAALEHHHHHH
;
A,B,C,D,E,F,J,K,L,M,N,O
2 'polypeptide(L)' GSHMMAQEQTKRGGGGGDDDDIAGSTAAGQERREKLTEETDDLLDEIDDVLEENAEDFVRAYVQKGGE G,H,I,P,Q,R
#
# COMPACT_ATOMS: atom_id res chain seq x y z
N SER A 52 76.66 33.03 42.36
CA SER A 52 77.22 32.13 41.32
C SER A 52 76.56 30.75 41.30
N ALA A 53 75.63 30.48 42.21
CA ALA A 53 74.92 29.19 42.20
C ALA A 53 73.82 29.18 41.14
N ARG A 54 73.06 30.26 41.08
CA ARG A 54 72.11 30.47 40.00
C ARG A 54 72.74 30.02 38.69
N ASP A 55 73.98 30.44 38.44
CA ASP A 55 74.68 30.18 37.19
C ASP A 55 74.65 28.70 36.80
N ILE A 56 75.08 27.83 37.68
CA ILE A 56 75.05 26.42 37.34
C ILE A 56 73.62 25.99 37.13
N HIS A 57 72.76 26.25 38.10
CA HIS A 57 71.36 25.87 37.98
C HIS A 57 70.79 26.10 36.59
N GLN A 58 70.98 27.32 36.11
CA GLN A 58 70.47 27.72 34.80
C GLN A 58 70.90 26.75 33.71
N LEU A 59 72.10 26.23 33.81
CA LEU A 59 72.55 25.26 32.84
C LEU A 59 71.93 23.91 33.10
N GLU A 60 72.17 23.38 34.30
CA GLU A 60 71.64 22.08 34.69
C GLU A 60 70.18 22.01 34.27
N ALA A 61 69.50 23.15 34.29
CA ALA A 61 68.09 23.17 33.94
C ALA A 61 67.79 23.28 32.43
N ARG A 62 68.69 23.87 31.65
CA ARG A 62 68.53 23.81 30.21
C ARG A 62 68.87 22.41 29.75
N ILE A 63 70.01 21.88 30.21
CA ILE A 63 70.38 20.52 29.87
C ILE A 63 69.23 19.57 30.13
N ASP A 64 68.90 19.39 31.40
CA ASP A 64 67.86 18.43 31.79
C ASP A 64 66.52 18.69 31.04
N SER A 65 66.35 19.86 30.40
CA SER A 65 65.12 20.13 29.63
C SER A 65 65.27 20.16 28.07
N LEU A 66 66.50 20.02 27.60
CA LEU A 66 66.74 19.78 26.18
C LEU A 66 66.94 18.30 25.99
N ALA A 67 67.42 17.65 27.05
CA ALA A 67 67.63 16.20 27.10
C ALA A 67 66.35 15.46 26.88
N ALA A 68 65.32 15.89 27.57
CA ALA A 68 64.05 15.20 27.47
C ALA A 68 63.25 15.67 26.24
N ARG A 69 63.57 16.82 25.67
CA ARG A 69 63.06 17.07 24.34
C ARG A 69 63.80 16.16 23.34
N ASN A 70 65.11 15.96 23.52
CA ASN A 70 65.85 15.02 22.67
C ASN A 70 65.11 13.70 22.58
N SER A 71 65.01 13.01 23.73
CA SER A 71 64.38 11.67 23.79
C SER A 71 62.97 11.61 23.19
N LYS A 72 62.15 12.63 23.41
CA LYS A 72 60.82 12.62 22.81
C LYS A 72 60.95 12.59 21.28
N LEU A 73 61.86 13.41 20.74
CA LEU A 73 62.01 13.53 19.29
C LEU A 73 62.61 12.28 18.73
N MET A 74 63.54 11.68 19.45
CA MET A 74 64.03 10.35 19.14
C MET A 74 62.90 9.42 18.76
N GLU A 75 62.22 8.94 19.80
CA GLU A 75 61.16 7.93 19.67
C GLU A 75 60.08 8.33 18.66
N THR A 76 59.60 9.57 18.74
CA THR A 76 58.53 9.99 17.82
C THR A 76 59.09 10.11 16.38
N LEU A 77 60.41 10.00 16.21
CA LEU A 77 61.03 10.01 14.88
C LEU A 77 61.34 8.62 14.40
N LYS A 78 61.63 7.74 15.34
CA LYS A 78 61.62 6.34 15.03
C LYS A 78 60.22 5.95 14.54
N GLU A 79 59.17 6.18 15.35
CA GLU A 79 57.79 5.77 15.00
C GLU A 79 57.31 6.23 13.61
N ALA A 80 58.03 7.16 13.00
CA ALA A 80 57.78 7.48 11.61
C ALA A 80 58.74 6.75 10.69
N ARG A 81 59.65 5.95 11.23
CA ARG A 81 60.37 5.03 10.36
C ARG A 81 59.70 3.68 10.19
N GLN A 82 59.16 3.09 11.27
CA GLN A 82 58.37 1.84 11.17
C GLN A 82 57.13 2.02 10.27
N GLN A 83 56.73 3.28 10.08
CA GLN A 83 55.59 3.58 9.26
C GLN A 83 56.03 3.94 7.84
N LEU A 84 57.21 4.53 7.71
CA LEU A 84 57.72 4.94 6.41
C LEU A 84 58.53 3.80 5.83
N LEU A 85 58.54 2.66 6.51
CA LEU A 85 59.27 1.49 6.01
C LEU A 85 58.36 0.39 5.53
N ALA A 86 57.52 -0.09 6.43
CA ALA A 86 56.45 -1.02 6.08
C ALA A 86 55.49 -0.41 5.03
N LEU A 87 55.40 0.92 4.95
CA LEU A 87 54.65 1.58 3.86
C LEU A 87 55.47 1.57 2.58
N ARG A 88 56.78 1.64 2.69
CA ARG A 88 57.61 1.63 1.50
C ARG A 88 57.60 0.29 0.77
N GLU A 89 57.96 -0.78 1.47
CA GLU A 89 58.07 -2.11 0.86
C GLU A 89 56.76 -2.66 0.22
N GLU A 90 55.62 -2.08 0.61
CA GLU A 90 54.30 -2.42 0.06
C GLU A 90 54.06 -1.73 -1.26
N VAL A 91 55.02 -0.93 -1.66
CA VAL A 91 55.00 -0.23 -2.90
C VAL A 91 56.08 -0.81 -3.81
N ASP A 92 57.04 -1.49 -3.18
CA ASP A 92 58.06 -2.28 -3.90
C ASP A 92 57.52 -3.62 -4.42
N ARG A 93 56.51 -4.15 -3.72
CA ARG A 93 55.72 -5.31 -4.18
C ARG A 93 54.71 -4.89 -5.27
N LEU A 94 54.19 -3.67 -5.19
CA LEU A 94 53.30 -3.19 -6.25
C LEU A 94 54.07 -2.75 -7.50
N GLY A 95 55.35 -3.12 -7.53
CA GLY A 95 56.24 -2.85 -8.65
C GLY A 95 56.59 -4.09 -9.46
N GLN A 96 56.89 -5.18 -8.75
CA GLN A 96 57.06 -6.50 -9.38
C GLN A 96 55.76 -6.92 -10.09
N PRO A 97 55.88 -7.32 -11.38
CA PRO A 97 54.75 -7.72 -12.23
C PRO A 97 53.87 -8.84 -11.66
N PRO A 98 52.69 -9.00 -12.24
CA PRO A 98 51.63 -9.84 -11.74
C PRO A 98 51.62 -11.21 -12.36
N SER A 99 50.77 -12.08 -11.82
CA SER A 99 50.88 -13.53 -12.01
C SER A 99 49.89 -14.13 -13.01
N GLY A 100 50.38 -15.02 -13.87
CA GLY A 100 49.54 -15.72 -14.87
C GLY A 100 49.13 -17.15 -14.54
N TYR A 101 47.90 -17.50 -14.90
CA TYR A 101 47.38 -18.85 -14.70
C TYR A 101 47.22 -19.55 -16.05
N GLY A 102 47.76 -20.75 -16.19
CA GLY A 102 47.56 -21.55 -17.40
C GLY A 102 46.91 -22.88 -17.08
N VAL A 103 46.74 -23.75 -18.08
CA VAL A 103 46.30 -25.13 -17.82
C VAL A 103 47.29 -26.09 -18.46
N LEU A 104 47.69 -27.12 -17.70
CA LEU A 104 48.75 -28.05 -18.11
C LEU A 104 48.28 -29.11 -19.08
N LEU A 105 49.06 -29.39 -20.12
CA LEU A 105 48.67 -30.46 -21.00
C LEU A 105 49.39 -31.78 -20.72
N ALA A 106 50.60 -31.95 -21.23
CA ALA A 106 51.36 -33.17 -20.92
C ALA A 106 52.74 -32.83 -20.33
N THR A 107 53.42 -33.85 -19.83
CA THR A 107 54.81 -33.69 -19.44
C THR A 107 55.66 -34.04 -20.61
N HIS A 108 56.69 -33.23 -20.81
CA HIS A 108 57.79 -33.73 -21.58
C HIS A 108 58.98 -34.15 -20.66
N ASP A 109 59.98 -34.81 -21.26
CA ASP A 109 61.11 -35.40 -20.51
C ASP A 109 62.11 -34.37 -19.92
N ASP A 110 62.48 -33.34 -20.68
CA ASP A 110 63.34 -32.27 -20.16
C ASP A 110 62.66 -31.54 -18.99
N ASP A 111 63.04 -30.28 -18.83
CA ASP A 111 62.27 -29.35 -17.98
C ASP A 111 61.29 -28.56 -18.88
N THR A 112 60.64 -29.29 -19.78
CA THR A 112 59.71 -28.73 -20.75
C THR A 112 58.30 -29.27 -20.55
N VAL A 113 57.33 -28.37 -20.60
CA VAL A 113 55.94 -28.76 -20.43
C VAL A 113 54.93 -28.02 -21.33
N ASP A 114 53.90 -28.77 -21.71
CA ASP A 114 52.80 -28.33 -22.57
C ASP A 114 51.67 -27.77 -21.71
N VAL A 115 51.42 -26.48 -21.88
CA VAL A 115 50.33 -25.82 -21.20
C VAL A 115 49.55 -24.86 -22.09
N PHE A 116 48.33 -24.57 -21.64
CA PHE A 116 47.38 -23.67 -22.29
C PHE A 116 47.42 -22.40 -21.48
N THR A 117 47.34 -21.25 -22.14
CA THR A 117 47.17 -19.98 -21.44
C THR A 117 46.43 -19.05 -22.37
N SER A 118 46.65 -17.73 -22.34
CA SER A 118 45.94 -16.84 -23.27
C SER A 118 45.73 -17.61 -24.55
N GLY A 119 44.49 -18.00 -24.79
CA GLY A 119 44.11 -18.74 -26.01
C GLY A 119 44.80 -20.05 -26.36
N ARG A 120 46.11 -20.03 -26.58
CA ARG A 120 46.78 -21.13 -27.27
C ARG A 120 47.43 -22.21 -26.40
N LYS A 121 48.40 -22.88 -26.99
CA LYS A 121 49.02 -24.06 -26.42
C LYS A 121 50.49 -23.85 -26.57
N MET A 122 51.19 -23.66 -25.47
CA MET A 122 52.63 -23.46 -25.57
C MET A 122 53.50 -24.23 -24.57
N ARG A 123 54.69 -24.62 -25.04
CA ARG A 123 55.67 -25.28 -24.20
C ARG A 123 56.62 -24.25 -23.67
N LEU A 124 56.95 -24.40 -22.38
CA LEU A 124 57.83 -23.46 -21.69
C LEU A 124 58.53 -24.14 -20.51
N THR A 125 59.56 -23.49 -19.97
CA THR A 125 60.39 -24.04 -18.87
C THR A 125 59.82 -23.94 -17.44
N CYS A 126 60.41 -24.75 -16.58
CA CYS A 126 60.13 -24.80 -15.15
C CYS A 126 61.24 -24.19 -14.33
N SER A 127 60.84 -23.49 -13.26
CA SER A 127 61.82 -22.94 -12.34
C SER A 127 62.45 -24.12 -11.62
N PRO A 128 63.74 -23.99 -11.35
CA PRO A 128 64.37 -24.81 -10.33
C PRO A 128 63.36 -25.29 -9.25
N ASN A 129 62.87 -24.36 -8.41
CA ASN A 129 62.08 -24.71 -7.19
C ASN A 129 60.85 -25.63 -7.37
N ILE A 130 60.47 -25.92 -8.60
CA ILE A 130 59.42 -26.90 -8.74
C ILE A 130 59.85 -28.26 -9.25
N ASP A 131 58.87 -29.14 -9.11
CA ASP A 131 59.02 -30.58 -9.10
C ASP A 131 59.08 -31.17 -10.50
N ALA A 132 60.22 -31.79 -10.84
CA ALA A 132 60.40 -32.43 -12.14
C ALA A 132 59.10 -33.02 -12.75
N ALA A 133 58.67 -34.20 -12.29
CA ALA A 133 57.54 -34.95 -12.91
C ALA A 133 56.29 -35.15 -12.00
N SER A 134 56.34 -34.60 -10.79
CA SER A 134 55.26 -34.76 -9.83
C SER A 134 54.30 -33.57 -9.86
N LEU A 135 53.88 -33.22 -11.07
CA LEU A 135 52.81 -32.26 -11.31
C LEU A 135 51.87 -32.91 -12.30
N LYS A 136 50.60 -32.97 -11.93
CA LYS A 136 49.71 -33.98 -12.47
C LYS A 136 49.07 -33.60 -13.80
N LYS A 137 48.80 -34.60 -14.64
CA LYS A 137 48.33 -34.34 -16.00
C LYS A 137 47.07 -33.48 -16.04
N GLY A 138 47.30 -32.19 -16.28
CA GLY A 138 46.23 -31.25 -16.36
C GLY A 138 45.80 -30.87 -14.99
N GLN A 139 46.45 -29.85 -14.46
CA GLN A 139 45.95 -29.14 -13.31
C GLN A 139 46.13 -27.68 -13.64
N THR A 140 45.51 -26.83 -12.85
CA THR A 140 45.78 -25.41 -12.91
C THR A 140 47.25 -25.22 -12.53
N VAL A 141 47.97 -24.34 -13.20
CA VAL A 141 49.31 -23.97 -12.79
C VAL A 141 49.54 -22.49 -13.02
N ARG A 142 50.71 -21.99 -12.63
CA ARG A 142 50.90 -20.55 -12.52
C ARG A 142 52.15 -20.09 -13.25
N LEU A 143 52.13 -18.84 -13.70
CA LEU A 143 53.13 -18.32 -14.58
C LEU A 143 53.54 -16.94 -14.15
N ASN A 144 54.69 -16.50 -14.63
CA ASN A 144 55.21 -15.20 -14.24
C ASN A 144 55.00 -14.18 -15.32
N GLU A 145 55.97 -13.27 -15.42
CA GLU A 145 56.03 -12.38 -16.54
C GLU A 145 56.35 -13.23 -17.73
N ALA A 146 57.63 -13.34 -18.09
CA ALA A 146 58.05 -14.04 -19.32
C ALA A 146 57.78 -15.56 -19.31
N LEU A 147 56.57 -15.90 -18.85
CA LEU A 147 55.97 -17.21 -19.04
C LEU A 147 56.92 -18.31 -18.64
N THR A 148 57.18 -18.39 -17.35
CA THR A 148 57.88 -19.53 -16.78
C THR A 148 57.05 -19.96 -15.58
N VAL A 149 57.12 -21.24 -15.24
CA VAL A 149 56.20 -21.81 -14.26
C VAL A 149 56.75 -21.69 -12.84
N VAL A 150 55.87 -21.74 -11.84
CA VAL A 150 56.30 -21.64 -10.43
C VAL A 150 55.51 -22.45 -9.43
N GLU A 151 54.24 -22.71 -9.68
CA GLU A 151 53.41 -23.23 -8.61
C GLU A 151 52.46 -24.31 -9.07
N ALA A 152 52.11 -25.23 -8.16
CA ALA A 152 51.12 -26.27 -8.42
C ALA A 152 49.78 -25.90 -7.81
N GLY A 153 48.71 -26.04 -8.56
CA GLY A 153 47.37 -25.63 -8.12
C GLY A 153 46.44 -26.81 -8.02
N THR A 154 45.18 -26.62 -8.39
CA THR A 154 44.20 -27.71 -8.39
C THR A 154 43.51 -27.89 -9.72
N PHE A 155 42.18 -27.88 -9.62
CA PHE A 155 41.31 -28.30 -10.68
C PHE A 155 40.11 -27.37 -10.84
N GLU A 156 40.39 -26.16 -11.34
CA GLU A 156 39.37 -25.21 -11.76
C GLU A 156 38.16 -26.04 -12.17
N ALA A 157 37.17 -26.08 -11.30
CA ALA A 157 36.07 -26.95 -11.57
C ALA A 157 34.91 -26.06 -11.90
N VAL A 158 34.95 -25.48 -13.09
CA VAL A 158 33.97 -24.51 -13.52
C VAL A 158 34.03 -24.30 -15.02
N GLY A 159 32.97 -24.66 -15.72
CA GLY A 159 33.02 -24.59 -17.16
C GLY A 159 31.92 -25.44 -17.69
N GLU A 160 32.15 -25.95 -18.89
CA GLU A 160 31.13 -26.73 -19.62
C GLU A 160 30.92 -28.15 -19.00
N ILE A 161 29.67 -28.62 -19.03
CA ILE A 161 29.32 -29.95 -18.57
C ILE A 161 28.90 -30.82 -19.71
N SER A 162 29.44 -32.02 -19.72
CA SER A 162 29.17 -32.95 -20.81
C SER A 162 28.80 -34.32 -20.28
N THR A 163 28.32 -35.20 -21.17
CA THR A 163 28.20 -36.62 -20.81
C THR A 163 29.27 -37.40 -21.51
N LEU A 164 29.70 -38.49 -20.87
CA LEU A 164 30.82 -39.31 -21.34
C LEU A 164 30.36 -40.58 -22.00
N ARG A 165 30.73 -40.71 -23.26
CA ARG A 165 30.17 -41.71 -24.13
C ARG A 165 30.89 -43.03 -23.97
N GLU A 166 32.15 -43.07 -24.40
CA GLU A 166 33.01 -44.22 -24.10
C GLU A 166 34.41 -43.69 -23.89
N ILE A 167 35.23 -44.41 -23.13
CA ILE A 167 36.60 -44.03 -22.98
C ILE A 167 37.26 -44.39 -24.27
N LEU A 168 38.50 -44.00 -24.41
CA LEU A 168 39.18 -44.24 -25.65
C LEU A 168 40.13 -45.46 -25.57
N ALA A 169 40.41 -46.03 -26.74
CA ALA A 169 41.48 -47.00 -26.94
C ALA A 169 42.48 -46.98 -25.79
N ASP A 170 43.32 -45.96 -25.73
CA ASP A 170 44.43 -45.94 -24.78
C ASP A 170 44.20 -45.18 -23.48
N GLY A 171 43.09 -45.46 -22.80
CA GLY A 171 42.83 -44.99 -21.43
C GLY A 171 43.40 -43.65 -21.00
N HIS A 172 43.58 -42.74 -21.96
CA HIS A 172 44.01 -41.35 -21.74
C HIS A 172 43.04 -40.28 -22.29
N ARG A 173 42.11 -40.69 -23.14
CA ARG A 173 41.35 -39.75 -23.92
C ARG A 173 39.91 -40.21 -23.95
N ALA A 174 39.00 -39.28 -24.11
CA ALA A 174 37.59 -39.64 -24.17
C ALA A 174 36.71 -38.89 -25.18
N LEU A 175 35.67 -39.59 -25.61
CA LEU A 175 34.65 -39.05 -26.46
C LEU A 175 33.58 -38.50 -25.53
N VAL A 176 33.32 -37.20 -25.59
CA VAL A 176 32.15 -36.58 -24.91
C VAL A 176 31.20 -35.90 -25.84
N VAL A 177 29.92 -35.90 -25.45
CA VAL A 177 28.94 -35.10 -26.13
C VAL A 177 28.73 -33.90 -25.26
N GLY A 178 28.62 -32.73 -25.91
CA GLY A 178 28.46 -31.42 -25.25
C GLY A 178 27.02 -31.13 -24.90
N HIS A 179 26.53 -29.96 -25.29
CA HIS A 179 25.15 -29.55 -24.96
C HIS A 179 24.27 -29.57 -26.21
N ALA A 180 24.74 -28.92 -27.26
CA ALA A 180 24.24 -29.16 -28.57
C ALA A 180 25.01 -30.39 -28.94
N ASP A 181 24.27 -31.45 -29.24
CA ASP A 181 24.87 -32.69 -29.67
C ASP A 181 26.11 -32.39 -30.52
N GLU A 182 27.29 -32.45 -29.94
CA GLU A 182 28.54 -32.38 -30.70
C GLU A 182 29.54 -33.34 -30.07
N GLU A 183 30.18 -34.15 -30.90
CA GLU A 183 31.08 -35.15 -30.38
C GLU A 183 32.47 -34.53 -30.33
N ARG A 184 33.07 -34.48 -29.14
CA ARG A 184 34.41 -33.90 -28.91
C ARG A 184 35.40 -34.82 -28.19
N VAL A 185 36.67 -34.54 -28.37
CA VAL A 185 37.65 -35.41 -27.79
C VAL A 185 38.56 -34.67 -26.87
N VAL A 186 38.54 -35.07 -25.61
CA VAL A 186 39.25 -34.42 -24.54
C VAL A 186 40.13 -35.47 -23.95
N TRP A 187 41.29 -35.10 -23.36
CA TRP A 187 42.05 -36.04 -22.49
C TRP A 187 41.60 -35.86 -21.02
N LEU A 188 41.96 -36.81 -20.17
CA LEU A 188 41.52 -36.77 -18.81
C LEU A 188 42.65 -36.51 -17.88
N ALA A 189 42.41 -35.61 -16.95
CA ALA A 189 43.41 -35.28 -15.97
C ALA A 189 43.39 -36.37 -14.94
N ASP A 190 44.53 -36.50 -14.27
CA ASP A 190 44.77 -37.63 -13.41
C ASP A 190 43.53 -38.13 -12.68
N PRO A 191 43.03 -37.36 -11.70
CA PRO A 191 42.06 -37.93 -10.80
C PRO A 191 40.85 -38.57 -11.50
N LEU A 192 41.10 -39.29 -12.59
CA LEU A 192 40.09 -40.14 -13.22
C LEU A 192 40.69 -41.51 -13.57
N ILE A 193 42.00 -41.51 -13.76
CA ILE A 193 42.78 -42.72 -14.04
C ILE A 193 43.86 -43.12 -12.99
N ALA A 194 43.92 -42.41 -11.85
CA ALA A 194 44.78 -42.86 -10.75
C ALA A 194 44.40 -44.32 -10.42
N GLU A 195 45.40 -45.20 -10.35
CA GLU A 195 45.16 -46.66 -10.22
C GLU A 195 44.20 -47.03 -9.07
N ASP A 196 44.47 -46.44 -7.89
CA ASP A 196 43.69 -46.64 -6.65
C ASP A 196 42.19 -46.19 -6.65
N LEU A 197 41.40 -46.63 -7.63
CA LEU A 197 40.00 -46.22 -7.68
C LEU A 197 38.98 -47.35 -7.68
N PRO A 198 38.03 -47.30 -6.71
CA PRO A 198 36.94 -48.30 -6.53
C PRO A 198 36.01 -48.43 -7.74
N ASP A 199 35.48 -49.63 -7.99
CA ASP A 199 34.46 -49.84 -9.03
C ASP A 199 33.05 -49.62 -8.47
N GLY A 200 32.99 -49.35 -7.16
CA GLY A 200 31.78 -48.86 -6.50
C GLY A 200 30.58 -49.80 -6.39
N LEU A 201 30.81 -51.10 -6.65
CA LEU A 201 29.76 -52.19 -6.74
C LEU A 201 28.64 -51.94 -7.85
N PRO A 202 27.34 -52.34 -7.62
CA PRO A 202 26.34 -51.78 -8.60
C PRO A 202 25.73 -50.38 -8.25
N GLU A 203 24.59 -50.07 -8.89
CA GLU A 203 23.86 -48.82 -8.63
C GLU A 203 22.34 -49.04 -8.32
N ALA A 204 21.95 -50.29 -8.03
CA ALA A 204 20.66 -50.63 -7.41
C ALA A 204 20.59 -50.14 -5.92
N LEU A 205 21.74 -50.14 -5.22
CA LEU A 205 21.98 -49.40 -3.94
C LEU A 205 22.79 -48.09 -4.20
N ASN A 206 22.18 -46.95 -3.85
CA ASN A 206 22.58 -45.65 -4.40
C ASN A 206 23.09 -44.63 -3.37
N ASP A 207 24.06 -43.80 -3.81
CA ASP A 207 24.74 -42.75 -3.00
C ASP A 207 26.19 -42.58 -3.47
N ASP A 208 26.33 -41.84 -4.63
CA ASP A 208 27.64 -41.92 -5.34
C ASP A 208 28.49 -40.73 -5.08
N THR A 209 27.99 -39.94 -4.13
CA THR A 209 28.66 -38.73 -3.64
C THR A 209 30.22 -38.90 -3.51
N ARG A 210 30.65 -40.15 -3.63
CA ARG A 210 32.04 -40.52 -3.43
C ARG A 210 32.61 -41.11 -4.70
N PRO A 211 33.89 -40.79 -4.99
CA PRO A 211 34.76 -41.13 -6.15
C PRO A 211 34.61 -42.55 -6.75
N ARG A 212 35.17 -42.76 -7.94
CA ARG A 212 35.19 -44.08 -8.59
C ARG A 212 35.84 -44.02 -9.97
N LYS A 213 35.60 -45.08 -10.75
CA LYS A 213 36.06 -45.18 -12.14
C LYS A 213 34.86 -44.81 -13.02
N LEU A 214 35.13 -44.12 -14.11
CA LEU A 214 34.10 -43.33 -14.77
C LEU A 214 33.24 -44.14 -15.70
N ARG A 215 32.22 -44.77 -15.16
CA ARG A 215 31.31 -45.55 -15.99
C ARG A 215 30.77 -44.69 -17.13
N PRO A 216 30.62 -45.28 -18.33
CA PRO A 216 30.24 -44.52 -19.50
C PRO A 216 28.79 -44.12 -19.40
N GLY A 217 28.57 -42.82 -19.21
CA GLY A 217 27.24 -42.29 -18.99
C GLY A 217 27.32 -41.37 -17.80
N ASP A 218 28.47 -40.76 -17.64
CA ASP A 218 28.73 -39.92 -16.50
C ASP A 218 28.69 -38.46 -16.91
N SER A 219 28.60 -37.61 -15.89
CA SER A 219 28.68 -36.19 -16.07
C SER A 219 30.07 -35.84 -15.64
N LEU A 220 30.86 -35.35 -16.57
CA LEU A 220 32.13 -34.74 -16.20
C LEU A 220 32.36 -33.36 -16.82
N LEU A 221 33.32 -32.65 -16.26
CA LEU A 221 33.38 -31.23 -16.41
C LEU A 221 34.61 -30.82 -17.18
N VAL A 222 34.39 -30.07 -18.24
CA VAL A 222 35.35 -29.96 -19.31
C VAL A 222 35.57 -28.53 -19.76
N ASP A 223 36.80 -28.23 -20.17
CA ASP A 223 37.12 -26.90 -20.71
C ASP A 223 37.37 -27.10 -22.21
N THR A 224 36.26 -27.22 -22.94
CA THR A 224 36.27 -27.49 -24.37
C THR A 224 37.52 -26.92 -25.03
N LYS A 225 37.84 -25.66 -24.78
CA LYS A 225 38.95 -25.02 -25.47
C LYS A 225 40.23 -25.72 -25.14
N ALA A 226 40.40 -26.08 -23.89
CA ALA A 226 41.64 -26.68 -23.50
C ALA A 226 41.80 -28.07 -24.08
N GLY A 227 40.90 -28.95 -23.63
CA GLY A 227 40.92 -30.32 -24.02
C GLY A 227 40.96 -31.30 -22.86
N TYR A 228 40.58 -30.87 -21.68
CA TYR A 228 40.76 -31.74 -20.54
C TYR A 228 39.53 -31.89 -19.66
N ALA A 229 39.24 -33.11 -19.23
CA ALA A 229 38.10 -33.35 -18.33
C ALA A 229 38.47 -33.29 -16.84
N PHE A 230 37.93 -32.32 -16.12
CA PHE A 230 38.48 -31.98 -14.83
C PHE A 230 37.96 -32.77 -13.64
N GLU A 231 36.80 -33.42 -13.74
CA GLU A 231 36.28 -34.20 -12.60
C GLU A 231 34.88 -34.78 -12.75
N ARG A 232 34.42 -35.46 -11.71
CA ARG A 232 33.14 -36.16 -11.71
C ARG A 232 31.99 -35.27 -11.21
N ILE A 233 30.77 -35.81 -11.19
CA ILE A 233 29.52 -35.10 -10.85
C ILE A 233 28.37 -36.13 -10.79
N PRO A 234 27.37 -35.92 -9.92
CA PRO A 234 26.16 -36.79 -9.93
C PRO A 234 25.05 -36.45 -10.94
N LEU A 235 24.08 -37.37 -11.12
CA LEU A 235 22.67 -37.02 -11.45
C LEU A 235 21.75 -37.57 -10.34
N VAL A 236 21.42 -36.74 -9.34
CA VAL A 236 20.60 -37.15 -8.16
C VAL A 236 19.10 -37.50 -8.60
N PRO A 237 18.25 -38.19 -7.73
CA PRO A 237 17.07 -39.02 -8.14
C PRO A 237 16.56 -39.13 -9.64
N SER B 52 85.84 25.23 41.17
CA SER B 52 86.35 24.88 39.80
C SER B 52 85.63 25.67 38.67
N ALA B 53 86.45 26.41 37.90
CA ALA B 53 86.00 27.11 36.66
C ALA B 53 86.04 26.17 35.42
N ARG B 54 86.16 24.86 35.70
CA ARG B 54 86.21 23.76 34.71
C ARG B 54 84.85 23.08 34.47
N ASP B 55 83.97 23.17 35.49
CA ASP B 55 82.57 22.68 35.47
C ASP B 55 81.64 23.52 34.55
N ILE B 56 81.80 24.85 34.59
CA ILE B 56 81.07 25.77 33.70
C ILE B 56 81.40 25.52 32.22
N HIS B 57 82.70 25.34 31.92
CA HIS B 57 83.20 25.02 30.57
C HIS B 57 82.89 23.59 30.07
N GLN B 58 82.79 22.63 30.99
CA GLN B 58 82.36 21.25 30.68
C GLN B 58 80.88 21.20 30.23
N LEU B 59 80.05 22.13 30.72
CA LEU B 59 78.60 22.16 30.42
C LEU B 59 78.22 22.99 29.21
N GLU B 60 78.77 24.20 29.12
CA GLU B 60 78.66 25.01 27.92
C GLU B 60 79.02 24.23 26.66
N ALA B 61 79.58 23.05 26.85
CA ALA B 61 79.95 22.10 25.78
C ALA B 61 78.82 21.09 25.52
N ARG B 62 78.38 20.41 26.58
CA ARG B 62 77.29 19.44 26.46
C ARG B 62 76.00 20.15 26.05
N ILE B 63 75.86 21.42 26.43
CA ILE B 63 74.75 22.22 25.94
C ILE B 63 74.80 22.45 24.41
N ASP B 64 75.97 22.81 23.88
CA ASP B 64 76.10 23.00 22.44
C ASP B 64 76.19 21.66 21.72
N SER B 65 76.52 20.62 22.48
CA SER B 65 76.47 19.26 21.99
C SER B 65 75.01 18.87 21.71
N LEU B 66 74.12 19.03 22.69
CA LEU B 66 72.72 18.67 22.50
C LEU B 66 72.01 19.56 21.50
N ALA B 67 72.27 20.87 21.57
CA ALA B 67 71.67 21.85 20.65
C ALA B 67 71.99 21.57 19.19
N ALA B 68 73.08 20.81 18.98
CA ALA B 68 73.53 20.37 17.64
C ALA B 68 72.72 19.19 17.11
N ARG B 69 72.61 18.15 17.91
CA ARG B 69 71.79 17.04 17.52
C ARG B 69 70.32 17.45 17.45
N ASN B 70 69.88 18.32 18.36
CA ASN B 70 68.50 18.79 18.39
C ASN B 70 68.06 19.60 17.17
N SER B 71 68.96 20.41 16.63
CA SER B 71 68.62 21.24 15.48
C SER B 71 68.37 20.44 14.19
N LYS B 72 69.01 19.26 14.10
CA LYS B 72 68.91 18.39 12.90
C LYS B 72 68.03 17.14 13.10
N LEU B 73 67.56 16.94 14.32
CA LEU B 73 66.49 16.00 14.53
C LEU B 73 65.19 16.67 14.08
N MET B 74 64.90 17.83 14.67
CA MET B 74 63.71 18.60 14.32
C MET B 74 63.55 18.79 12.82
N GLU B 75 64.54 18.28 12.05
CA GLU B 75 64.55 18.38 10.58
C GLU B 75 64.45 17.03 9.84
N THR B 76 65.06 15.99 10.38
CA THR B 76 64.92 14.70 9.74
C THR B 76 63.45 14.31 9.82
N LEU B 77 62.80 14.65 10.95
CA LEU B 77 61.35 14.49 10.98
C LEU B 77 60.76 15.20 9.78
N LYS B 78 61.03 16.51 9.65
CA LYS B 78 60.39 17.29 8.56
C LYS B 78 60.62 16.74 7.17
N GLU B 79 61.64 15.90 7.03
CA GLU B 79 61.92 15.28 5.75
C GLU B 79 61.11 13.99 5.56
N ALA B 80 61.23 13.10 6.54
CA ALA B 80 60.50 11.86 6.51
C ALA B 80 58.98 12.11 6.52
N ARG B 81 58.56 13.10 7.32
CA ARG B 81 57.15 13.53 7.39
C ARG B 81 56.63 13.95 6.02
N GLN B 82 57.52 14.48 5.17
CA GLN B 82 57.18 14.81 3.78
C GLN B 82 57.03 13.57 2.92
N GLN B 83 57.91 12.60 3.13
CA GLN B 83 57.92 11.42 2.29
C GLN B 83 56.82 10.45 2.58
N LEU B 84 56.32 10.45 3.81
CA LEU B 84 55.06 9.76 4.03
C LEU B 84 53.91 10.55 3.34
N LEU B 85 54.06 11.87 3.20
CA LEU B 85 53.02 12.67 2.54
C LEU B 85 53.16 12.60 1.02
N ALA B 86 54.23 11.93 0.56
CA ALA B 86 54.53 11.75 -0.87
C ALA B 86 54.19 10.33 -1.33
N LEU B 87 54.60 9.37 -0.52
CA LEU B 87 54.26 7.99 -0.75
C LEU B 87 52.74 7.86 -0.73
N ARG B 88 52.08 8.29 0.37
CA ARG B 88 50.60 8.20 0.46
C ARG B 88 50.00 8.88 -0.78
N GLU B 89 50.56 10.04 -1.12
CA GLU B 89 50.15 10.78 -2.32
C GLU B 89 50.24 9.97 -3.62
N GLU B 90 51.03 8.89 -3.60
CA GLU B 90 51.28 8.07 -4.78
C GLU B 90 50.35 6.89 -4.86
N VAL B 91 50.08 6.35 -3.69
CA VAL B 91 49.12 5.30 -3.57
C VAL B 91 47.76 5.83 -3.95
N ASP B 92 47.47 7.05 -3.51
CA ASP B 92 46.24 7.74 -3.89
C ASP B 92 46.13 7.89 -5.43
N ARG B 93 47.29 8.14 -6.04
CA ARG B 93 47.41 8.44 -7.47
C ARG B 93 47.30 7.21 -8.38
N LEU B 94 47.14 6.05 -7.75
CA LEU B 94 46.86 4.83 -8.46
C LEU B 94 45.40 4.77 -8.87
N GLY B 95 44.52 4.94 -7.87
CA GLY B 95 43.07 4.85 -8.07
C GLY B 95 42.55 5.84 -9.08
N GLN B 96 43.33 6.89 -9.29
CA GLN B 96 43.04 7.85 -10.34
C GLN B 96 42.92 7.11 -11.67
N PRO B 97 41.83 7.39 -12.41
CA PRO B 97 41.60 6.91 -13.77
C PRO B 97 42.78 7.19 -14.72
N PRO B 98 42.88 6.45 -15.86
CA PRO B 98 41.92 5.49 -16.41
C PRO B 98 42.01 4.10 -15.77
N SER B 99 40.87 3.44 -15.62
CA SER B 99 40.78 2.26 -14.76
C SER B 99 39.80 1.23 -15.21
N GLY B 100 40.18 -0.03 -15.01
CA GLY B 100 39.40 -1.16 -15.46
C GLY B 100 38.72 -1.96 -14.37
N TYR B 101 38.02 -3.02 -14.77
CA TYR B 101 37.13 -3.79 -13.92
C TYR B 101 37.27 -5.30 -14.19
N GLY B 102 36.35 -6.09 -13.65
CA GLY B 102 36.36 -7.55 -13.84
C GLY B 102 36.46 -8.37 -12.55
N VAL B 103 35.74 -9.49 -12.51
CA VAL B 103 35.47 -10.29 -11.29
C VAL B 103 36.70 -10.93 -10.65
N LEU B 104 36.57 -11.31 -9.37
CA LEU B 104 37.63 -12.03 -8.63
C LEU B 104 37.20 -13.43 -8.17
N LEU B 105 38.11 -14.39 -8.27
CA LEU B 105 37.76 -15.78 -8.06
C LEU B 105 38.14 -16.31 -6.67
N ALA B 106 39.20 -15.76 -6.07
CA ALA B 106 39.62 -16.17 -4.71
C ALA B 106 40.65 -15.24 -3.99
N THR B 107 40.70 -15.34 -2.65
CA THR B 107 41.59 -14.55 -1.77
C THR B 107 42.94 -15.21 -1.58
N HIS B 108 43.98 -14.41 -1.62
CA HIS B 108 45.24 -14.92 -1.15
C HIS B 108 45.70 -14.24 0.12
N ASP B 109 46.67 -14.86 0.78
CA ASP B 109 47.09 -14.49 2.14
C ASP B 109 48.03 -13.27 2.22
N ASP B 110 48.87 -13.08 1.20
CA ASP B 110 49.95 -12.08 1.28
C ASP B 110 49.68 -10.80 0.51
N ASP B 111 48.41 -10.40 0.50
CA ASP B 111 47.95 -9.21 -0.22
C ASP B 111 48.00 -9.44 -1.75
N THR B 112 47.54 -10.63 -2.16
CA THR B 112 47.41 -11.03 -3.58
C THR B 112 45.97 -11.51 -3.87
N VAL B 113 45.59 -11.55 -5.14
CA VAL B 113 44.25 -12.01 -5.49
C VAL B 113 44.02 -12.66 -6.85
N ASP B 114 42.99 -13.50 -6.87
CA ASP B 114 42.55 -14.20 -8.06
C ASP B 114 41.39 -13.48 -8.74
N VAL B 115 41.75 -12.68 -9.75
CA VAL B 115 40.83 -11.92 -10.58
C VAL B 115 40.61 -12.61 -11.91
N PHE B 116 39.61 -12.16 -12.63
CA PHE B 116 39.35 -12.64 -13.97
C PHE B 116 39.07 -11.34 -14.71
N THR B 117 40.12 -10.66 -15.15
CA THR B 117 39.93 -9.53 -16.06
C THR B 117 40.34 -9.99 -17.45
N SER B 118 39.88 -9.28 -18.47
CA SER B 118 40.29 -9.62 -19.83
C SER B 118 40.50 -11.12 -19.99
N GLY B 119 39.44 -11.88 -19.81
CA GLY B 119 39.38 -13.29 -20.21
C GLY B 119 40.17 -14.32 -19.44
N ARG B 120 41.36 -13.96 -18.98
CA ARG B 120 42.23 -14.93 -18.28
C ARG B 120 42.18 -14.84 -16.75
N LYS B 121 42.74 -15.83 -16.10
CA LYS B 121 42.75 -15.85 -14.65
C LYS B 121 44.06 -15.26 -14.22
N MET B 122 44.03 -14.37 -13.25
CA MET B 122 45.23 -13.65 -12.85
C MET B 122 45.40 -13.27 -11.36
N ARG B 123 46.39 -13.89 -10.73
CA ARG B 123 46.85 -13.43 -9.44
C ARG B 123 47.57 -12.12 -9.65
N LEU B 124 47.26 -11.17 -8.78
CA LEU B 124 47.46 -9.78 -9.06
C LEU B 124 47.75 -9.03 -7.76
N THR B 125 48.79 -8.20 -7.74
CA THR B 125 49.16 -7.44 -6.54
C THR B 125 48.16 -6.33 -6.23
N CYS B 126 47.73 -6.23 -4.97
CA CYS B 126 46.70 -5.24 -4.59
C CYS B 126 47.12 -4.23 -3.53
N SER B 127 46.39 -3.12 -3.47
CA SER B 127 46.86 -1.88 -2.86
C SER B 127 46.73 -1.83 -1.35
N PRO B 128 47.74 -1.25 -0.68
CA PRO B 128 47.68 -0.73 0.67
C PRO B 128 46.34 -0.03 1.01
N ASN B 129 45.77 0.72 0.07
CA ASN B 129 44.45 1.33 0.27
C ASN B 129 43.45 0.26 0.69
N ILE B 130 43.80 -1.00 0.50
CA ILE B 130 42.81 -2.05 0.61
C ILE B 130 42.89 -3.09 1.72
N ASP B 131 41.69 -3.38 2.21
CA ASP B 131 41.39 -4.30 3.29
C ASP B 131 41.36 -5.74 2.76
N ALA B 132 42.50 -6.43 2.89
CA ALA B 132 42.74 -7.73 2.26
C ALA B 132 41.63 -8.79 2.43
N ALA B 133 41.27 -9.12 3.67
CA ALA B 133 40.34 -10.23 3.87
C ALA B 133 38.87 -9.80 3.85
N SER B 134 38.63 -8.49 3.81
CA SER B 134 37.27 -7.94 3.70
C SER B 134 36.65 -8.13 2.28
N LEU B 135 37.35 -8.90 1.44
CA LEU B 135 36.98 -9.16 0.04
C LEU B 135 36.19 -10.42 -0.18
N LYS B 136 34.93 -10.21 -0.50
CA LYS B 136 33.99 -11.28 -0.70
C LYS B 136 34.28 -11.89 -2.09
N LYS B 137 34.16 -13.21 -2.20
CA LYS B 137 34.42 -13.95 -3.45
C LYS B 137 33.36 -13.69 -4.54
N GLY B 138 33.79 -13.07 -5.63
CA GLY B 138 32.88 -12.77 -6.73
C GLY B 138 32.37 -11.35 -6.69
N GLN B 139 33.31 -10.43 -6.55
CA GLN B 139 32.97 -9.06 -6.40
C GLN B 139 33.59 -8.38 -7.60
N THR B 140 32.82 -7.55 -8.28
CA THR B 140 33.39 -6.60 -9.22
C THR B 140 34.54 -5.90 -8.47
N VAL B 141 35.77 -5.94 -9.00
CA VAL B 141 36.84 -5.13 -8.40
C VAL B 141 37.46 -4.26 -9.47
N ARG B 142 38.34 -3.33 -9.08
CA ARG B 142 38.79 -2.23 -9.97
C ARG B 142 40.32 -2.13 -10.17
N LEU B 143 40.77 -1.79 -11.39
CA LEU B 143 42.20 -1.89 -11.75
C LEU B 143 42.74 -0.77 -12.59
N ASN B 144 43.96 -0.37 -12.25
CA ASN B 144 44.67 0.62 -13.03
C ASN B 144 45.48 -0.07 -14.11
N GLU B 145 46.01 0.75 -15.02
CA GLU B 145 46.75 0.30 -16.21
C GLU B 145 47.45 -1.04 -16.05
N ALA B 146 48.63 -1.06 -15.40
CA ALA B 146 49.26 -2.32 -15.03
C ALA B 146 48.45 -2.87 -13.89
N LEU B 147 47.73 -3.93 -14.17
CA LEU B 147 46.66 -4.37 -13.32
C LEU B 147 47.09 -4.33 -11.87
N THR B 148 46.42 -3.49 -11.06
CA THR B 148 46.62 -3.44 -9.61
C THR B 148 45.30 -3.02 -8.98
N VAL B 149 44.81 -3.81 -8.04
CA VAL B 149 43.46 -3.57 -7.50
C VAL B 149 43.47 -2.41 -6.55
N VAL B 150 42.54 -1.48 -6.76
CA VAL B 150 42.43 -0.31 -5.90
C VAL B 150 41.11 -0.20 -5.12
N GLU B 151 39.96 -0.36 -5.77
CA GLU B 151 38.70 -0.22 -5.03
C GLU B 151 38.05 -1.55 -4.93
N ALA B 152 36.96 -1.63 -4.20
CA ALA B 152 36.09 -2.78 -4.28
C ALA B 152 34.70 -2.30 -4.62
N GLY B 153 33.89 -3.17 -5.21
CA GLY B 153 32.59 -2.78 -5.72
C GLY B 153 31.50 -3.75 -5.32
N THR B 154 30.48 -3.85 -6.16
CA THR B 154 29.33 -4.66 -5.84
C THR B 154 29.41 -5.93 -6.59
N PHE B 155 28.38 -6.10 -7.41
CA PHE B 155 28.12 -7.32 -8.08
C PHE B 155 27.46 -7.04 -9.43
N GLU B 156 28.31 -7.18 -10.46
CA GLU B 156 27.88 -7.27 -11.82
C GLU B 156 26.39 -7.55 -11.71
N ALA B 157 25.56 -6.68 -12.22
CA ALA B 157 24.16 -6.95 -12.04
C ALA B 157 23.44 -7.10 -13.38
N VAL B 158 24.12 -7.70 -14.36
CA VAL B 158 23.64 -7.75 -15.74
C VAL B 158 24.33 -8.75 -16.65
N GLY B 159 23.57 -9.36 -17.56
CA GLY B 159 24.17 -10.28 -18.51
C GLY B 159 23.34 -11.53 -18.70
N GLU B 160 24.02 -12.69 -18.75
CA GLU B 160 23.35 -13.97 -19.08
C GLU B 160 22.45 -14.49 -17.93
N ILE B 161 21.19 -14.78 -18.26
CA ILE B 161 20.25 -15.32 -17.30
C ILE B 161 19.91 -16.74 -17.54
N SER B 162 19.78 -17.45 -16.44
CA SER B 162 19.85 -18.87 -16.45
C SER B 162 19.23 -19.48 -15.19
N THR B 163 18.65 -20.67 -15.35
CA THR B 163 18.00 -21.39 -14.28
C THR B 163 18.98 -22.43 -13.71
N LEU B 164 18.80 -22.84 -12.46
CA LEU B 164 19.73 -23.78 -11.83
C LEU B 164 19.07 -25.12 -11.53
N ARG B 165 19.87 -26.17 -11.42
CA ARG B 165 19.30 -27.48 -11.20
C ARG B 165 19.47 -27.96 -9.78
N GLU B 166 20.67 -27.82 -9.22
CA GLU B 166 20.89 -28.14 -7.80
C GLU B 166 22.16 -27.49 -7.28
N ILE B 167 22.32 -27.51 -5.97
CA ILE B 167 23.58 -27.13 -5.38
C ILE B 167 24.53 -28.32 -5.39
N LEU B 168 25.58 -28.25 -4.60
CA LEU B 168 26.55 -29.32 -4.58
C LEU B 168 27.06 -29.76 -3.21
N ALA B 169 27.86 -30.82 -3.25
CA ALA B 169 28.67 -31.21 -2.12
C ALA B 169 29.21 -29.92 -1.54
N ASP B 170 30.05 -29.25 -2.33
CA ASP B 170 30.71 -28.01 -1.94
C ASP B 170 29.77 -26.88 -1.48
N GLY B 171 28.52 -26.92 -1.94
CA GLY B 171 27.55 -25.86 -1.65
C GLY B 171 28.14 -24.49 -1.85
N HIS B 172 29.20 -24.44 -2.65
CA HIS B 172 29.84 -23.22 -3.09
C HIS B 172 29.63 -23.14 -4.60
N ARG B 173 29.23 -24.28 -5.18
CA ARG B 173 29.21 -24.46 -6.62
C ARG B 173 27.89 -25.06 -7.06
N ALA B 174 27.40 -24.61 -8.21
CA ALA B 174 26.14 -25.13 -8.67
C ALA B 174 26.07 -25.43 -10.15
N LEU B 175 25.09 -26.28 -10.45
CA LEU B 175 24.72 -26.65 -11.79
C LEU B 175 23.67 -25.66 -12.23
N VAL B 176 23.98 -24.94 -13.30
CA VAL B 176 23.11 -23.98 -13.93
C VAL B 176 22.80 -24.49 -15.31
N VAL B 177 21.53 -24.43 -15.70
CA VAL B 177 21.18 -24.59 -17.11
C VAL B 177 20.99 -23.20 -17.72
N GLY B 178 21.85 -22.86 -18.69
CA GLY B 178 21.75 -21.62 -19.50
C GLY B 178 20.53 -21.67 -20.42
N HIS B 179 20.64 -21.04 -21.59
CA HIS B 179 19.46 -20.97 -22.46
C HIS B 179 19.09 -22.29 -23.15
N ALA B 180 19.76 -22.62 -24.25
CA ALA B 180 19.54 -23.89 -24.92
C ALA B 180 20.30 -25.01 -24.22
N ASP B 181 19.72 -25.45 -23.09
CA ASP B 181 20.11 -26.67 -22.36
C ASP B 181 21.61 -26.88 -22.05
N GLU B 182 22.37 -25.79 -21.99
CA GLU B 182 23.82 -25.83 -21.77
C GLU B 182 24.18 -25.82 -20.29
N GLU B 183 24.30 -27.00 -19.70
CA GLU B 183 24.45 -27.09 -18.26
C GLU B 183 25.90 -26.81 -17.86
N ARG B 184 26.12 -25.74 -17.10
CA ARG B 184 27.49 -25.34 -16.74
C ARG B 184 27.72 -25.42 -15.24
N VAL B 185 28.94 -25.11 -14.82
CA VAL B 185 29.20 -25.10 -13.41
C VAL B 185 29.89 -23.79 -13.05
N VAL B 186 29.22 -23.02 -12.19
CA VAL B 186 29.66 -21.70 -11.75
C VAL B 186 29.77 -21.68 -10.24
N TRP B 187 30.59 -20.76 -9.69
CA TRP B 187 30.59 -20.52 -8.23
C TRP B 187 29.52 -19.50 -7.85
N LEU B 188 29.09 -19.52 -6.59
CA LEU B 188 28.14 -18.54 -6.10
C LEU B 188 28.85 -17.55 -5.24
N ALA B 189 28.62 -16.29 -5.52
CA ALA B 189 29.18 -15.24 -4.70
C ALA B 189 28.40 -15.20 -3.40
N ASP B 190 29.15 -14.91 -2.34
CA ASP B 190 28.75 -15.07 -0.94
C ASP B 190 27.26 -14.80 -0.66
N PRO B 191 26.80 -13.58 -0.96
CA PRO B 191 25.41 -13.21 -1.02
C PRO B 191 24.37 -14.30 -1.32
N LEU B 192 24.75 -15.57 -1.43
CA LEU B 192 23.73 -16.60 -1.64
C LEU B 192 23.83 -17.76 -0.66
N ILE B 193 24.94 -17.77 0.06
CA ILE B 193 25.16 -18.69 1.17
C ILE B 193 25.81 -17.95 2.37
N ALA B 194 25.34 -16.72 2.62
CA ALA B 194 25.57 -16.09 3.93
C ALA B 194 24.63 -16.81 4.90
N GLU B 195 25.07 -16.90 6.16
CA GLU B 195 24.28 -17.50 7.26
C GLU B 195 22.91 -16.82 7.41
N ASP B 196 22.96 -15.51 7.67
CA ASP B 196 21.81 -14.61 7.93
C ASP B 196 20.75 -14.51 6.79
N LEU B 197 20.36 -15.66 6.24
CA LEU B 197 19.31 -15.69 5.24
C LEU B 197 18.22 -16.64 5.67
N PRO B 198 16.97 -16.15 5.64
CA PRO B 198 15.77 -16.90 5.98
C PRO B 198 15.51 -18.07 5.03
N ASP B 199 14.79 -19.07 5.54
CA ASP B 199 14.37 -20.21 4.72
C ASP B 199 12.93 -19.96 4.22
N GLY B 200 12.79 -20.01 2.90
CA GLY B 200 11.55 -19.71 2.15
C GLY B 200 10.17 -19.47 2.74
N LEU B 201 9.51 -20.55 3.21
CA LEU B 201 8.04 -20.65 3.25
C LEU B 201 7.52 -20.62 1.78
N PRO B 202 6.57 -21.55 1.41
CA PRO B 202 6.23 -21.78 -0.02
C PRO B 202 5.77 -20.51 -0.82
N GLU B 203 5.66 -20.66 -2.15
CA GLU B 203 5.16 -19.55 -3.00
C GLU B 203 3.86 -19.85 -3.78
N ALA B 204 2.81 -20.17 -2.99
CA ALA B 204 1.39 -20.30 -3.39
C ALA B 204 0.41 -19.35 -2.61
N LEU B 205 0.93 -18.69 -1.55
CA LEU B 205 0.33 -17.46 -0.91
C LEU B 205 1.15 -16.16 -1.25
N ASN B 206 1.50 -16.07 -2.54
CA ASN B 206 2.05 -14.90 -3.25
C ASN B 206 3.47 -14.35 -2.99
N ASP B 207 3.97 -13.78 -4.09
CA ASP B 207 5.33 -13.25 -4.35
C ASP B 207 5.91 -12.38 -3.23
N ASP B 208 7.11 -12.75 -2.78
CA ASP B 208 7.89 -11.93 -1.84
C ASP B 208 9.21 -11.41 -2.45
N THR B 209 10.05 -12.31 -2.96
CA THR B 209 11.33 -11.91 -3.52
C THR B 209 12.12 -11.08 -2.51
N ARG B 210 11.74 -11.18 -1.24
CA ARG B 210 12.52 -10.61 -0.16
C ARG B 210 13.68 -11.61 0.05
N PRO B 211 14.92 -11.10 0.16
CA PRO B 211 16.13 -11.92 0.33
C PRO B 211 15.90 -13.30 0.97
N ARG B 212 15.70 -14.33 0.14
CA ARG B 212 15.53 -15.72 0.61
C ARG B 212 16.78 -16.60 0.34
N LYS B 213 16.75 -17.82 0.89
CA LYS B 213 17.83 -18.77 0.67
C LYS B 213 17.53 -19.63 -0.52
N LEU B 214 18.61 -20.05 -1.17
CA LEU B 214 18.59 -20.53 -2.53
C LEU B 214 17.80 -21.80 -2.76
N ARG B 215 16.90 -21.74 -3.74
CA ARG B 215 15.98 -22.83 -3.99
C ARG B 215 16.16 -23.39 -5.40
N PRO B 216 15.86 -24.68 -5.57
CA PRO B 216 16.05 -25.35 -6.87
C PRO B 216 14.90 -25.11 -7.87
N GLY B 217 14.89 -23.92 -8.47
CA GLY B 217 13.95 -23.59 -9.54
C GLY B 217 14.01 -22.12 -9.90
N ASP B 218 14.73 -21.38 -9.08
CA ASP B 218 14.85 -19.94 -9.23
C ASP B 218 15.77 -19.61 -10.38
N SER B 219 15.87 -18.32 -10.67
CA SER B 219 16.68 -17.86 -11.75
C SER B 219 17.88 -17.09 -11.21
N LEU B 220 19.06 -17.37 -11.74
CA LEU B 220 20.27 -16.68 -11.31
C LEU B 220 20.96 -15.98 -12.45
N LEU B 221 21.47 -14.82 -12.13
CA LEU B 221 22.16 -14.03 -13.10
C LEU B 221 23.60 -14.47 -13.07
N VAL B 222 24.14 -14.86 -14.21
CA VAL B 222 25.53 -15.37 -14.24
C VAL B 222 26.44 -14.76 -15.30
N ASP B 223 27.73 -14.72 -15.00
CA ASP B 223 28.73 -14.35 -16.00
C ASP B 223 29.43 -15.62 -16.43
N THR B 224 28.83 -16.31 -17.38
CA THR B 224 29.35 -17.57 -17.89
C THR B 224 30.86 -17.57 -17.86
N LYS B 225 31.44 -16.43 -18.18
CA LYS B 225 32.88 -16.35 -18.35
C LYS B 225 33.69 -16.60 -17.10
N ALA B 226 33.37 -15.92 -16.01
CA ALA B 226 34.18 -16.04 -14.82
C ALA B 226 33.91 -17.35 -14.16
N GLY B 227 32.63 -17.64 -14.03
CA GLY B 227 32.16 -18.83 -13.36
C GLY B 227 31.34 -18.48 -12.14
N TYR B 228 30.54 -17.44 -12.24
CA TYR B 228 29.87 -17.00 -11.06
C TYR B 228 28.41 -16.67 -11.20
N ALA B 229 27.69 -16.98 -10.12
CA ALA B 229 26.35 -16.49 -9.89
C ALA B 229 26.48 -15.15 -9.20
N PHE B 230 25.34 -14.49 -8.97
CA PHE B 230 25.38 -13.14 -8.46
C PHE B 230 24.09 -12.78 -7.70
N GLU B 231 22.93 -13.19 -8.20
CA GLU B 231 21.69 -12.96 -7.45
C GLU B 231 20.43 -13.63 -7.97
N ARG B 232 19.42 -13.58 -7.11
CA ARG B 232 18.10 -14.13 -7.34
C ARG B 232 17.32 -13.19 -8.23
N ILE B 233 16.15 -13.65 -8.69
CA ILE B 233 15.27 -12.88 -9.55
C ILE B 233 13.89 -13.53 -9.56
N PRO B 234 12.85 -12.70 -9.53
CA PRO B 234 11.46 -13.15 -9.67
C PRO B 234 11.08 -13.52 -11.08
N LEU B 235 10.50 -14.71 -11.24
CA LEU B 235 9.86 -15.05 -12.51
C LEU B 235 8.36 -15.12 -12.27
N VAL B 236 7.60 -14.36 -13.06
CA VAL B 236 6.13 -14.41 -13.02
C VAL B 236 5.54 -15.59 -13.85
N PRO B 237 4.45 -16.25 -13.33
CA PRO B 237 3.91 -17.53 -13.85
C PRO B 237 2.81 -17.46 -14.98
N SER C 52 129.54 -32.75 -41.49
CA SER C 52 128.69 -31.61 -41.92
C SER C 52 127.49 -32.00 -42.78
N ALA C 53 127.38 -33.28 -43.14
CA ALA C 53 126.24 -33.73 -43.95
C ALA C 53 124.99 -33.90 -43.09
N ARG C 54 125.17 -34.50 -41.93
CA ARG C 54 124.14 -34.57 -40.92
C ARG C 54 123.43 -33.22 -40.86
N ASP C 55 124.21 -32.14 -40.82
CA ASP C 55 123.68 -30.78 -40.68
C ASP C 55 122.59 -30.46 -41.67
N ILE C 56 122.85 -30.63 -42.97
CA ILE C 56 121.81 -30.36 -43.94
C ILE C 56 120.63 -31.30 -43.71
N HIS C 57 120.89 -32.59 -43.66
CA HIS C 57 119.83 -33.57 -43.44
C HIS C 57 118.82 -33.13 -42.42
N GLN C 58 119.32 -32.74 -41.25
CA GLN C 58 118.49 -32.33 -40.15
C GLN C 58 117.50 -31.25 -40.54
N LEU C 59 117.92 -30.35 -41.43
CA LEU C 59 117.03 -29.30 -41.90
C LEU C 59 116.06 -29.84 -42.92
N GLU C 60 116.62 -30.38 -44.02
CA GLU C 60 115.82 -31.00 -45.06
C GLU C 60 114.71 -31.81 -44.42
N ALA C 61 114.99 -32.44 -43.28
CA ALA C 61 114.01 -33.30 -42.63
C ALA C 61 113.03 -32.56 -41.70
N ARG C 62 113.41 -31.41 -41.17
CA ARG C 62 112.43 -30.58 -40.48
C ARG C 62 111.54 -29.93 -41.52
N ILE C 63 112.13 -29.34 -42.56
CA ILE C 63 111.34 -28.75 -43.61
C ILE C 63 110.30 -29.73 -44.12
N ASP C 64 110.76 -30.78 -44.78
CA ASP C 64 109.86 -31.78 -45.38
C ASP C 64 108.81 -32.35 -44.37
N SER C 65 109.01 -32.13 -43.06
CA SER C 65 108.03 -32.60 -42.04
C SER C 65 107.23 -31.48 -41.32
N LEU C 66 107.54 -30.22 -41.63
CA LEU C 66 106.68 -29.12 -41.23
C LEU C 66 105.81 -28.76 -42.42
N ALA C 67 106.33 -29.02 -43.60
CA ALA C 67 105.64 -28.81 -44.87
C ALA C 67 104.35 -29.59 -44.92
N ALA C 68 104.44 -30.86 -44.58
CA ALA C 68 103.30 -31.71 -44.65
C ALA C 68 102.40 -31.59 -43.41
N ARG C 69 102.91 -31.03 -42.32
CA ARG C 69 101.96 -30.59 -41.32
C ARG C 69 101.24 -29.33 -41.85
N ASN C 70 101.96 -28.44 -42.54
CA ASN C 70 101.33 -27.27 -43.16
C ASN C 70 100.11 -27.70 -43.94
N SER C 71 100.31 -28.46 -45.00
CA SER C 71 99.24 -28.89 -45.89
C SER C 71 98.08 -29.58 -45.19
N LYS C 72 98.35 -30.38 -44.17
CA LYS C 72 97.25 -31.02 -43.45
C LYS C 72 96.37 -29.95 -42.80
N LEU C 73 97.01 -28.95 -42.19
CA LEU C 73 96.29 -27.90 -41.44
C LEU C 73 95.54 -26.99 -42.39
N MET C 74 96.15 -26.69 -43.52
CA MET C 74 95.45 -26.05 -44.62
C MET C 74 94.08 -26.61 -44.84
N GLU C 75 94.05 -27.77 -45.49
CA GLU C 75 92.83 -28.46 -45.89
C GLU C 75 91.88 -28.65 -44.71
N THR C 76 92.38 -29.15 -43.58
CA THR C 76 91.47 -29.40 -42.46
C THR C 76 90.96 -28.08 -41.86
N LEU C 77 91.53 -26.95 -42.30
CA LEU C 77 91.07 -25.62 -41.88
C LEU C 77 90.12 -24.98 -42.88
N LYS C 78 90.33 -25.30 -44.14
CA LYS C 78 89.33 -25.01 -45.13
C LYS C 78 88.04 -25.75 -44.74
N GLU C 79 88.09 -27.07 -44.60
CA GLU C 79 86.89 -27.90 -44.30
C GLU C 79 86.08 -27.38 -43.10
N ALA C 80 86.67 -26.52 -42.30
CA ALA C 80 85.89 -25.83 -41.30
C ALA C 80 85.44 -24.45 -41.80
N ARG C 81 85.81 -24.07 -43.01
CA ARG C 81 85.13 -22.90 -43.58
C ARG C 81 83.87 -23.21 -44.36
N GLN C 82 83.87 -24.27 -45.17
CA GLN C 82 82.64 -24.76 -45.86
C GLN C 82 81.53 -25.17 -44.88
N GLN C 83 81.92 -25.41 -43.64
CA GLN C 83 80.98 -25.75 -42.59
C GLN C 83 80.60 -24.53 -41.76
N LEU C 84 81.51 -23.58 -41.63
CA LEU C 84 81.25 -22.37 -40.87
C LEU C 84 80.68 -21.32 -41.80
N LEU C 85 80.45 -21.68 -43.05
CA LEU C 85 79.86 -20.72 -44.00
C LEU C 85 78.44 -21.04 -44.35
N ALA C 86 78.23 -22.22 -44.91
CA ALA C 86 76.89 -22.75 -45.10
C ALA C 86 76.08 -22.85 -43.77
N LEU C 87 76.76 -22.94 -42.63
CA LEU C 87 76.09 -22.86 -41.34
C LEU C 87 75.76 -21.42 -41.00
N ARG C 88 76.61 -20.51 -41.44
CA ARG C 88 76.33 -19.11 -41.18
C ARG C 88 75.10 -18.57 -41.91
N GLU C 89 75.09 -18.67 -43.25
CA GLU C 89 74.00 -18.11 -44.07
C GLU C 89 72.58 -18.69 -43.80
N GLU C 90 72.54 -19.83 -43.11
CA GLU C 90 71.29 -20.46 -42.66
C GLU C 90 70.76 -19.82 -41.39
N VAL C 91 71.53 -18.89 -40.86
CA VAL C 91 71.16 -18.15 -39.69
C VAL C 91 70.86 -16.71 -40.09
N ASP C 92 71.39 -16.32 -41.26
CA ASP C 92 71.04 -15.02 -41.91
C ASP C 92 69.66 -15.03 -42.59
N ARG C 93 69.22 -16.22 -43.02
CA ARG C 93 67.87 -16.46 -43.48
C ARG C 93 66.89 -16.55 -42.30
N LEU C 94 67.36 -17.05 -41.15
CA LEU C 94 66.51 -17.10 -39.94
C LEU C 94 66.41 -15.75 -39.24
N GLY C 95 66.89 -14.71 -39.95
CA GLY C 95 66.87 -13.33 -39.50
C GLY C 95 65.87 -12.47 -40.26
N GLN C 96 65.85 -12.61 -41.59
CA GLN C 96 64.80 -12.01 -42.44
C GLN C 96 63.41 -12.50 -41.98
N PRO C 97 62.48 -11.57 -41.77
CA PRO C 97 61.12 -11.88 -41.30
C PRO C 97 60.34 -12.85 -42.17
N PRO C 98 59.30 -13.46 -41.58
CA PRO C 98 58.43 -14.40 -42.22
C PRO C 98 57.38 -13.71 -43.05
N SER C 99 56.61 -14.50 -43.78
CA SER C 99 55.69 -14.01 -44.82
C SER C 99 54.20 -14.19 -44.46
N GLY C 100 53.35 -13.32 -45.01
CA GLY C 100 51.89 -13.42 -44.79
C GLY C 100 51.09 -13.93 -45.98
N TYR C 101 50.03 -14.67 -45.68
CA TYR C 101 49.10 -15.15 -46.69
C TYR C 101 47.75 -14.43 -46.52
N GLY C 102 46.99 -14.33 -47.59
CA GLY C 102 45.68 -13.69 -47.55
C GLY C 102 44.93 -13.86 -48.87
N VAL C 103 43.67 -13.43 -48.90
CA VAL C 103 42.87 -13.59 -50.12
C VAL C 103 42.59 -12.23 -50.75
N LEU C 104 42.84 -12.16 -52.05
CA LEU C 104 42.72 -10.95 -52.83
C LEU C 104 41.29 -10.71 -53.25
N LEU C 105 40.72 -9.59 -52.83
CA LEU C 105 39.37 -9.32 -53.27
C LEU C 105 39.29 -8.89 -54.74
N ALA C 106 39.68 -7.67 -55.10
CA ALA C 106 39.71 -7.26 -56.53
C ALA C 106 40.93 -6.40 -56.90
N THR C 107 41.05 -6.07 -58.18
CA THR C 107 42.02 -5.10 -58.64
C THR C 107 41.37 -3.75 -58.66
N HIS C 108 42.04 -2.78 -58.06
CA HIS C 108 41.82 -1.44 -58.53
C HIS C 108 42.82 -1.20 -59.70
N ASP C 109 42.78 -0.01 -60.30
CA ASP C 109 43.42 0.26 -61.60
C ASP C 109 44.82 0.89 -61.56
N ASP C 110 45.36 1.17 -60.37
CA ASP C 110 46.78 1.50 -60.26
C ASP C 110 47.52 0.19 -60.08
N ASP C 111 48.49 0.19 -59.17
CA ASP C 111 49.08 -1.03 -58.67
C ASP C 111 48.56 -1.29 -57.25
N THR C 112 47.25 -1.08 -57.08
CA THR C 112 46.60 -1.24 -55.79
C THR C 112 45.63 -2.41 -55.84
N VAL C 113 45.67 -3.22 -54.79
CA VAL C 113 44.77 -4.35 -54.70
C VAL C 113 44.11 -4.54 -53.33
N ASP C 114 42.86 -5.03 -53.39
CA ASP C 114 42.04 -5.33 -52.23
C ASP C 114 42.24 -6.78 -51.77
N VAL C 115 42.76 -6.93 -50.55
CA VAL C 115 43.00 -8.23 -49.97
C VAL C 115 42.40 -8.35 -48.58
N PHE C 116 41.96 -9.56 -48.25
CA PHE C 116 41.62 -9.97 -46.90
C PHE C 116 42.90 -10.52 -46.37
N THR C 117 43.15 -10.40 -45.07
CA THR C 117 44.36 -11.00 -44.54
C THR C 117 44.31 -11.47 -43.09
N SER C 118 44.52 -10.54 -42.18
CA SER C 118 44.37 -10.82 -40.78
C SER C 118 43.03 -10.22 -40.50
N GLY C 119 42.04 -11.10 -40.51
CA GLY C 119 40.67 -10.74 -40.19
C GLY C 119 39.95 -9.67 -41.00
N ARG C 120 40.65 -8.85 -41.79
CA ARG C 120 39.94 -7.78 -42.51
C ARG C 120 40.29 -7.53 -43.96
N LYS C 121 39.89 -6.36 -44.43
CA LYS C 121 39.94 -6.01 -45.81
C LYS C 121 40.86 -4.84 -45.87
N MET C 122 42.00 -5.00 -46.54
CA MET C 122 42.87 -3.86 -46.78
C MET C 122 43.57 -3.80 -48.15
N ARG C 123 43.88 -2.58 -48.58
CA ARG C 123 44.53 -2.31 -49.86
C ARG C 123 46.00 -2.02 -49.66
N LEU C 124 46.82 -2.62 -50.52
CA LEU C 124 48.27 -2.46 -50.45
C LEU C 124 48.93 -2.52 -51.82
N THR C 125 50.21 -2.12 -51.87
CA THR C 125 51.00 -2.03 -53.11
C THR C 125 51.63 -3.36 -53.59
N CYS C 126 51.91 -3.38 -54.89
CA CYS C 126 52.57 -4.48 -55.59
C CYS C 126 54.00 -4.17 -55.96
N SER C 127 54.92 -5.00 -55.48
CA SER C 127 56.33 -4.85 -55.82
C SER C 127 56.38 -4.95 -57.33
N PRO C 128 57.35 -4.26 -57.94
CA PRO C 128 57.59 -4.46 -59.37
C PRO C 128 57.33 -5.93 -59.79
N ASN C 129 58.17 -6.84 -59.27
CA ASN C 129 58.29 -8.24 -59.72
C ASN C 129 57.02 -9.07 -59.94
N ILE C 130 55.89 -8.56 -59.47
CA ILE C 130 54.68 -9.29 -59.77
C ILE C 130 53.78 -8.61 -60.79
N ASP C 131 53.11 -9.48 -61.54
CA ASP C 131 52.18 -9.18 -62.64
C ASP C 131 51.23 -8.02 -62.34
N ALA C 132 51.44 -6.89 -63.02
CA ALA C 132 50.59 -5.72 -62.81
C ALA C 132 49.11 -6.07 -62.52
N ALA C 133 48.45 -6.79 -63.45
CA ALA C 133 47.01 -7.12 -63.35
C ALA C 133 46.69 -8.56 -63.76
N SER C 134 47.70 -9.33 -64.13
CA SER C 134 47.49 -10.73 -64.55
C SER C 134 47.56 -11.71 -63.37
N LEU C 135 46.91 -11.31 -62.28
CA LEU C 135 46.68 -12.20 -61.16
C LEU C 135 45.18 -12.28 -60.99
N LYS C 136 44.69 -13.50 -61.05
CA LYS C 136 43.28 -13.77 -61.26
C LYS C 136 42.43 -13.46 -60.02
N LYS C 137 41.15 -13.18 -60.24
CA LYS C 137 40.27 -12.70 -59.16
C LYS C 137 40.12 -13.69 -58.01
N GLY C 138 40.75 -13.35 -56.88
CA GLY C 138 40.52 -14.02 -55.63
C GLY C 138 41.30 -15.29 -55.48
N GLN C 139 42.61 -15.18 -55.63
CA GLN C 139 43.46 -16.30 -55.31
C GLN C 139 44.19 -16.04 -54.01
N THR C 140 44.85 -17.06 -53.47
CA THR C 140 45.68 -16.91 -52.31
C THR C 140 46.90 -16.11 -52.75
N VAL C 141 47.32 -15.12 -51.99
CA VAL C 141 48.56 -14.43 -52.31
C VAL C 141 49.38 -14.27 -51.07
N ARG C 142 50.50 -13.57 -51.17
CA ARG C 142 51.49 -13.59 -50.11
C ARG C 142 52.03 -12.21 -49.84
N LEU C 143 52.43 -11.97 -48.60
CA LEU C 143 52.81 -10.66 -48.16
C LEU C 143 54.03 -10.73 -47.30
N ASN C 144 54.86 -9.72 -47.40
CA ASN C 144 56.05 -9.68 -46.60
C ASN C 144 55.71 -9.19 -45.21
N GLU C 145 56.74 -8.69 -44.52
CA GLU C 145 56.54 -7.95 -43.31
C GLU C 145 55.54 -6.86 -43.61
N ALA C 146 56.04 -5.73 -44.13
CA ALA C 146 55.23 -4.50 -44.24
C ALA C 146 54.10 -4.58 -45.27
N LEU C 147 53.51 -5.77 -45.39
CA LEU C 147 52.26 -5.98 -46.11
C LEU C 147 52.37 -5.42 -47.52
N THR C 148 53.35 -5.92 -48.27
CA THR C 148 53.51 -5.57 -49.67
C THR C 148 53.52 -6.88 -50.42
N VAL C 149 52.80 -6.93 -51.53
CA VAL C 149 52.53 -8.20 -52.20
C VAL C 149 53.72 -8.72 -52.97
N VAL C 150 53.87 -10.04 -53.06
CA VAL C 150 55.06 -10.61 -53.71
C VAL C 150 54.87 -11.87 -54.54
N GLU C 151 53.80 -12.61 -54.35
CA GLU C 151 53.68 -13.84 -55.11
C GLU C 151 52.26 -14.23 -55.42
N ALA C 152 52.07 -14.92 -56.55
CA ALA C 152 50.80 -15.55 -56.93
C ALA C 152 50.70 -16.96 -56.37
N GLY C 153 49.48 -17.47 -56.20
CA GLY C 153 49.29 -18.77 -55.55
C GLY C 153 48.16 -19.51 -56.19
N THR C 154 47.39 -20.20 -55.36
CA THR C 154 46.33 -21.07 -55.85
C THR C 154 45.02 -20.73 -55.20
N PHE C 155 44.27 -21.81 -54.94
CA PHE C 155 42.94 -21.74 -54.41
C PHE C 155 42.73 -22.64 -53.15
N GLU C 156 43.18 -22.10 -52.01
CA GLU C 156 42.88 -22.63 -50.68
C GLU C 156 41.57 -23.36 -50.83
N ALA C 157 41.63 -24.67 -50.88
CA ALA C 157 40.41 -25.36 -51.18
C ALA C 157 39.91 -26.00 -49.91
N VAL C 158 39.74 -25.20 -48.88
CA VAL C 158 39.37 -25.72 -47.58
C VAL C 158 38.58 -24.74 -46.74
N GLY C 159 37.37 -25.12 -46.36
CA GLY C 159 36.56 -24.21 -45.59
C GLY C 159 35.15 -24.69 -45.61
N GLU C 160 34.23 -23.73 -45.56
CA GLU C 160 32.80 -24.05 -45.47
C GLU C 160 32.25 -24.46 -46.86
N ILE C 161 31.22 -25.29 -46.86
CA ILE C 161 30.58 -25.73 -48.08
C ILE C 161 29.16 -25.32 -48.12
N SER C 162 28.78 -24.72 -49.23
CA SER C 162 27.42 -24.18 -49.38
C SER C 162 26.73 -24.62 -50.68
N THR C 163 25.40 -24.52 -50.69
CA THR C 163 24.69 -24.72 -51.95
C THR C 163 24.38 -23.39 -52.58
N LEU C 164 24.24 -23.43 -53.90
CA LEU C 164 24.22 -22.24 -54.74
C LEU C 164 22.84 -21.99 -55.27
N ARG C 165 22.26 -20.86 -54.88
CA ARG C 165 20.88 -20.62 -55.18
C ARG C 165 20.70 -20.05 -56.56
N GLU C 166 21.35 -18.92 -56.83
CA GLU C 166 21.41 -18.36 -58.17
C GLU C 166 22.62 -17.47 -58.27
N ILE C 167 23.15 -17.32 -59.47
CA ILE C 167 24.18 -16.35 -59.67
C ILE C 167 23.41 -15.08 -59.65
N LEU C 168 24.13 -14.01 -59.39
CA LEU C 168 23.49 -12.73 -59.27
C LEU C 168 23.35 -12.03 -60.62
N ALA C 169 22.49 -11.02 -60.64
CA ALA C 169 22.36 -10.04 -61.72
C ALA C 169 23.64 -9.88 -62.56
N ASP C 170 24.71 -9.38 -61.98
CA ASP C 170 25.91 -9.10 -62.77
C ASP C 170 27.00 -10.19 -62.74
N GLY C 171 26.57 -11.46 -62.72
CA GLY C 171 27.45 -12.64 -62.91
C GLY C 171 28.84 -12.61 -62.30
N HIS C 172 28.94 -11.91 -61.19
CA HIS C 172 30.17 -11.75 -60.40
C HIS C 172 29.96 -12.04 -58.91
N ARG C 173 28.69 -12.27 -58.54
CA ARG C 173 28.27 -12.35 -57.16
C ARG C 173 27.19 -13.43 -57.05
N ALA C 174 27.09 -14.07 -55.90
CA ALA C 174 26.05 -15.07 -55.75
C ALA C 174 25.41 -15.24 -54.37
N LEU C 175 24.20 -15.77 -54.41
CA LEU C 175 23.44 -16.07 -53.23
C LEU C 175 23.69 -17.52 -52.92
N VAL C 176 24.26 -17.77 -51.73
CA VAL C 176 24.47 -19.13 -51.18
C VAL C 176 23.81 -19.35 -49.86
N VAL C 177 23.27 -20.54 -49.69
CA VAL C 177 22.77 -20.93 -48.39
C VAL C 177 23.87 -21.78 -47.82
N GLY C 178 24.05 -21.64 -46.50
CA GLY C 178 25.13 -22.30 -45.74
C GLY C 178 24.61 -23.49 -44.98
N HIS C 179 25.05 -23.65 -43.73
CA HIS C 179 24.63 -24.83 -42.97
C HIS C 179 23.40 -24.63 -42.11
N ALA C 180 23.37 -23.55 -41.36
CA ALA C 180 22.13 -23.08 -40.81
C ALA C 180 21.46 -22.46 -42.00
N ASP C 181 20.17 -22.73 -42.17
CA ASP C 181 19.43 -22.10 -43.25
C ASP C 181 19.74 -20.61 -43.10
N GLU C 182 20.72 -20.12 -43.87
CA GLU C 182 20.98 -18.66 -43.95
C GLU C 182 21.59 -18.20 -45.26
N GLU C 183 21.24 -16.99 -45.66
CA GLU C 183 21.46 -16.53 -47.01
C GLU C 183 22.60 -15.54 -47.03
N ARG C 184 23.67 -15.86 -47.78
CA ARG C 184 24.85 -14.98 -47.88
C ARG C 184 25.30 -14.60 -49.30
N VAL C 185 26.06 -13.51 -49.37
CA VAL C 185 26.47 -13.00 -50.64
C VAL C 185 27.95 -13.03 -50.72
N VAL C 186 28.45 -13.70 -51.74
CA VAL C 186 29.86 -13.97 -51.93
C VAL C 186 30.18 -13.59 -53.35
N TRP C 187 31.40 -13.12 -53.64
CA TRP C 187 31.82 -13.01 -55.05
C TRP C 187 32.43 -14.35 -55.46
N LEU C 188 32.59 -14.57 -56.77
CA LEU C 188 33.20 -15.79 -57.25
C LEU C 188 34.54 -15.48 -57.86
N ALA C 189 35.47 -16.39 -57.67
CA ALA C 189 36.82 -16.17 -58.15
C ALA C 189 36.93 -16.77 -59.52
N ASP C 190 37.81 -16.20 -60.32
CA ASP C 190 37.84 -16.48 -61.75
C ASP C 190 37.35 -17.87 -62.14
N PRO C 191 38.10 -18.93 -61.80
CA PRO C 191 37.80 -20.21 -62.41
C PRO C 191 36.37 -20.68 -62.22
N LEU C 192 35.41 -19.76 -62.27
CA LEU C 192 33.99 -20.12 -62.32
C LEU C 192 33.26 -19.37 -63.44
N ILE C 193 33.90 -18.28 -63.90
CA ILE C 193 33.32 -17.40 -64.92
C ILE C 193 34.10 -17.21 -66.25
N ALA C 194 35.39 -17.54 -66.30
CA ALA C 194 36.16 -17.46 -67.57
C ALA C 194 35.36 -18.14 -68.71
N GLU C 195 35.34 -17.53 -69.91
CA GLU C 195 34.42 -17.92 -71.00
C GLU C 195 34.49 -19.41 -71.36
N ASP C 196 35.71 -19.88 -71.60
CA ASP C 196 36.06 -21.26 -72.01
C ASP C 196 35.49 -22.46 -71.21
N LEU C 197 34.28 -22.34 -70.65
CA LEU C 197 33.70 -23.41 -69.82
C LEU C 197 32.38 -23.98 -70.38
N PRO C 198 32.33 -25.32 -70.56
CA PRO C 198 31.21 -26.09 -71.19
C PRO C 198 29.87 -25.99 -70.46
N ASP C 199 28.84 -26.65 -70.99
CA ASP C 199 27.58 -26.87 -70.27
C ASP C 199 27.43 -28.33 -69.83
N GLY C 200 28.36 -29.18 -70.33
CA GLY C 200 28.42 -30.61 -69.98
C GLY C 200 27.24 -31.50 -70.39
N LEU C 201 26.53 -31.05 -71.48
CA LEU C 201 25.21 -31.61 -71.93
C LEU C 201 24.16 -31.76 -70.74
N PRO C 202 23.18 -32.73 -70.78
CA PRO C 202 22.38 -32.82 -69.52
C PRO C 202 23.00 -33.60 -68.30
N GLU C 203 22.09 -34.04 -67.41
CA GLU C 203 22.41 -34.89 -66.25
C GLU C 203 21.73 -36.29 -66.32
N ALA C 204 20.80 -36.47 -67.29
CA ALA C 204 20.16 -37.76 -67.61
C ALA C 204 21.13 -38.82 -68.21
N LEU C 205 22.35 -38.38 -68.55
CA LEU C 205 23.58 -39.22 -68.69
C LEU C 205 24.68 -38.57 -67.79
N ASN C 206 25.15 -39.34 -66.80
CA ASN C 206 25.80 -38.83 -65.57
C ASN C 206 27.28 -39.20 -65.38
N ASP C 207 28.06 -38.22 -64.89
CA ASP C 207 29.48 -38.37 -64.52
C ASP C 207 30.17 -36.99 -64.58
N ASP C 208 29.89 -36.17 -63.48
CA ASP C 208 30.20 -34.72 -63.62
C ASP C 208 31.50 -34.35 -63.01
N THR C 209 32.29 -35.38 -62.84
CA THR C 209 33.59 -35.30 -62.18
C THR C 209 34.56 -34.20 -62.78
N ARG C 210 34.13 -33.61 -63.89
CA ARG C 210 34.96 -32.67 -64.63
C ARG C 210 34.22 -31.36 -64.84
N PRO C 211 34.98 -30.23 -64.84
CA PRO C 211 34.63 -28.80 -64.88
C PRO C 211 33.41 -28.39 -65.71
N ARG C 212 32.84 -27.22 -65.42
CA ARG C 212 31.69 -26.71 -66.17
C ARG C 212 31.24 -25.34 -65.68
N LYS C 213 30.05 -24.94 -66.12
CA LYS C 213 29.44 -23.66 -65.73
C LYS C 213 28.56 -23.95 -64.51
N LEU C 214 28.47 -22.98 -63.61
CA LEU C 214 27.90 -23.25 -62.29
C LEU C 214 26.39 -23.28 -62.28
N ARG C 215 25.85 -24.49 -62.38
CA ARG C 215 24.41 -24.63 -62.45
C ARG C 215 23.83 -24.61 -61.05
N PRO C 216 22.75 -23.84 -60.87
CA PRO C 216 22.13 -23.63 -59.58
C PRO C 216 21.58 -24.92 -59.05
N GLY C 217 22.07 -25.26 -57.87
CA GLY C 217 21.78 -26.53 -57.25
C GLY C 217 23.11 -27.18 -56.86
N ASP C 218 24.17 -26.41 -57.02
CA ASP C 218 25.52 -26.93 -56.84
C ASP C 218 26.07 -26.72 -55.44
N SER C 219 27.16 -27.42 -55.16
CA SER C 219 27.89 -27.21 -53.97
C SER C 219 29.18 -26.56 -54.35
N LEU C 220 29.36 -25.35 -53.88
CA LEU C 220 30.66 -24.70 -53.97
C LEU C 220 31.21 -24.20 -52.64
N LEU C 221 32.53 -24.07 -52.60
CA LEU C 221 33.27 -23.96 -51.37
C LEU C 221 33.66 -22.53 -51.10
N VAL C 222 33.38 -22.10 -49.88
CA VAL C 222 33.39 -20.68 -49.57
C VAL C 222 34.00 -20.34 -48.22
N ASP C 223 34.51 -19.12 -48.12
CA ASP C 223 35.10 -18.62 -46.89
C ASP C 223 34.24 -17.46 -46.44
N THR C 224 33.14 -17.82 -45.79
CA THR C 224 32.16 -16.86 -45.32
C THR C 224 32.86 -15.53 -44.99
N LYS C 225 33.79 -15.56 -44.04
CA LYS C 225 34.45 -14.34 -43.59
C LYS C 225 35.03 -13.58 -44.75
N ALA C 226 35.80 -14.25 -45.57
CA ALA C 226 36.40 -13.53 -46.65
C ALA C 226 35.38 -12.89 -47.57
N GLY C 227 34.56 -13.73 -48.19
CA GLY C 227 33.61 -13.27 -49.18
C GLY C 227 33.77 -13.88 -50.56
N TYR C 228 34.65 -14.85 -50.70
CA TYR C 228 34.85 -15.45 -52.01
C TYR C 228 34.41 -16.91 -52.08
N ALA C 229 34.06 -17.38 -53.28
CA ALA C 229 33.85 -18.81 -53.55
C ALA C 229 35.17 -19.36 -54.09
N PHE C 230 35.31 -20.67 -54.23
CA PHE C 230 36.62 -21.17 -54.60
C PHE C 230 36.67 -22.29 -55.64
N GLU C 231 35.54 -22.96 -55.86
CA GLU C 231 35.50 -24.07 -56.83
C GLU C 231 34.30 -24.99 -56.67
N ARG C 232 34.29 -26.07 -57.44
CA ARG C 232 33.13 -26.94 -57.61
C ARG C 232 33.29 -28.29 -56.88
N ILE C 233 32.17 -28.99 -56.68
CA ILE C 233 32.15 -30.23 -55.92
C ILE C 233 31.04 -31.19 -56.34
N PRO C 234 31.37 -32.46 -56.60
CA PRO C 234 30.30 -33.41 -56.86
C PRO C 234 29.43 -33.70 -55.62
N LEU C 235 28.11 -33.70 -55.79
CA LEU C 235 27.24 -34.44 -54.86
C LEU C 235 27.04 -35.82 -55.44
N VAL C 236 27.43 -36.87 -54.70
CA VAL C 236 27.10 -38.25 -55.12
C VAL C 236 26.04 -38.90 -54.17
N PRO C 237 24.77 -39.13 -54.66
CA PRO C 237 23.94 -40.29 -54.21
C PRO C 237 24.12 -41.61 -55.05
N SER D 52 129.40 -24.71 -50.13
CA SER D 52 128.66 -23.43 -49.87
C SER D 52 128.06 -23.31 -48.44
N ALA D 53 128.50 -22.26 -47.72
CA ALA D 53 127.91 -21.85 -46.41
C ALA D 53 126.65 -20.94 -46.58
N ARG D 54 126.12 -20.93 -47.82
CA ARG D 54 124.92 -20.16 -48.23
C ARG D 54 123.64 -20.98 -48.22
N ASP D 55 123.79 -22.31 -48.41
CA ASP D 55 122.70 -23.32 -48.38
C ASP D 55 122.12 -23.50 -46.94
N ILE D 56 123.01 -23.51 -45.94
CA ILE D 56 122.62 -23.59 -44.51
C ILE D 56 121.77 -22.37 -44.10
N HIS D 57 122.21 -21.18 -44.50
CA HIS D 57 121.49 -19.91 -44.25
C HIS D 57 120.19 -19.73 -45.05
N GLN D 58 120.13 -20.30 -46.25
CA GLN D 58 118.90 -20.30 -47.09
C GLN D 58 117.78 -21.15 -46.45
N LEU D 59 118.15 -22.17 -45.68
CA LEU D 59 117.18 -23.09 -45.06
C LEU D 59 116.71 -22.67 -43.68
N GLU D 60 117.68 -22.28 -42.84
CA GLU D 60 117.36 -21.69 -41.53
C GLU D 60 116.36 -20.56 -41.64
N ALA D 61 116.12 -20.14 -42.90
CA ALA D 61 115.14 -19.11 -43.25
C ALA D 61 113.78 -19.72 -43.59
N ARG D 62 113.77 -20.67 -44.54
CA ARG D 62 112.53 -21.32 -44.93
C ARG D 62 111.97 -22.10 -43.74
N ILE D 63 112.86 -22.55 -42.85
CA ILE D 63 112.41 -23.18 -41.61
C ILE D 63 111.66 -22.19 -40.70
N ASP D 64 112.20 -20.99 -40.52
CA ASP D 64 111.51 -19.99 -39.68
C ASP D 64 110.34 -19.37 -40.43
N SER D 65 110.39 -19.51 -41.77
CA SER D 65 109.29 -19.11 -42.63
C SER D 65 108.08 -19.99 -42.34
N LEU D 66 108.25 -21.31 -42.44
CA LEU D 66 107.14 -22.24 -42.19
C LEU D 66 106.65 -22.22 -40.72
N ALA D 67 107.60 -22.17 -39.79
CA ALA D 67 107.30 -22.12 -38.35
C ALA D 67 106.48 -20.90 -37.97
N ALA D 68 106.52 -19.88 -38.83
CA ALA D 68 105.74 -18.67 -38.68
C ALA D 68 104.29 -18.85 -39.10
N ARG D 69 104.09 -19.37 -40.30
CA ARG D 69 102.75 -19.64 -40.76
C ARG D 69 102.10 -20.76 -39.93
N ASN D 70 102.91 -21.76 -39.54
CA ASN D 70 102.40 -22.87 -38.76
C ASN D 70 101.90 -22.51 -37.37
N SER D 71 102.52 -21.53 -36.71
CA SER D 71 102.13 -21.14 -35.35
C SER D 71 100.76 -20.42 -35.29
N LYS D 72 100.38 -19.79 -36.40
CA LYS D 72 99.12 -19.02 -36.50
C LYS D 72 98.04 -19.69 -37.35
N LEU D 73 98.38 -20.81 -37.97
CA LEU D 73 97.37 -21.71 -38.49
C LEU D 73 96.76 -22.49 -37.33
N MET D 74 97.60 -23.21 -36.57
CA MET D 74 97.15 -23.97 -35.40
C MET D 74 96.28 -23.15 -34.48
N GLU D 75 96.12 -21.86 -34.79
CA GLU D 75 95.30 -20.90 -34.00
C GLU D 75 94.01 -20.37 -34.67
N THR D 76 94.06 -20.14 -35.99
CA THR D 76 92.86 -19.74 -36.70
C THR D 76 91.87 -20.88 -36.61
N LEU D 77 92.35 -22.13 -36.69
CA LEU D 77 91.48 -23.25 -36.38
C LEU D 77 90.87 -23.00 -35.00
N LYS D 78 91.70 -22.79 -33.97
CA LYS D 78 91.19 -22.65 -32.59
C LYS D 78 90.16 -21.54 -32.42
N GLU D 79 90.15 -20.59 -33.36
CA GLU D 79 89.17 -19.52 -33.34
C GLU D 79 87.87 -19.91 -34.04
N ALA D 80 87.99 -20.33 -35.30
CA ALA D 80 86.84 -20.81 -36.05
C ALA D 80 86.17 -22.00 -35.37
N ARG D 81 86.97 -22.93 -34.84
CA ARG D 81 86.48 -24.10 -34.09
C ARG D 81 85.60 -23.65 -32.90
N GLN D 82 85.91 -22.47 -32.35
CA GLN D 82 85.08 -21.88 -31.30
C GLN D 82 83.76 -21.35 -31.83
N GLN D 83 83.82 -20.74 -33.00
CA GLN D 83 82.65 -20.08 -33.54
C GLN D 83 81.62 -21.01 -34.09
N LEU D 84 82.06 -22.17 -34.55
CA LEU D 84 81.10 -23.22 -34.82
C LEU D 84 80.50 -23.75 -33.48
N LEU D 85 81.25 -23.65 -32.39
CA LEU D 85 80.74 -24.08 -31.08
C LEU D 85 79.88 -22.99 -30.44
N ALA D 86 79.80 -21.84 -31.12
CA ALA D 86 79.03 -20.67 -30.66
C ALA D 86 77.78 -20.50 -31.47
N LEU D 87 77.93 -20.62 -32.78
CA LEU D 87 76.80 -20.62 -33.67
C LEU D 87 75.89 -21.80 -33.31
N ARG D 88 76.41 -23.04 -33.31
CA ARG D 88 75.58 -24.22 -32.98
C ARG D 88 74.89 -23.95 -31.63
N GLU D 89 75.66 -23.42 -30.69
CA GLU D 89 75.16 -23.05 -29.36
C GLU D 89 73.97 -22.08 -29.41
N GLU D 90 73.81 -21.37 -30.54
CA GLU D 90 72.78 -20.34 -30.71
C GLU D 90 71.53 -20.89 -31.35
N VAL D 91 71.76 -21.79 -32.28
CA VAL D 91 70.71 -22.55 -32.89
C VAL D 91 70.01 -23.39 -31.83
N ASP D 92 70.81 -24.01 -30.96
CA ASP D 92 70.29 -24.74 -29.81
C ASP D 92 69.41 -23.85 -28.90
N ARG D 93 69.85 -22.60 -28.76
CA ARG D 93 69.22 -21.63 -27.86
C ARG D 93 67.93 -21.04 -28.39
N LEU D 94 67.54 -21.46 -29.58
CA LEU D 94 66.25 -21.12 -30.15
C LEU D 94 65.15 -21.97 -29.54
N GLY D 95 65.33 -23.29 -29.63
CA GLY D 95 64.35 -24.26 -29.16
C GLY D 95 64.03 -24.10 -27.69
N GLN D 96 64.94 -23.44 -26.98
CA GLN D 96 64.72 -23.11 -25.59
C GLN D 96 63.44 -22.28 -25.48
N PRO D 97 62.56 -22.65 -24.54
CA PRO D 97 61.33 -21.92 -24.19
C PRO D 97 61.59 -20.45 -23.83
N PRO D 98 60.54 -19.59 -23.90
CA PRO D 98 59.14 -19.89 -24.13
C PRO D 98 58.82 -20.14 -25.61
N SER D 99 57.89 -21.06 -25.88
CA SER D 99 57.72 -21.60 -27.24
C SER D 99 56.33 -21.97 -27.66
N GLY D 100 56.03 -21.70 -28.92
CA GLY D 100 54.70 -21.89 -29.50
C GLY D 100 54.50 -23.07 -30.42
N TYR D 101 53.25 -23.26 -30.85
CA TYR D 101 52.75 -24.45 -31.52
C TYR D 101 51.81 -24.08 -32.66
N GLY D 102 51.26 -25.07 -33.37
CA GLY D 102 50.34 -24.84 -34.50
C GLY D 102 50.70 -25.57 -35.80
N VAL D 103 49.66 -25.99 -36.55
CA VAL D 103 49.78 -26.97 -37.64
C VAL D 103 50.38 -26.43 -38.93
N LEU D 104 50.88 -27.33 -39.78
CA LEU D 104 51.54 -26.98 -41.06
C LEU D 104 50.84 -27.51 -42.30
N LEU D 105 50.51 -26.59 -43.20
CA LEU D 105 49.69 -26.94 -44.33
C LEU D 105 50.48 -27.53 -45.47
N ALA D 106 51.70 -27.04 -45.69
CA ALA D 106 52.54 -27.57 -46.81
C ALA D 106 54.09 -27.35 -46.71
N THR D 107 54.84 -28.16 -47.48
CA THR D 107 56.31 -28.14 -47.52
C THR D 107 56.83 -27.28 -48.64
N HIS D 108 57.98 -26.67 -48.41
CA HIS D 108 58.65 -25.99 -49.48
C HIS D 108 60.07 -26.47 -49.70
N ASP D 109 60.62 -26.07 -50.84
CA ASP D 109 61.95 -26.50 -51.30
C ASP D 109 63.13 -25.75 -50.67
N ASP D 110 62.97 -24.44 -50.41
CA ASP D 110 64.08 -23.59 -49.96
C ASP D 110 64.20 -23.46 -48.44
N ASP D 111 63.84 -24.54 -47.75
CA ASP D 111 63.79 -24.58 -46.29
C ASP D 111 62.80 -23.50 -45.78
N THR D 112 61.54 -23.66 -46.23
CA THR D 112 60.39 -22.79 -45.86
C THR D 112 59.08 -23.61 -45.69
N VAL D 113 58.15 -23.10 -44.88
CA VAL D 113 56.94 -23.87 -44.61
C VAL D 113 55.63 -23.11 -44.43
N ASP D 114 54.54 -23.81 -44.74
CA ASP D 114 53.22 -23.26 -44.54
C ASP D 114 52.60 -23.82 -43.27
N VAL D 115 52.70 -23.04 -42.20
CA VAL D 115 52.06 -23.29 -40.90
C VAL D 115 50.81 -22.47 -40.66
N PHE D 116 50.14 -22.77 -39.55
CA PHE D 116 48.89 -22.14 -39.25
C PHE D 116 48.90 -21.79 -37.78
N THR D 117 49.89 -21.03 -37.33
CA THR D 117 49.88 -20.57 -35.94
C THR D 117 48.85 -19.47 -35.80
N SER D 118 48.49 -19.15 -34.55
CA SER D 118 47.60 -18.01 -34.27
C SER D 118 46.65 -17.70 -35.42
N GLY D 119 45.76 -18.64 -35.70
CA GLY D 119 44.63 -18.44 -36.59
C GLY D 119 44.86 -18.05 -38.04
N ARG D 120 46.10 -17.97 -38.49
CA ARG D 120 46.37 -17.56 -39.87
C ARG D 120 47.48 -18.32 -40.62
N LYS D 121 47.32 -18.37 -41.94
CA LYS D 121 48.26 -19.07 -42.80
C LYS D 121 49.54 -18.25 -42.85
N MET D 122 50.69 -18.89 -42.72
CA MET D 122 51.96 -18.18 -42.66
C MET D 122 53.22 -18.93 -43.13
N ARG D 123 53.96 -18.29 -44.02
CA ARG D 123 55.16 -18.90 -44.53
C ARG D 123 56.38 -18.51 -43.71
N LEU D 124 57.03 -19.54 -43.20
CA LEU D 124 57.96 -19.44 -42.09
C LEU D 124 59.34 -20.03 -42.35
N THR D 125 60.37 -19.36 -41.84
CA THR D 125 61.76 -19.83 -41.92
C THR D 125 62.09 -20.84 -40.81
N CYS D 126 62.48 -22.06 -41.20
CA CYS D 126 62.76 -23.14 -40.24
C CYS D 126 64.23 -23.48 -40.03
N SER D 127 64.50 -24.18 -38.94
CA SER D 127 65.85 -24.30 -38.41
C SER D 127 66.63 -25.47 -38.98
N PRO D 128 67.94 -25.25 -39.16
CA PRO D 128 68.93 -26.27 -39.41
C PRO D 128 68.74 -27.56 -38.60
N ASN D 129 68.21 -27.47 -37.37
CA ASN D 129 67.94 -28.66 -36.54
C ASN D 129 67.01 -29.61 -37.29
N ILE D 130 66.56 -29.16 -38.46
CA ILE D 130 65.37 -29.71 -39.07
C ILE D 130 65.48 -30.48 -40.37
N ASP D 131 64.80 -31.62 -40.33
CA ASP D 131 64.69 -32.56 -41.46
C ASP D 131 63.61 -32.09 -42.46
N ALA D 132 64.06 -31.36 -43.48
CA ALA D 132 63.18 -30.53 -44.31
C ALA D 132 62.02 -31.25 -45.03
N ALA D 133 62.24 -32.46 -45.53
CA ALA D 133 61.19 -33.18 -46.30
C ALA D 133 60.65 -34.46 -45.64
N SER D 134 61.19 -34.78 -44.45
CA SER D 134 60.55 -35.75 -43.54
C SER D 134 59.51 -35.03 -42.66
N LEU D 135 58.98 -33.92 -43.20
CA LEU D 135 57.89 -33.16 -42.57
C LEU D 135 56.56 -33.53 -43.16
N LYS D 136 55.89 -34.41 -42.44
CA LYS D 136 54.66 -34.97 -42.87
C LYS D 136 53.64 -33.83 -42.87
N LYS D 137 52.72 -33.85 -43.84
CA LYS D 137 51.68 -32.81 -44.03
C LYS D 137 50.62 -32.74 -42.91
N GLY D 138 50.66 -31.67 -42.11
CA GLY D 138 49.67 -31.48 -41.05
C GLY D 138 50.09 -32.15 -39.76
N GLN D 139 51.13 -31.62 -39.14
CA GLN D 139 51.72 -32.25 -38.01
C GLN D 139 51.99 -31.10 -37.10
N THR D 140 51.46 -31.13 -35.88
CA THR D 140 51.77 -30.08 -34.91
C THR D 140 53.27 -29.75 -34.99
N VAL D 141 53.68 -28.52 -35.27
CA VAL D 141 55.11 -28.16 -35.19
C VAL D 141 55.30 -27.09 -34.16
N ARG D 142 56.54 -26.72 -33.86
CA ARG D 142 56.81 -25.83 -32.71
C ARG D 142 57.57 -24.54 -33.07
N LEU D 143 57.34 -23.46 -32.31
CA LEU D 143 57.89 -22.15 -32.64
C LEU D 143 58.39 -21.37 -31.46
N ASN D 144 59.56 -20.75 -31.65
CA ASN D 144 60.09 -19.78 -30.70
C ASN D 144 59.39 -18.48 -30.96
N GLU D 145 59.68 -17.46 -30.15
CA GLU D 145 58.95 -16.19 -30.21
C GLU D 145 58.76 -15.69 -31.65
N ALA D 146 59.69 -14.91 -32.20
CA ALA D 146 59.59 -14.56 -33.64
C ALA D 146 59.54 -15.88 -34.37
N LEU D 147 58.40 -16.14 -34.98
CA LEU D 147 58.05 -17.48 -35.33
C LEU D 147 59.18 -18.12 -36.09
N THR D 148 59.70 -19.24 -35.58
CA THR D 148 60.73 -20.03 -36.28
C THR D 148 60.59 -21.48 -35.82
N VAL D 149 60.45 -22.40 -36.77
CA VAL D 149 60.15 -23.79 -36.43
C VAL D 149 61.35 -24.48 -35.90
N VAL D 150 61.16 -25.14 -34.77
CA VAL D 150 62.23 -25.91 -34.14
C VAL D 150 61.98 -27.43 -34.15
N GLU D 151 61.21 -27.98 -33.21
CA GLU D 151 61.02 -29.43 -33.19
C GLU D 151 59.92 -29.80 -34.14
N ALA D 152 59.68 -31.09 -34.26
CA ALA D 152 58.46 -31.57 -34.85
C ALA D 152 57.84 -32.50 -33.82
N GLY D 153 56.52 -32.62 -33.83
CA GLY D 153 55.81 -33.41 -32.84
C GLY D 153 54.94 -34.38 -33.58
N THR D 154 53.73 -34.57 -33.08
CA THR D 154 52.83 -35.56 -33.65
C THR D 154 51.62 -34.86 -34.23
N PHE D 155 50.50 -35.34 -33.73
CA PHE D 155 49.20 -34.96 -34.20
C PHE D 155 48.30 -34.64 -33.03
N GLU D 156 48.18 -33.33 -32.80
CA GLU D 156 47.14 -32.78 -31.96
C GLU D 156 46.07 -33.85 -31.98
N ALA D 157 45.66 -34.35 -30.83
CA ALA D 157 44.68 -35.39 -30.92
C ALA D 157 43.41 -35.08 -30.13
N VAL D 158 42.89 -33.87 -30.32
CA VAL D 158 41.70 -33.39 -29.60
C VAL D 158 41.00 -32.17 -30.21
N GLY D 159 39.66 -32.16 -30.13
CA GLY D 159 38.91 -31.04 -30.69
C GLY D 159 37.60 -31.50 -31.25
N GLU D 160 37.22 -30.95 -32.41
CA GLU D 160 35.93 -31.28 -33.04
C GLU D 160 35.92 -32.69 -33.65
N ILE D 161 34.83 -33.42 -33.41
CA ILE D 161 34.65 -34.69 -34.05
C ILE D 161 33.61 -34.58 -35.08
N SER D 162 34.04 -34.80 -36.31
CA SER D 162 33.12 -34.85 -37.42
C SER D 162 33.05 -36.29 -37.96
N THR D 163 31.99 -36.60 -38.71
CA THR D 163 31.90 -37.85 -39.46
C THR D 163 32.15 -37.50 -40.94
N LEU D 164 32.57 -38.46 -41.76
CA LEU D 164 32.94 -38.10 -43.12
C LEU D 164 32.01 -38.73 -44.15
N ARG D 165 31.76 -38.02 -45.25
CA ARG D 165 30.77 -38.47 -46.22
C ARG D 165 31.38 -39.08 -47.46
N GLU D 166 32.55 -38.59 -47.85
CA GLU D 166 33.37 -39.25 -48.88
C GLU D 166 34.75 -38.62 -49.05
N ILE D 167 35.62 -39.30 -49.79
CA ILE D 167 36.93 -38.77 -50.11
C ILE D 167 36.77 -37.96 -51.39
N LEU D 168 37.87 -37.57 -51.99
CA LEU D 168 37.81 -36.79 -53.21
C LEU D 168 38.64 -37.35 -54.36
N ALA D 169 38.41 -36.77 -55.53
CA ALA D 169 39.23 -37.03 -56.67
C ALA D 169 40.65 -36.87 -56.22
N ASP D 170 40.92 -35.74 -55.57
CA ASP D 170 42.25 -35.41 -55.03
C ASP D 170 42.81 -36.50 -54.09
N GLY D 171 41.91 -37.20 -53.39
CA GLY D 171 42.30 -38.23 -52.41
C GLY D 171 43.11 -37.68 -51.25
N HIS D 172 43.44 -36.40 -51.36
CA HIS D 172 44.10 -35.67 -50.32
C HIS D 172 43.07 -34.90 -49.49
N ARG D 173 41.82 -34.84 -49.94
CA ARG D 173 40.81 -33.97 -49.33
C ARG D 173 39.51 -34.69 -49.08
N ALA D 174 38.77 -34.28 -48.05
CA ALA D 174 37.50 -34.92 -47.80
C ALA D 174 36.39 -34.04 -47.28
N LEU D 175 35.17 -34.51 -47.57
CA LEU D 175 33.96 -33.87 -47.14
C LEU D 175 33.64 -34.42 -45.78
N VAL D 176 33.62 -33.52 -44.79
CA VAL D 176 33.28 -33.86 -43.42
C VAL D 176 32.02 -33.15 -43.00
N VAL D 177 31.12 -33.87 -42.34
CA VAL D 177 29.98 -33.24 -41.73
C VAL D 177 30.20 -33.23 -40.24
N GLY D 178 30.24 -32.02 -39.68
CA GLY D 178 30.34 -31.82 -38.24
C GLY D 178 29.03 -32.18 -37.57
N HIS D 179 28.56 -31.29 -36.71
CA HIS D 179 27.40 -31.58 -35.87
C HIS D 179 26.06 -31.08 -36.44
N ALA D 180 25.91 -29.76 -36.56
CA ALA D 180 24.67 -29.14 -37.04
C ALA D 180 24.51 -29.29 -38.56
N ASP D 181 24.91 -30.46 -39.05
CA ASP D 181 24.85 -30.81 -40.46
C ASP D 181 25.62 -29.81 -41.35
N GLU D 182 26.67 -29.23 -40.79
CA GLU D 182 27.63 -28.38 -41.49
C GLU D 182 28.65 -29.23 -42.24
N GLU D 183 28.79 -29.02 -43.52
CA GLU D 183 29.68 -29.85 -44.27
C GLU D 183 30.91 -29.03 -44.62
N ARG D 184 32.10 -29.51 -44.23
CA ARG D 184 33.32 -28.75 -44.50
C ARG D 184 34.32 -29.50 -45.37
N VAL D 185 35.44 -28.86 -45.65
CA VAL D 185 36.43 -29.49 -46.44
C VAL D 185 37.76 -29.32 -45.76
N VAL D 186 38.30 -30.44 -45.31
CA VAL D 186 39.65 -30.52 -44.75
C VAL D 186 40.55 -31.34 -45.65
N TRP D 187 41.86 -31.23 -45.46
CA TRP D 187 42.78 -32.28 -45.95
C TRP D 187 42.99 -33.30 -44.82
N LEU D 188 43.57 -34.46 -45.19
CA LEU D 188 43.86 -35.52 -44.25
C LEU D 188 45.34 -35.63 -44.19
N ALA D 189 45.86 -35.62 -42.99
CA ALA D 189 47.29 -35.79 -42.78
C ALA D 189 47.62 -37.22 -43.11
N ASP D 190 48.85 -37.40 -43.59
CA ASP D 190 49.26 -38.63 -44.27
C ASP D 190 48.67 -39.86 -43.65
N PRO D 191 48.94 -40.08 -42.36
CA PRO D 191 48.53 -41.30 -41.69
C PRO D 191 47.04 -41.66 -41.85
N LEU D 192 46.52 -41.53 -43.08
CA LEU D 192 45.19 -42.06 -43.42
C LEU D 192 45.21 -42.45 -44.90
N ILE D 193 46.17 -41.84 -45.60
CA ILE D 193 46.60 -42.29 -46.91
C ILE D 193 48.16 -42.45 -47.01
N ALA D 194 48.74 -43.16 -46.04
CA ALA D 194 49.98 -43.88 -46.28
C ALA D 194 49.44 -45.17 -46.90
N GLU D 195 50.04 -45.57 -48.03
CA GLU D 195 49.62 -46.77 -48.81
C GLU D 195 49.44 -48.05 -47.94
N ASP D 196 50.47 -48.30 -47.09
CA ASP D 196 50.63 -49.48 -46.21
C ASP D 196 49.49 -49.72 -45.18
N LEU D 197 48.24 -49.55 -45.63
CA LEU D 197 47.12 -49.77 -44.75
C LEU D 197 46.28 -50.92 -45.27
N PRO D 198 45.88 -51.80 -44.36
CA PRO D 198 44.97 -52.94 -44.58
C PRO D 198 43.61 -52.54 -45.13
N ASP D 199 42.94 -53.45 -45.84
CA ASP D 199 41.66 -53.15 -46.51
C ASP D 199 40.41 -53.63 -45.73
N GLY D 200 40.55 -53.77 -44.41
CA GLY D 200 39.38 -53.85 -43.50
C GLY D 200 38.70 -55.17 -43.11
N LEU D 201 37.98 -55.78 -44.05
CA LEU D 201 36.94 -56.82 -43.79
C LEU D 201 35.74 -56.19 -42.99
N PRO D 202 34.48 -56.70 -43.19
CA PRO D 202 33.29 -56.09 -42.53
C PRO D 202 33.32 -56.01 -40.96
N GLU D 203 32.36 -55.27 -40.37
CA GLU D 203 32.26 -55.13 -38.88
C GLU D 203 31.03 -55.82 -38.18
N ALA D 204 30.72 -57.06 -38.61
CA ALA D 204 29.77 -57.98 -37.94
C ALA D 204 30.41 -59.30 -37.37
N LEU D 205 31.76 -59.41 -37.49
CA LEU D 205 32.66 -60.25 -36.61
C LEU D 205 33.61 -59.30 -35.80
N ASN D 206 33.13 -58.98 -34.58
CA ASN D 206 33.34 -57.72 -33.77
C ASN D 206 34.48 -56.69 -34.00
N ASP D 207 34.79 -55.97 -32.91
CA ASP D 207 35.48 -54.65 -32.91
C ASP D 207 36.94 -54.65 -33.33
N ASP D 208 37.15 -54.32 -34.61
CA ASP D 208 38.49 -54.21 -35.21
C ASP D 208 39.19 -52.89 -34.75
N THR D 209 38.85 -51.75 -35.36
CA THR D 209 39.38 -50.47 -34.90
C THR D 209 40.90 -50.56 -34.70
N ARG D 210 41.51 -51.20 -35.68
CA ARG D 210 42.93 -51.41 -35.73
C ARG D 210 43.30 -50.70 -37.02
N PRO D 211 44.39 -49.89 -37.02
CA PRO D 211 44.81 -49.05 -38.15
C PRO D 211 44.30 -49.52 -39.53
N ARG D 212 43.23 -48.87 -40.03
CA ARG D 212 42.60 -49.25 -41.32
C ARG D 212 42.55 -48.14 -42.41
N LYS D 213 42.06 -48.55 -43.59
CA LYS D 213 41.89 -47.67 -44.74
C LYS D 213 40.53 -47.00 -44.64
N LEU D 214 40.52 -45.75 -45.08
CA LEU D 214 39.46 -44.80 -44.76
C LEU D 214 38.08 -45.07 -45.36
N ARG D 215 37.17 -45.47 -44.48
CA ARG D 215 35.87 -45.97 -44.91
C ARG D 215 34.76 -44.92 -44.76
N PRO D 216 33.85 -44.83 -45.76
CA PRO D 216 32.78 -43.84 -45.76
C PRO D 216 31.70 -44.03 -44.69
N GLY D 217 32.06 -43.80 -43.44
CA GLY D 217 31.09 -43.88 -42.36
C GLY D 217 31.73 -43.64 -41.01
N ASP D 218 33.06 -43.60 -41.02
CA ASP D 218 33.84 -43.49 -39.79
C ASP D 218 33.77 -42.10 -39.20
N SER D 219 34.38 -41.96 -38.04
CA SER D 219 34.42 -40.68 -37.37
C SER D 219 35.85 -40.18 -37.35
N LEU D 220 36.04 -38.94 -37.82
CA LEU D 220 37.36 -38.32 -37.83
C LEU D 220 37.44 -37.10 -36.94
N LEU D 221 38.65 -36.82 -36.51
CA LEU D 221 38.86 -35.81 -35.53
C LEU D 221 39.54 -34.67 -36.22
N VAL D 222 38.94 -33.49 -36.20
CA VAL D 222 39.41 -32.41 -37.07
C VAL D 222 39.74 -31.08 -36.36
N ASP D 223 40.56 -30.25 -37.00
CA ASP D 223 40.79 -28.86 -36.54
C ASP D 223 40.17 -27.91 -37.56
N THR D 224 38.85 -27.89 -37.53
CA THR D 224 38.04 -27.04 -38.39
C THR D 224 38.78 -25.81 -38.81
N LYS D 225 39.42 -25.18 -37.85
CA LYS D 225 39.97 -23.87 -38.10
C LYS D 225 41.28 -23.89 -38.84
N ALA D 226 41.80 -25.05 -39.19
CA ALA D 226 43.05 -25.03 -39.89
C ALA D 226 42.86 -25.67 -41.22
N GLY D 227 42.20 -26.81 -41.21
CA GLY D 227 41.86 -27.49 -42.44
C GLY D 227 42.23 -28.95 -42.45
N TYR D 228 42.41 -29.54 -41.29
CA TYR D 228 42.91 -30.89 -41.28
C TYR D 228 42.15 -31.87 -40.44
N ALA D 229 42.09 -33.08 -40.95
CA ALA D 229 41.73 -34.23 -40.16
C ALA D 229 43.01 -34.77 -39.54
N PHE D 230 42.88 -35.76 -38.65
CA PHE D 230 44.03 -36.19 -37.87
C PHE D 230 44.07 -37.69 -37.58
N GLU D 231 42.94 -38.31 -37.25
CA GLU D 231 42.93 -39.77 -37.04
C GLU D 231 41.55 -40.43 -36.93
N ARG D 232 41.56 -41.77 -37.03
CA ARG D 232 40.39 -42.64 -36.98
C ARG D 232 39.78 -42.61 -35.59
N ILE D 233 38.80 -43.46 -35.33
CA ILE D 233 38.12 -43.54 -34.02
C ILE D 233 36.93 -44.50 -34.04
N PRO D 234 36.82 -45.33 -33.00
CA PRO D 234 35.66 -46.22 -32.86
C PRO D 234 34.39 -45.53 -32.38
N LEU D 235 33.26 -45.93 -32.93
CA LEU D 235 31.97 -45.70 -32.28
C LEU D 235 31.33 -47.08 -32.17
N VAL D 236 30.82 -47.43 -30.97
CA VAL D 236 29.93 -48.60 -30.83
C VAL D 236 28.48 -48.19 -30.52
N PRO D 237 27.49 -48.73 -31.30
CA PRO D 237 26.03 -48.74 -30.99
C PRO D 237 25.39 -50.13 -30.64
N SER E 52 70.68 65.99 -71.62
CA SER E 52 70.63 65.53 -70.21
C SER E 52 69.21 65.23 -69.73
N ALA E 53 68.20 65.46 -70.54
CA ALA E 53 66.82 65.14 -70.14
C ALA E 53 66.54 63.65 -70.29
N ARG E 54 66.97 63.09 -71.42
CA ARG E 54 66.93 61.65 -71.62
C ARG E 54 67.36 60.96 -70.33
N ASP E 55 68.46 61.45 -69.75
CA ASP E 55 69.04 60.85 -68.55
C ASP E 55 68.02 60.61 -67.45
N ILE E 56 67.29 61.65 -67.05
CA ILE E 56 66.31 61.47 -65.99
C ILE E 56 65.25 60.51 -66.47
N HIS E 57 64.65 60.80 -67.62
CA HIS E 57 63.63 59.92 -68.15
C HIS E 57 63.93 58.45 -67.98
N GLN E 58 65.12 58.05 -68.40
CA GLN E 58 65.57 56.67 -68.35
C GLN E 58 65.42 56.08 -66.96
N LEU E 59 65.66 56.89 -65.94
CA LEU E 59 65.51 56.42 -64.58
C LEU E 59 64.05 56.39 -64.21
N GLU E 60 63.39 57.55 -64.32
CA GLU E 60 61.97 57.66 -64.01
C GLU E 60 61.24 56.48 -64.62
N ALA E 61 61.70 56.02 -65.78
CA ALA E 61 61.03 54.92 -66.46
C ALA E 61 61.44 53.52 -66.01
N ARG E 62 62.66 53.36 -65.50
CA ARG E 62 63.01 52.10 -64.84
C ARG E 62 62.28 52.04 -63.52
N ILE E 63 62.35 53.10 -62.71
CA ILE E 63 61.64 53.12 -61.44
C ILE E 63 60.18 52.74 -61.62
N ASP E 64 59.44 53.59 -62.34
CA ASP E 64 58.02 53.39 -62.53
C ASP E 64 57.69 51.98 -63.14
N SER E 65 58.68 51.28 -63.70
CA SER E 65 58.46 49.91 -64.25
C SER E 65 59.07 48.74 -63.44
N LEU E 66 59.80 49.05 -62.37
CA LEU E 66 60.22 48.04 -61.41
C LEU E 66 59.25 48.12 -60.25
N ALA E 67 58.71 49.32 -60.04
CA ALA E 67 57.70 49.58 -59.01
C ALA E 67 56.50 48.69 -59.18
N ALA E 68 56.01 48.63 -60.41
CA ALA E 68 54.82 47.87 -60.66
C ALA E 68 55.12 46.39 -60.88
N ARG E 69 56.37 46.04 -61.18
CA ARG E 69 56.69 44.65 -61.02
C ARG E 69 56.71 44.34 -59.51
N ASN E 70 57.23 45.25 -58.69
CA ASN E 70 57.20 45.05 -57.23
C ASN E 70 55.80 44.66 -56.78
N SER E 71 54.86 45.58 -56.94
CA SER E 71 53.50 45.36 -56.49
C SER E 71 52.86 44.06 -57.01
N LYS E 72 53.11 43.69 -58.26
CA LYS E 72 52.55 42.45 -58.76
C LYS E 72 53.09 41.28 -57.93
N LEU E 73 54.38 41.29 -57.65
CA LEU E 73 55.03 40.17 -56.96
C LEU E 73 54.58 40.13 -55.52
N MET E 74 54.44 41.30 -54.92
CA MET E 74 53.78 41.41 -53.62
C MET E 74 52.55 40.54 -53.53
N GLU E 75 51.48 41.03 -54.13
CA GLU E 75 50.17 40.41 -54.04
C GLU E 75 50.20 38.95 -54.49
N THR E 76 50.86 38.65 -55.61
CA THR E 76 50.87 37.26 -56.08
C THR E 76 51.71 36.37 -55.15
N LEU E 77 52.41 36.98 -54.20
CA LEU E 77 53.20 36.25 -53.17
C LEU E 77 52.47 36.14 -51.85
N LYS E 78 51.66 37.13 -51.57
CA LYS E 78 50.68 36.96 -50.53
C LYS E 78 49.77 35.78 -50.90
N GLU E 79 49.09 35.85 -52.06
CA GLU E 79 48.11 34.82 -52.47
C GLU E 79 48.64 33.38 -52.37
N ALA E 80 49.96 33.23 -52.27
CA ALA E 80 50.48 31.93 -51.95
C ALA E 80 50.76 31.78 -50.46
N ARG E 81 50.52 32.80 -49.66
CA ARG E 81 50.49 32.58 -48.23
C ARG E 81 49.13 32.13 -47.68
N GLN E 82 48.04 32.73 -48.15
CA GLN E 82 46.67 32.29 -47.77
C GLN E 82 46.40 30.83 -48.21
N GLN E 83 47.19 30.37 -49.17
CA GLN E 83 47.06 29.03 -49.66
C GLN E 83 48.03 28.08 -48.95
N LEU E 84 49.19 28.60 -48.56
CA LEU E 84 50.21 27.81 -47.88
C LEU E 84 50.00 27.89 -46.38
N LEU E 85 48.92 28.55 -45.97
CA LEU E 85 48.59 28.63 -44.54
C LEU E 85 47.40 27.79 -44.17
N ALA E 86 46.27 28.10 -44.79
CA ALA E 86 45.09 27.25 -44.69
C ALA E 86 45.35 25.79 -45.13
N LEU E 87 46.33 25.58 -46.02
CA LEU E 87 46.77 24.21 -46.36
C LEU E 87 47.64 23.64 -45.26
N ARG E 88 48.38 24.50 -44.56
CA ARG E 88 49.22 24.01 -43.50
C ARG E 88 48.42 23.50 -42.30
N GLU E 89 47.55 24.34 -41.73
CA GLU E 89 46.79 23.99 -40.51
C GLU E 89 45.84 22.77 -40.63
N GLU E 90 45.53 22.38 -41.88
CA GLU E 90 44.71 21.20 -42.18
C GLU E 90 45.52 19.91 -42.13
N VAL E 91 46.81 20.07 -41.87
CA VAL E 91 47.75 18.98 -41.75
C VAL E 91 48.23 18.89 -40.30
N ASP E 92 48.06 20.01 -39.58
CA ASP E 92 48.25 20.06 -38.11
C ASP E 92 47.07 19.44 -37.33
N ARG E 93 45.87 19.49 -37.93
CA ARG E 93 44.71 18.76 -37.45
C ARG E 93 44.81 17.27 -37.79
N LEU E 94 45.43 16.94 -38.93
CA LEU E 94 45.65 15.53 -39.31
C LEU E 94 46.80 14.90 -38.54
N GLY E 95 47.23 15.63 -37.49
CA GLY E 95 48.29 15.21 -36.58
C GLY E 95 47.81 14.84 -35.20
N GLN E 96 46.92 15.68 -34.65
CA GLN E 96 46.22 15.37 -33.41
C GLN E 96 45.40 14.08 -33.59
N PRO E 97 45.55 13.14 -32.64
CA PRO E 97 44.87 11.83 -32.65
C PRO E 97 43.35 11.87 -32.72
N PRO E 98 42.75 10.70 -33.01
CA PRO E 98 41.35 10.47 -33.25
C PRO E 98 40.54 10.28 -31.99
N SER E 99 39.22 10.27 -32.17
CA SER E 99 38.27 10.24 -31.07
C SER E 99 37.73 8.83 -30.83
N GLY E 100 37.14 8.60 -29.66
CA GLY E 100 36.53 7.32 -29.31
C GLY E 100 35.08 7.36 -28.85
N TYR E 101 34.33 6.33 -29.22
CA TYR E 101 32.95 6.20 -28.81
C TYR E 101 32.76 4.98 -27.90
N GLY E 102 32.03 5.16 -26.81
CA GLY E 102 31.69 4.08 -25.89
C GLY E 102 30.40 4.41 -25.16
N VAL E 103 29.75 3.42 -24.58
CA VAL E 103 28.46 3.65 -23.91
C VAL E 103 28.61 3.73 -22.39
N LEU E 104 27.84 4.63 -21.79
CA LEU E 104 27.90 4.95 -20.37
C LEU E 104 27.03 4.05 -19.53
N LEU E 105 27.54 3.60 -18.40
CA LEU E 105 26.72 2.78 -17.56
C LEU E 105 26.03 3.61 -16.50
N ALA E 106 26.63 3.71 -15.31
CA ALA E 106 26.12 4.58 -14.25
C ALA E 106 27.08 5.75 -13.99
N THR E 107 26.64 6.69 -13.16
CA THR E 107 27.50 7.79 -12.73
C THR E 107 27.98 7.49 -11.32
N HIS E 108 29.28 7.59 -11.10
CA HIS E 108 29.73 7.62 -9.73
C HIS E 108 29.80 9.10 -9.25
N ASP E 109 29.88 9.29 -7.92
CA ASP E 109 29.72 10.60 -7.25
C ASP E 109 30.88 11.64 -7.41
N ASP E 110 32.13 11.20 -7.59
CA ASP E 110 33.22 12.12 -7.93
C ASP E 110 32.91 12.66 -9.31
N ASP E 111 33.94 12.72 -10.13
CA ASP E 111 33.76 13.00 -11.53
C ASP E 111 34.11 11.74 -12.29
N THR E 112 33.81 10.60 -11.68
CA THR E 112 34.11 9.32 -12.28
C THR E 112 32.85 8.76 -12.89
N VAL E 113 33.01 8.10 -14.02
CA VAL E 113 31.89 7.46 -14.68
C VAL E 113 32.21 6.11 -15.28
N ASP E 114 31.19 5.26 -15.29
CA ASP E 114 31.27 3.92 -15.83
C ASP E 114 30.83 3.87 -17.29
N VAL E 115 31.77 3.63 -18.18
CA VAL E 115 31.49 3.46 -19.59
C VAL E 115 32.04 2.14 -20.13
N PHE E 116 31.30 1.58 -21.09
CA PHE E 116 31.73 0.45 -21.90
C PHE E 116 32.54 1.10 -22.98
N THR E 117 33.43 0.36 -23.63
CA THR E 117 34.08 0.93 -24.80
C THR E 117 34.73 -0.03 -25.81
N SER E 118 36.01 -0.32 -25.66
CA SER E 118 36.64 -1.31 -26.52
C SER E 118 36.38 -2.61 -25.80
N GLY E 119 35.28 -3.24 -26.18
CA GLY E 119 34.89 -4.53 -25.62
C GLY E 119 34.53 -4.60 -24.15
N ARG E 120 35.19 -3.81 -23.28
CA ARG E 120 35.09 -3.97 -21.82
C ARG E 120 34.37 -2.84 -21.07
N LYS E 121 34.62 -2.77 -19.76
CA LYS E 121 33.91 -1.88 -18.90
C LYS E 121 34.96 -1.10 -18.16
N MET E 122 34.94 0.21 -18.28
CA MET E 122 35.98 0.99 -17.61
C MET E 122 35.49 2.31 -16.97
N ARG E 123 36.11 2.67 -15.85
CA ARG E 123 35.89 3.97 -15.21
C ARG E 123 37.03 4.93 -15.51
N LEU E 124 36.67 6.18 -15.81
CA LEU E 124 37.65 7.21 -16.17
C LEU E 124 37.12 8.61 -15.89
N THR E 125 38.03 9.60 -15.92
CA THR E 125 37.74 10.98 -15.54
C THR E 125 36.95 11.82 -16.57
N CYS E 126 36.45 12.95 -16.08
CA CYS E 126 35.67 13.93 -16.82
C CYS E 126 36.33 15.29 -16.89
N SER E 127 36.62 15.74 -18.11
CA SER E 127 37.29 17.03 -18.35
C SER E 127 36.40 18.12 -17.81
N PRO E 128 37.03 19.19 -17.29
CA PRO E 128 36.32 20.42 -16.91
C PRO E 128 35.01 20.66 -17.71
N ASN E 129 35.15 20.95 -19.01
CA ASN E 129 34.07 21.38 -19.93
C ASN E 129 32.79 20.53 -20.05
N ILE E 130 32.66 19.50 -19.22
CA ILE E 130 31.42 18.77 -19.18
C ILE E 130 30.80 18.56 -17.79
N ASP E 131 29.47 18.42 -17.83
CA ASP E 131 28.56 18.54 -16.69
C ASP E 131 28.71 17.37 -15.71
N ALA E 132 29.36 17.63 -14.58
CA ALA E 132 29.66 16.59 -13.58
C ALA E 132 28.68 15.38 -13.56
N ALA E 133 27.37 15.66 -13.57
CA ALA E 133 26.33 14.63 -13.41
C ALA E 133 25.23 14.68 -14.47
N SER E 134 24.93 15.87 -14.98
CA SER E 134 23.76 16.08 -15.85
C SER E 134 23.88 15.52 -17.27
N LEU E 135 24.58 14.39 -17.38
CA LEU E 135 24.55 13.56 -18.57
C LEU E 135 23.88 12.24 -18.21
N LYS E 136 22.86 11.91 -18.98
CA LYS E 136 21.80 10.97 -18.59
C LYS E 136 22.25 9.50 -18.57
N LYS E 137 21.40 8.61 -18.04
CA LYS E 137 21.73 7.19 -17.96
C LYS E 137 22.07 6.55 -19.29
N GLY E 138 23.36 6.35 -19.53
CA GLY E 138 23.82 5.58 -20.65
C GLY E 138 23.39 6.18 -21.96
N GLN E 139 24.11 7.21 -22.35
CA GLN E 139 24.01 7.69 -23.70
C GLN E 139 25.32 7.34 -24.38
N THR E 140 25.35 7.47 -25.69
CA THR E 140 26.59 7.39 -26.42
C THR E 140 27.43 8.57 -25.93
N VAL E 141 28.70 8.37 -25.63
CA VAL E 141 29.55 9.51 -25.28
C VAL E 141 30.90 9.36 -25.93
N ARG E 142 31.80 10.32 -25.75
CA ARG E 142 32.99 10.38 -26.59
C ARG E 142 34.29 10.42 -25.80
N LEU E 143 35.35 9.94 -26.43
CA LEU E 143 36.62 9.72 -25.77
C LEU E 143 37.76 10.25 -26.55
N ASN E 144 38.84 10.55 -25.85
CA ASN E 144 40.00 11.14 -26.49
C ASN E 144 41.02 10.08 -26.79
N GLU E 145 42.28 10.46 -26.69
CA GLU E 145 43.37 9.52 -26.65
C GLU E 145 43.28 8.77 -25.34
N ALA E 146 44.09 9.18 -24.35
CA ALA E 146 44.25 8.42 -23.09
C ALA E 146 42.95 8.32 -22.28
N LEU E 147 41.85 8.18 -23.02
CA LEU E 147 40.52 7.81 -22.49
C LEU E 147 40.04 8.73 -21.36
N THR E 148 39.67 9.94 -21.74
CA THR E 148 38.97 10.85 -20.85
C THR E 148 37.83 11.39 -21.69
N VAL E 149 36.73 11.75 -21.06
CA VAL E 149 35.49 12.09 -21.77
C VAL E 149 35.39 13.55 -22.17
N VAL E 150 34.78 13.85 -23.31
CA VAL E 150 34.63 15.24 -23.75
C VAL E 150 33.22 15.65 -24.05
N GLU E 151 32.43 14.75 -24.62
CA GLU E 151 31.18 15.22 -25.17
C GLU E 151 30.00 14.36 -24.78
N ALA E 152 28.82 14.99 -24.78
CA ALA E 152 27.55 14.30 -24.65
C ALA E 152 27.02 13.90 -26.03
N GLY E 153 26.27 12.79 -26.11
CA GLY E 153 25.81 12.27 -27.40
C GLY E 153 24.33 11.97 -27.43
N THR E 154 23.95 10.93 -28.18
CA THR E 154 22.56 10.56 -28.35
C THR E 154 22.31 9.19 -27.80
N PHE E 155 21.62 8.40 -28.60
CA PHE E 155 21.25 7.05 -28.24
C PHE E 155 21.42 6.09 -29.42
N GLU E 156 22.66 5.65 -29.64
CA GLU E 156 22.95 4.70 -30.70
C GLU E 156 21.74 3.81 -30.78
N ALA E 157 20.94 3.96 -31.81
CA ALA E 157 19.74 3.20 -31.81
C ALA E 157 19.83 2.17 -32.91
N VAL E 158 20.71 1.19 -32.71
CA VAL E 158 20.94 0.15 -33.70
C VAL E 158 21.61 -1.08 -33.12
N GLY E 159 21.06 -2.25 -33.38
CA GLY E 159 21.63 -3.44 -32.79
C GLY E 159 20.54 -4.43 -32.60
N GLU E 160 20.57 -5.11 -31.46
CA GLU E 160 19.65 -6.25 -31.20
C GLU E 160 18.25 -5.81 -30.69
N ILE E 161 17.25 -6.62 -31.02
CA ILE E 161 15.88 -6.36 -30.62
C ILE E 161 15.37 -7.51 -29.81
N SER E 162 14.88 -7.19 -28.62
CA SER E 162 14.31 -8.17 -27.70
C SER E 162 12.88 -7.78 -27.35
N THR E 163 12.13 -8.68 -26.73
CA THR E 163 10.87 -8.27 -26.11
C THR E 163 11.07 -8.21 -24.63
N LEU E 164 10.31 -7.33 -23.99
CA LEU E 164 10.49 -7.01 -22.58
C LEU E 164 9.49 -7.70 -21.71
N ARG E 165 9.98 -8.64 -20.92
CA ARG E 165 9.13 -9.50 -20.13
C ARG E 165 8.56 -8.76 -18.95
N GLU E 166 9.36 -8.50 -17.92
CA GLU E 166 8.90 -7.59 -16.85
C GLU E 166 10.02 -6.68 -16.47
N ILE E 167 9.69 -5.57 -15.81
CA ILE E 167 10.71 -4.66 -15.36
C ILE E 167 11.13 -5.26 -14.07
N LEU E 168 12.20 -4.73 -13.52
CA LEU E 168 12.73 -5.28 -12.30
C LEU E 168 12.23 -4.65 -11.00
N ALA E 169 12.37 -5.41 -9.92
CA ALA E 169 12.31 -4.91 -8.56
C ALA E 169 12.61 -3.42 -8.48
N ASP E 170 13.85 -3.01 -8.68
CA ASP E 170 14.22 -1.62 -8.43
C ASP E 170 14.17 -0.67 -9.64
N GLY E 171 13.17 -0.86 -10.49
CA GLY E 171 12.82 0.12 -11.53
C GLY E 171 13.99 0.73 -12.28
N HIS E 172 14.99 -0.11 -12.53
CA HIS E 172 16.20 0.26 -13.26
C HIS E 172 16.66 -0.80 -14.30
N ARG E 173 16.17 -2.02 -14.13
CA ARG E 173 16.72 -3.13 -14.85
C ARG E 173 15.56 -3.96 -15.35
N ALA E 174 15.82 -4.82 -16.33
CA ALA E 174 14.78 -5.68 -16.84
C ALA E 174 15.21 -7.02 -17.45
N LEU E 175 14.28 -7.96 -17.38
CA LEU E 175 14.40 -9.25 -17.96
C LEU E 175 13.93 -9.11 -19.37
N VAL E 176 14.77 -9.50 -20.33
CA VAL E 176 14.34 -9.63 -21.73
C VAL E 176 14.67 -10.97 -22.33
N VAL E 177 13.77 -11.42 -23.19
CA VAL E 177 14.08 -12.53 -24.05
C VAL E 177 14.76 -11.88 -25.22
N GLY E 178 15.77 -12.58 -25.75
CA GLY E 178 16.53 -12.19 -26.95
C GLY E 178 15.93 -12.82 -28.17
N HIS E 179 16.75 -13.27 -29.12
CA HIS E 179 16.21 -13.78 -30.37
C HIS E 179 15.98 -15.30 -30.32
N ALA E 180 17.04 -16.05 -30.09
CA ALA E 180 16.86 -17.42 -29.68
C ALA E 180 16.49 -17.25 -28.24
N ASP E 181 15.48 -18.00 -27.79
CA ASP E 181 14.98 -17.88 -26.42
C ASP E 181 16.13 -17.86 -25.43
N GLU E 182 16.60 -16.68 -25.06
CA GLU E 182 17.56 -16.54 -23.96
C GLU E 182 17.15 -15.37 -23.12
N GLU E 183 17.21 -15.56 -21.82
CA GLU E 183 16.76 -14.53 -20.93
C GLU E 183 17.99 -13.73 -20.55
N ARG E 184 17.90 -12.39 -20.62
CA ARG E 184 19.01 -11.51 -20.23
C ARG E 184 18.60 -10.33 -19.35
N VAL E 185 19.58 -9.67 -18.77
CA VAL E 185 19.28 -8.60 -17.86
C VAL E 185 20.08 -7.39 -18.23
N VAL E 186 19.36 -6.34 -18.61
CA VAL E 186 19.92 -5.10 -19.13
C VAL E 186 19.43 -4.03 -18.17
N TRP E 187 20.18 -2.92 -17.98
CA TRP E 187 19.57 -1.74 -17.30
C TRP E 187 18.97 -0.84 -18.37
N LEU E 188 18.09 0.09 -17.98
CA LEU E 188 17.47 0.97 -18.94
C LEU E 188 18.03 2.35 -18.88
N ALA E 189 18.20 2.94 -20.04
CA ALA E 189 18.69 4.28 -20.12
C ALA E 189 17.51 5.21 -19.98
N ASP E 190 17.82 6.40 -19.49
CA ASP E 190 16.79 7.32 -19.03
C ASP E 190 15.47 7.31 -19.78
N PRO E 191 15.47 7.74 -21.06
CA PRO E 191 14.19 7.96 -21.73
C PRO E 191 13.29 6.74 -21.73
N LEU E 192 13.29 6.01 -20.62
CA LEU E 192 12.34 4.92 -20.41
C LEU E 192 11.69 4.96 -19.02
N ILE E 193 12.38 5.59 -18.06
CA ILE E 193 11.85 5.80 -16.69
C ILE E 193 11.62 7.25 -16.22
N ALA E 194 12.28 8.25 -16.84
CA ALA E 194 12.16 9.69 -16.45
C ALA E 194 10.70 10.11 -16.23
N GLU E 195 10.42 10.60 -15.01
CA GLU E 195 9.06 10.77 -14.47
C GLU E 195 7.94 11.04 -15.50
N ASP E 196 8.11 12.11 -16.27
CA ASP E 196 7.09 12.68 -17.17
C ASP E 196 6.68 11.85 -18.40
N LEU E 197 6.21 10.62 -18.18
CA LEU E 197 5.81 9.77 -19.28
C LEU E 197 4.37 9.27 -19.15
N PRO E 198 3.55 9.51 -20.19
CA PRO E 198 2.13 9.07 -20.23
C PRO E 198 1.96 7.56 -20.07
N ASP E 199 0.80 7.11 -19.61
CA ASP E 199 0.42 5.70 -19.70
C ASP E 199 -0.43 5.47 -20.96
N GLY E 200 -0.67 6.56 -21.68
CA GLY E 200 -1.31 6.58 -23.01
C GLY E 200 -2.70 5.94 -23.12
N LEU E 201 -3.40 5.84 -21.98
CA LEU E 201 -4.67 5.05 -21.78
C LEU E 201 -4.44 3.50 -22.00
N PRO E 202 -5.41 2.75 -22.65
CA PRO E 202 -4.95 1.45 -23.21
C PRO E 202 -4.76 1.36 -24.79
N GLU E 203 -5.15 0.22 -25.36
CA GLU E 203 -4.94 -0.10 -26.78
C GLU E 203 -6.22 -0.46 -27.55
N ALA E 204 -7.38 -0.43 -26.87
CA ALA E 204 -8.70 -0.71 -27.47
C ALA E 204 -9.09 0.31 -28.59
N LEU E 205 -8.54 1.54 -28.50
CA LEU E 205 -8.39 2.53 -29.64
C LEU E 205 -6.86 2.71 -29.92
N ASN E 206 -6.48 2.70 -31.21
CA ASN E 206 -5.06 2.44 -31.57
C ASN E 206 -4.29 3.52 -32.36
N ASP E 207 -2.96 3.57 -32.11
CA ASP E 207 -1.95 4.46 -32.76
C ASP E 207 -0.83 4.79 -31.77
N ASP E 208 0.20 3.86 -31.71
CA ASP E 208 1.10 3.85 -30.52
C ASP E 208 2.43 4.46 -30.76
N THR E 209 2.52 4.90 -31.99
CA THR E 209 3.66 5.63 -32.54
C THR E 209 4.31 6.68 -31.58
N ARG E 210 3.56 7.07 -30.56
CA ARG E 210 3.98 8.14 -29.69
C ARG E 210 4.45 7.53 -28.38
N PRO E 211 5.51 8.14 -27.78
CA PRO E 211 6.21 7.80 -26.50
C PRO E 211 5.31 7.39 -25.33
N ARG E 212 5.86 6.67 -24.35
CA ARG E 212 5.09 6.28 -23.18
C ARG E 212 5.89 5.52 -22.16
N LYS E 213 5.18 4.89 -21.23
CA LYS E 213 5.78 4.12 -20.15
C LYS E 213 5.89 2.68 -20.60
N LEU E 214 6.91 2.01 -20.10
CA LEU E 214 7.28 0.70 -20.60
C LEU E 214 6.36 -0.42 -20.21
N ARG E 215 5.57 -0.87 -21.18
CA ARG E 215 4.69 -1.99 -20.96
C ARG E 215 5.44 -3.30 -21.11
N PRO E 216 5.00 -4.32 -20.37
CA PRO E 216 5.52 -5.64 -20.52
C PRO E 216 4.91 -6.23 -21.77
N GLY E 217 5.76 -6.54 -22.73
CA GLY E 217 5.31 -7.06 -24.00
C GLY E 217 5.83 -6.19 -25.11
N ASP E 218 6.64 -5.20 -24.75
CA ASP E 218 7.13 -4.25 -25.72
C ASP E 218 8.37 -4.73 -26.45
N SER E 219 8.77 -3.95 -27.44
CA SER E 219 9.95 -4.21 -28.19
C SER E 219 10.89 -3.13 -27.81
N LEU E 220 12.04 -3.51 -27.29
CA LEU E 220 13.10 -2.54 -27.09
C LEU E 220 14.49 -2.98 -27.54
N LEU E 221 15.32 -1.98 -27.76
CA LEU E 221 16.46 -2.13 -28.58
C LEU E 221 17.66 -2.12 -27.70
N VAL E 222 18.44 -3.18 -27.82
CA VAL E 222 19.39 -3.55 -26.80
C VAL E 222 20.75 -3.94 -27.34
N ASP E 223 21.80 -3.61 -26.59
CA ASP E 223 23.16 -3.96 -26.99
C ASP E 223 23.67 -5.01 -26.02
N THR E 224 23.18 -6.23 -26.21
CA THR E 224 23.46 -7.35 -25.34
C THR E 224 24.79 -7.16 -24.64
N LYS E 225 25.87 -7.02 -25.40
CA LYS E 225 27.18 -6.91 -24.79
C LYS E 225 27.18 -5.85 -23.72
N ALA E 226 26.69 -4.68 -24.05
CA ALA E 226 26.84 -3.59 -23.13
C ALA E 226 26.07 -3.78 -21.85
N GLY E 227 24.76 -3.86 -22.00
CA GLY E 227 23.88 -3.99 -20.87
C GLY E 227 22.71 -3.04 -20.85
N TYR E 228 22.61 -2.19 -21.86
CA TYR E 228 21.58 -1.17 -21.81
C TYR E 228 20.48 -1.30 -22.87
N ALA E 229 19.30 -0.75 -22.57
CA ALA E 229 18.16 -0.72 -23.52
C ALA E 229 17.87 0.70 -23.97
N PHE E 230 17.86 0.92 -25.28
CA PHE E 230 18.02 2.26 -25.78
C PHE E 230 16.74 2.95 -26.23
N GLU E 231 15.64 2.22 -26.37
CA GLU E 231 14.37 2.86 -26.77
C GLU E 231 13.26 1.92 -27.16
N ARG E 232 12.16 2.49 -27.63
CA ARG E 232 10.92 1.78 -27.91
C ARG E 232 10.70 1.54 -29.42
N ILE E 233 9.77 0.65 -29.75
CA ILE E 233 9.48 0.24 -31.12
C ILE E 233 8.06 -0.34 -31.24
N PRO E 234 7.32 0.03 -32.28
CA PRO E 234 6.00 -0.62 -32.55
C PRO E 234 6.03 -2.05 -33.14
N LEU E 235 5.11 -2.94 -32.73
CA LEU E 235 4.61 -4.03 -33.63
C LEU E 235 3.27 -3.58 -34.18
N VAL E 236 3.20 -3.26 -35.48
CA VAL E 236 1.92 -2.87 -36.14
C VAL E 236 1.15 -4.15 -36.65
N PRO E 237 -0.24 -4.16 -36.56
CA PRO E 237 -1.06 -5.01 -37.47
C PRO E 237 -1.52 -4.33 -38.82
N SER F 52 70.31 70.68 -60.89
CA SER F 52 70.79 69.88 -59.72
C SER F 52 71.38 68.50 -60.10
N ALA F 53 72.64 68.27 -59.71
CA ALA F 53 73.33 66.97 -59.82
C ALA F 53 73.04 66.06 -58.58
N ARG F 54 72.00 66.45 -57.82
CA ARG F 54 71.50 65.74 -56.61
C ARG F 54 70.31 64.82 -56.86
N ASP F 55 69.55 65.13 -57.93
CA ASP F 55 68.39 64.34 -58.42
C ASP F 55 68.81 62.99 -59.07
N ILE F 56 69.89 63.02 -59.88
CA ILE F 56 70.49 61.81 -60.47
C ILE F 56 70.97 60.81 -59.39
N HIS F 57 71.65 61.31 -58.36
CA HIS F 57 72.13 60.51 -57.21
C HIS F 57 71.04 60.03 -56.26
N GLN F 58 69.94 60.79 -56.14
CA GLN F 58 68.74 60.41 -55.36
C GLN F 58 67.98 59.21 -55.98
N LEU F 59 68.07 59.07 -57.31
CA LEU F 59 67.38 57.99 -58.03
C LEU F 59 68.20 56.72 -58.20
N GLU F 60 69.46 56.87 -58.59
CA GLU F 60 70.43 55.76 -58.62
C GLU F 60 70.45 55.00 -57.31
N ALA F 61 69.79 55.58 -56.30
CA ALA F 61 69.61 54.98 -54.96
C ALA F 61 68.29 54.22 -54.86
N ARG F 62 67.18 54.88 -55.22
CA ARG F 62 65.88 54.24 -55.17
C ARG F 62 65.83 53.11 -56.17
N ILE F 63 66.57 53.24 -57.27
CA ILE F 63 66.73 52.14 -58.22
C ILE F 63 67.43 50.91 -57.61
N ASP F 64 68.53 51.10 -56.89
CA ASP F 64 69.22 49.98 -56.24
C ASP F 64 68.47 49.56 -54.98
N SER F 65 67.62 50.46 -54.48
CA SER F 65 66.69 50.15 -53.41
C SER F 65 65.70 49.08 -53.88
N LEU F 66 64.98 49.37 -54.96
CA LEU F 66 63.99 48.43 -55.49
C LEU F 66 64.58 47.12 -56.01
N ALA F 67 65.70 47.23 -56.73
CA ALA F 67 66.41 46.07 -57.28
C ALA F 67 66.86 45.11 -56.19
N ALA F 68 66.94 45.62 -54.96
CA ALA F 68 67.30 44.84 -53.77
C ALA F 68 66.13 44.04 -53.25
N ARG F 69 65.00 44.70 -53.04
CA ARG F 69 63.82 43.98 -52.61
C ARG F 69 63.34 43.05 -53.71
N ASN F 70 63.45 43.48 -54.96
CA ASN F 70 63.02 42.66 -56.11
C ASN F 70 63.78 41.35 -56.28
N SER F 71 65.08 41.36 -56.02
CA SER F 71 65.90 40.15 -56.20
C SER F 71 65.58 39.03 -55.22
N LYS F 72 65.05 39.40 -54.04
CA LYS F 72 64.72 38.44 -52.96
C LYS F 72 63.20 38.22 -52.78
N LEU F 73 62.40 38.96 -53.52
CA LEU F 73 61.01 38.59 -53.66
C LEU F 73 60.94 37.44 -54.65
N MET F 74 61.46 37.65 -55.86
CA MET F 74 61.47 36.63 -56.91
C MET F 74 62.01 35.29 -56.39
N GLU F 75 62.46 35.28 -55.12
CA GLU F 75 63.01 34.08 -54.45
C GLU F 75 62.17 33.50 -53.29
N THR F 76 61.53 34.37 -52.50
CA THR F 76 60.67 33.87 -51.44
C THR F 76 59.53 33.11 -52.10
N LEU F 77 59.04 33.63 -53.24
CA LEU F 77 58.11 32.84 -54.02
C LEU F 77 58.73 31.46 -54.27
N LYS F 78 59.90 31.42 -54.89
CA LYS F 78 60.52 30.11 -55.26
C LYS F 78 60.70 29.16 -54.11
N GLU F 79 60.67 29.68 -52.88
CA GLU F 79 60.76 28.85 -51.69
C GLU F 79 59.38 28.35 -51.25
N ALA F 80 58.45 29.28 -51.08
CA ALA F 80 57.09 28.94 -50.72
C ALA F 80 56.43 28.07 -51.79
N ARG F 81 56.66 28.40 -53.07
CA ARG F 81 56.20 27.59 -54.22
C ARG F 81 56.67 26.13 -54.13
N GLN F 82 57.85 25.92 -53.53
CA GLN F 82 58.36 24.58 -53.28
C GLN F 82 57.61 23.89 -52.15
N GLN F 83 57.28 24.64 -51.11
CA GLN F 83 56.69 24.04 -49.94
C GLN F 83 55.25 23.70 -50.11
N LEU F 84 54.55 24.42 -50.99
CA LEU F 84 53.24 23.93 -51.42
C LEU F 84 53.41 22.66 -52.29
N LEU F 85 54.54 22.53 -52.99
CA LEU F 85 54.80 21.33 -53.80
C LEU F 85 55.31 20.16 -52.92
N ALA F 86 55.54 20.46 -51.63
CA ALA F 86 56.03 19.49 -50.65
C ALA F 86 54.93 19.04 -49.73
N LEU F 87 54.17 20.02 -49.23
CA LEU F 87 52.99 19.74 -48.45
C LEU F 87 52.02 18.88 -49.30
N ARG F 88 51.63 19.37 -50.48
CA ARG F 88 50.69 18.60 -51.34
C ARG F 88 51.27 17.20 -51.57
N GLU F 89 52.58 17.15 -51.80
CA GLU F 89 53.31 15.89 -51.95
C GLU F 89 53.15 14.93 -50.74
N GLU F 90 52.79 15.48 -49.58
CA GLU F 90 52.69 14.73 -48.31
C GLU F 90 51.31 14.20 -48.07
N VAL F 91 50.34 15.04 -48.44
CA VAL F 91 48.96 14.68 -48.41
C VAL F 91 48.72 13.54 -49.39
N ASP F 92 49.33 13.65 -50.57
CA ASP F 92 49.32 12.56 -51.55
C ASP F 92 49.86 11.25 -50.98
N ARG F 93 50.92 11.40 -50.16
CA ARG F 93 51.67 10.28 -49.58
C ARG F 93 50.96 9.58 -48.43
N LEU F 94 49.79 10.10 -48.09
CA LEU F 94 48.92 9.45 -47.12
C LEU F 94 48.20 8.29 -47.78
N GLY F 95 47.51 8.58 -48.88
CA GLY F 95 46.68 7.60 -49.59
C GLY F 95 47.46 6.40 -50.07
N GLN F 96 48.77 6.57 -50.14
CA GLN F 96 49.67 5.49 -50.44
C GLN F 96 49.49 4.38 -49.40
N PRO F 97 49.33 3.14 -49.88
CA PRO F 97 49.29 1.94 -49.05
C PRO F 97 50.53 1.80 -48.17
N PRO F 98 50.53 0.88 -47.20
CA PRO F 98 49.46 -0.05 -46.84
C PRO F 98 48.24 0.67 -46.26
N SER F 99 47.03 0.18 -46.57
CA SER F 99 45.81 0.92 -46.27
C SER F 99 44.59 0.08 -46.04
N GLY F 100 43.79 0.51 -45.09
CA GLY F 100 42.61 -0.23 -44.63
C GLY F 100 41.28 0.46 -44.82
N TYR F 101 40.21 -0.24 -44.46
CA TYR F 101 38.85 0.14 -44.82
C TYR F 101 37.92 0.25 -43.63
N GLY F 102 36.63 -0.04 -43.84
CA GLY F 102 35.58 0.16 -42.83
C GLY F 102 34.51 1.22 -43.16
N VAL F 103 33.27 1.04 -42.66
CA VAL F 103 32.11 1.87 -43.02
C VAL F 103 31.96 3.08 -42.11
N LEU F 104 31.21 4.10 -42.54
CA LEU F 104 30.99 5.32 -41.74
C LEU F 104 29.55 5.50 -41.30
N LEU F 105 29.35 6.07 -40.12
CA LEU F 105 28.00 6.18 -39.59
C LEU F 105 27.36 7.54 -39.90
N ALA F 106 28.13 8.63 -39.80
CA ALA F 106 27.57 9.97 -40.05
C ALA F 106 28.58 11.13 -40.32
N THR F 107 28.05 12.27 -40.80
CA THR F 107 28.81 13.47 -41.23
C THR F 107 29.02 14.50 -40.15
N HIS F 108 30.25 14.92 -39.97
CA HIS F 108 30.53 16.07 -39.13
C HIS F 108 30.96 17.27 -39.92
N ASP F 109 30.72 18.43 -39.34
CA ASP F 109 30.84 19.72 -40.03
C ASP F 109 32.26 20.27 -40.11
N ASP F 110 33.08 19.96 -39.10
CA ASP F 110 34.43 20.54 -38.97
C ASP F 110 35.52 19.71 -39.65
N ASP F 111 35.09 18.93 -40.65
CA ASP F 111 35.94 18.02 -41.43
C ASP F 111 36.44 16.87 -40.55
N THR F 112 35.47 16.14 -39.97
CA THR F 112 35.67 14.94 -39.13
C THR F 112 34.51 13.96 -39.41
N VAL F 113 34.67 12.68 -39.06
CA VAL F 113 33.58 11.75 -39.34
C VAL F 113 33.37 10.57 -38.41
N ASP F 114 32.14 10.05 -38.42
CA ASP F 114 31.80 8.85 -37.70
C ASP F 114 31.90 7.63 -38.61
N VAL F 115 33.02 6.92 -38.44
CA VAL F 115 33.35 5.62 -39.06
C VAL F 115 33.23 4.43 -38.11
N PHE F 116 33.41 3.25 -38.67
CA PHE F 116 33.33 2.01 -37.95
C PHE F 116 34.49 1.34 -38.63
N THR F 117 35.42 0.82 -37.85
CA THR F 117 36.60 0.14 -38.37
C THR F 117 37.21 -0.67 -37.27
N SER F 118 37.35 -1.97 -37.50
CA SER F 118 37.74 -2.87 -36.44
C SER F 118 36.79 -2.63 -35.26
N GLY F 119 35.52 -3.01 -35.46
CA GLY F 119 34.58 -3.19 -34.36
C GLY F 119 33.99 -1.96 -33.67
N ARG F 120 34.78 -0.92 -33.52
CA ARG F 120 34.32 0.22 -32.75
C ARG F 120 33.99 1.46 -33.59
N LYS F 121 33.17 2.33 -33.03
CA LYS F 121 32.82 3.62 -33.63
C LYS F 121 33.97 4.57 -33.41
N MET F 122 34.30 5.37 -34.41
CA MET F 122 35.42 6.29 -34.27
C MET F 122 35.38 7.59 -35.08
N ARG F 123 35.20 8.70 -34.39
CA ARG F 123 35.39 9.99 -35.01
C ARG F 123 36.87 10.20 -35.23
N LEU F 124 37.18 10.81 -36.34
CA LEU F 124 38.42 10.54 -37.01
C LEU F 124 38.64 11.65 -38.03
N THR F 125 39.85 12.19 -38.07
CA THR F 125 40.18 13.30 -38.96
C THR F 125 40.36 12.86 -40.43
N CYS F 126 39.71 13.59 -41.37
CA CYS F 126 39.80 13.29 -42.82
C CYS F 126 40.59 14.31 -43.64
N SER F 127 41.11 13.84 -44.76
CA SER F 127 42.12 14.57 -45.49
C SER F 127 41.57 15.70 -46.34
N PRO F 128 42.35 16.79 -46.50
CA PRO F 128 42.22 17.74 -47.58
C PRO F 128 41.83 17.11 -48.94
N ASN F 129 42.55 16.08 -49.38
CA ASN F 129 42.18 15.32 -50.59
C ASN F 129 40.66 15.19 -50.70
N ILE F 130 39.98 15.43 -49.58
CA ILE F 130 38.62 14.96 -49.43
C ILE F 130 37.44 15.92 -49.38
N ASP F 131 36.36 15.39 -49.96
CA ASP F 131 35.10 16.05 -50.25
C ASP F 131 34.07 15.91 -49.10
N ALA F 132 34.15 16.81 -48.11
CA ALA F 132 33.42 16.68 -46.84
C ALA F 132 31.92 16.39 -46.95
N ALA F 133 31.27 16.98 -47.94
CA ALA F 133 29.83 16.90 -48.02
C ALA F 133 29.35 15.73 -48.88
N SER F 134 30.15 15.35 -49.89
CA SER F 134 29.75 14.28 -50.83
C SER F 134 29.86 12.86 -50.24
N LEU F 135 30.00 12.77 -48.92
CA LEU F 135 30.12 11.49 -48.23
C LEU F 135 28.77 10.98 -47.82
N LYS F 136 28.25 10.13 -48.67
CA LYS F 136 26.98 9.50 -48.43
C LYS F 136 27.11 8.71 -47.12
N LYS F 137 25.97 8.49 -46.44
CA LYS F 137 25.91 7.75 -45.16
C LYS F 137 26.03 6.22 -45.30
N GLY F 138 27.15 5.68 -44.85
CA GLY F 138 27.41 4.25 -44.94
C GLY F 138 27.98 3.90 -46.28
N GLN F 139 29.30 3.95 -46.38
CA GLN F 139 29.96 3.83 -47.64
C GLN F 139 31.33 3.37 -47.22
N THR F 140 31.79 2.27 -47.77
CA THR F 140 33.17 1.86 -47.55
C THR F 140 34.08 3.08 -47.73
N VAL F 141 34.78 3.53 -46.70
CA VAL F 141 35.81 4.55 -46.90
C VAL F 141 37.13 3.94 -46.51
N ARG F 142 38.22 4.52 -46.97
CA ARG F 142 39.57 3.93 -46.80
C ARG F 142 40.42 4.66 -45.74
N LEU F 143 41.36 3.93 -45.10
CA LEU F 143 42.22 4.53 -44.06
C LEU F 143 43.67 4.11 -44.17
N ASN F 144 44.56 5.06 -43.88
CA ASN F 144 45.97 4.78 -43.75
C ASN F 144 46.18 4.50 -42.29
N GLU F 145 47.39 4.07 -41.95
CA GLU F 145 47.67 3.54 -40.60
C GLU F 145 47.08 4.38 -39.47
N ALA F 146 47.77 5.38 -38.94
CA ALA F 146 47.10 6.29 -37.97
C ALA F 146 45.82 6.72 -38.65
N LEU F 147 44.70 6.32 -38.08
CA LEU F 147 43.47 6.31 -38.84
C LEU F 147 43.18 7.69 -39.38
N THR F 148 43.20 7.81 -40.71
CA THR F 148 42.90 9.07 -41.42
C THR F 148 42.28 8.69 -42.76
N VAL F 149 41.13 9.29 -43.09
CA VAL F 149 40.41 8.90 -44.29
C VAL F 149 41.08 9.44 -45.52
N VAL F 150 41.14 8.62 -46.56
CA VAL F 150 41.75 9.06 -47.79
C VAL F 150 40.83 8.99 -49.01
N GLU F 151 40.28 7.84 -49.37
CA GLU F 151 39.43 7.80 -50.55
C GLU F 151 38.01 7.65 -50.11
N ALA F 152 37.09 7.72 -51.05
CA ALA F 152 35.75 7.25 -50.79
C ALA F 152 35.46 6.14 -51.79
N GLY F 153 34.72 5.12 -51.38
CA GLY F 153 34.51 3.93 -52.20
C GLY F 153 33.05 3.69 -52.45
N THR F 154 32.69 2.43 -52.67
CA THR F 154 31.32 2.12 -52.99
C THR F 154 30.64 1.61 -51.78
N PHE F 155 30.23 0.35 -51.93
CA PHE F 155 29.34 -0.32 -51.02
C PHE F 155 29.67 -1.80 -50.89
N GLU F 156 30.43 -2.10 -49.83
CA GLU F 156 30.61 -3.43 -49.31
C GLU F 156 29.43 -4.18 -49.89
N ALA F 157 29.66 -5.07 -50.81
CA ALA F 157 28.52 -5.71 -51.42
C ALA F 157 28.46 -7.21 -51.15
N VAL F 158 28.72 -7.58 -49.91
CA VAL F 158 28.87 -8.97 -49.52
C VAL F 158 28.80 -9.25 -48.03
N GLY F 159 28.00 -10.22 -47.64
CA GLY F 159 27.86 -10.50 -46.22
C GLY F 159 26.56 -11.18 -45.90
N GLU F 160 26.01 -10.85 -44.74
CA GLU F 160 24.80 -11.50 -44.24
C GLU F 160 23.56 -10.98 -45.02
N ILE F 161 22.67 -11.88 -45.45
CA ILE F 161 21.42 -11.48 -46.08
C ILE F 161 20.30 -11.61 -45.12
N SER F 162 19.69 -10.48 -44.83
CA SER F 162 18.49 -10.47 -44.02
C SER F 162 17.29 -10.05 -44.90
N THR F 163 16.08 -10.41 -44.47
CA THR F 163 14.84 -9.97 -45.12
C THR F 163 14.27 -8.86 -44.23
N LEU F 164 13.45 -7.96 -44.76
CA LEU F 164 13.03 -6.82 -43.93
C LEU F 164 11.55 -6.74 -43.60
N ARG F 165 11.19 -6.08 -42.50
CA ARG F 165 9.83 -6.16 -42.01
C ARG F 165 9.01 -4.92 -42.24
N GLU F 166 9.58 -3.78 -41.88
CA GLU F 166 9.01 -2.45 -42.18
C GLU F 166 10.11 -1.42 -41.99
N ILE F 167 9.98 -0.27 -42.64
CA ILE F 167 10.88 0.82 -42.33
C ILE F 167 10.44 1.40 -41.01
N LEU F 168 10.88 2.63 -40.72
CA LEU F 168 10.46 3.30 -39.51
C LEU F 168 10.00 4.75 -39.66
N ALA F 169 9.41 5.25 -38.57
CA ALA F 169 9.12 6.66 -38.44
C ALA F 169 10.29 7.48 -38.98
N ASP F 170 11.51 7.04 -38.65
CA ASP F 170 12.74 7.73 -39.08
C ASP F 170 13.02 7.60 -40.58
N GLY F 171 12.50 6.53 -41.19
CA GLY F 171 12.65 6.30 -42.62
C GLY F 171 14.10 6.15 -43.02
N HIS F 172 14.97 6.38 -42.06
CA HIS F 172 16.40 6.14 -42.19
C HIS F 172 16.80 4.79 -41.57
N ARG F 173 15.90 4.20 -40.77
CA ARG F 173 16.22 3.02 -39.96
C ARG F 173 15.17 1.94 -40.16
N ALA F 174 15.61 0.69 -40.28
CA ALA F 174 14.65 -0.39 -40.48
C ALA F 174 14.87 -1.68 -39.70
N LEU F 175 13.76 -2.38 -39.57
CA LEU F 175 13.67 -3.63 -38.87
C LEU F 175 13.93 -4.72 -39.88
N VAL F 176 15.06 -5.41 -39.68
CA VAL F 176 15.49 -6.52 -40.50
C VAL F 176 15.46 -7.80 -39.70
N VAL F 177 14.89 -8.85 -40.30
CA VAL F 177 14.97 -10.19 -39.72
C VAL F 177 15.97 -11.04 -40.52
N GLY F 178 17.02 -11.48 -39.83
CA GLY F 178 18.06 -12.36 -40.39
C GLY F 178 17.56 -13.79 -40.46
N HIS F 179 18.45 -14.71 -40.09
CA HIS F 179 18.20 -16.12 -40.36
C HIS F 179 17.55 -16.86 -39.19
N ALA F 180 18.01 -16.58 -37.98
CA ALA F 180 17.50 -17.24 -36.77
C ALA F 180 16.32 -16.49 -36.16
N ASP F 181 15.49 -15.86 -37.00
CA ASP F 181 14.38 -15.00 -36.59
C ASP F 181 14.84 -13.82 -35.71
N GLU F 182 16.11 -13.44 -35.88
CA GLU F 182 16.75 -12.41 -35.07
C GLU F 182 16.57 -11.02 -35.65
N GLU F 183 15.67 -10.26 -35.05
CA GLU F 183 15.27 -9.01 -35.66
C GLU F 183 16.20 -7.89 -35.18
N ARG F 184 16.96 -7.31 -36.10
CA ARG F 184 17.92 -6.26 -35.71
C ARG F 184 17.50 -4.89 -36.22
N VAL F 185 18.32 -3.87 -35.95
CA VAL F 185 17.99 -2.56 -36.46
C VAL F 185 19.23 -1.97 -37.10
N VAL F 186 19.18 -1.82 -38.42
CA VAL F 186 20.22 -1.18 -39.23
C VAL F 186 19.77 0.17 -39.76
N TRP F 187 20.72 1.06 -40.09
CA TRP F 187 20.37 2.21 -40.93
C TRP F 187 20.49 1.75 -42.37
N LEU F 188 19.95 2.54 -43.30
CA LEU F 188 20.04 2.25 -44.71
C LEU F 188 20.90 3.31 -45.36
N ALA F 189 21.81 2.87 -46.21
CA ALA F 189 22.64 3.81 -46.92
C ALA F 189 21.81 4.43 -48.01
N ASP F 190 22.14 5.68 -48.31
CA ASP F 190 21.26 6.57 -49.10
C ASP F 190 20.60 5.95 -50.30
N PRO F 191 21.38 5.21 -51.09
CA PRO F 191 20.83 4.52 -52.25
C PRO F 191 19.67 3.57 -51.93
N LEU F 192 18.81 3.95 -51.00
CA LEU F 192 17.60 3.19 -50.72
C LEU F 192 16.51 4.18 -50.31
N ILE F 193 16.98 5.36 -49.93
CA ILE F 193 16.13 6.53 -49.77
C ILE F 193 16.76 7.78 -50.41
N ALA F 194 17.18 7.64 -51.68
CA ALA F 194 17.21 8.79 -52.57
C ALA F 194 15.74 8.95 -53.00
N GLU F 195 15.37 10.19 -53.35
CA GLU F 195 13.98 10.51 -53.78
C GLU F 195 13.60 9.75 -55.08
N ASP F 196 14.42 10.00 -56.12
CA ASP F 196 14.30 9.47 -57.49
C ASP F 196 14.24 7.93 -57.64
N LEU F 197 13.35 7.31 -56.87
CA LEU F 197 13.16 5.88 -56.98
C LEU F 197 11.72 5.65 -57.39
N PRO F 198 11.52 5.02 -58.57
CA PRO F 198 10.21 4.57 -59.06
C PRO F 198 9.42 3.82 -58.00
N ASP F 199 8.09 3.92 -58.03
CA ASP F 199 7.22 3.29 -57.01
C ASP F 199 7.08 1.77 -57.17
N GLY F 200 7.29 1.28 -58.39
CA GLY F 200 7.46 -0.16 -58.59
C GLY F 200 6.54 -0.91 -59.54
N LEU F 201 5.23 -0.69 -59.40
CA LEU F 201 4.16 -1.56 -60.01
C LEU F 201 4.29 -3.04 -59.51
N PRO F 202 3.17 -3.81 -59.47
CA PRO F 202 3.21 -5.18 -58.90
C PRO F 202 4.19 -6.20 -59.58
N GLU F 203 4.32 -7.39 -58.96
CA GLU F 203 5.19 -8.47 -59.48
C GLU F 203 4.51 -9.86 -59.70
N ALA F 204 3.55 -9.88 -60.63
CA ALA F 204 3.01 -11.10 -61.27
C ALA F 204 2.99 -10.98 -62.83
N LEU F 205 3.57 -9.87 -63.35
CA LEU F 205 4.03 -9.70 -64.76
C LEU F 205 5.59 -9.64 -64.86
N ASN F 206 6.21 -10.46 -64.00
CA ASN F 206 7.63 -10.92 -64.04
C ASN F 206 8.75 -10.04 -63.43
N ASP F 207 9.92 -10.69 -63.26
CA ASP F 207 11.10 -10.24 -62.48
C ASP F 207 11.89 -9.09 -63.11
N ASP F 208 11.47 -7.87 -62.75
CA ASP F 208 12.05 -6.62 -63.24
C ASP F 208 13.30 -6.26 -62.39
N THR F 209 13.07 -6.02 -61.09
CA THR F 209 14.14 -5.75 -60.13
C THR F 209 15.15 -4.76 -60.71
N ARG F 210 14.61 -3.59 -61.00
CA ARG F 210 15.35 -2.44 -61.46
C ARG F 210 15.53 -1.64 -60.16
N PRO F 211 16.46 -0.65 -60.14
CA PRO F 211 16.50 0.29 -58.99
C PRO F 211 15.10 0.79 -58.55
N ARG F 212 14.52 0.17 -57.50
CA ARG F 212 13.16 0.52 -57.03
C ARG F 212 13.05 1.00 -55.55
N LYS F 213 11.81 1.34 -55.16
CA LYS F 213 11.50 1.85 -53.83
C LYS F 213 11.32 0.67 -52.90
N LEU F 214 11.94 0.79 -51.72
CA LEU F 214 12.00 -0.28 -50.73
C LEU F 214 10.64 -0.90 -50.39
N ARG F 215 10.54 -2.21 -50.61
CA ARG F 215 9.27 -2.90 -50.48
C ARG F 215 9.32 -3.94 -49.36
N PRO F 216 8.24 -4.02 -48.58
CA PRO F 216 8.25 -4.80 -47.34
C PRO F 216 8.16 -6.30 -47.55
N GLY F 217 9.22 -6.88 -48.09
CA GLY F 217 9.33 -8.33 -48.32
C GLY F 217 10.59 -8.67 -49.08
N ASP F 218 11.33 -7.61 -49.41
CA ASP F 218 12.56 -7.73 -50.16
C ASP F 218 13.66 -8.32 -49.31
N SER F 219 14.74 -8.65 -49.98
CA SER F 219 15.93 -9.07 -49.30
C SER F 219 16.97 -7.95 -49.38
N LEU F 220 17.58 -7.65 -48.24
CA LEU F 220 18.67 -6.68 -48.18
C LEU F 220 19.94 -7.30 -47.68
N LEU F 221 21.03 -6.78 -48.18
CA LEU F 221 22.30 -7.23 -47.75
C LEU F 221 22.74 -6.29 -46.65
N VAL F 222 23.22 -6.86 -45.55
CA VAL F 222 23.55 -6.05 -44.36
C VAL F 222 24.88 -6.40 -43.68
N ASP F 223 25.41 -5.44 -42.91
CA ASP F 223 26.60 -5.70 -42.08
C ASP F 223 26.16 -5.58 -40.63
N THR F 224 25.55 -6.67 -40.14
CA THR F 224 24.98 -6.74 -38.80
C THR F 224 25.82 -6.02 -37.78
N LYS F 225 27.10 -5.91 -38.05
CA LYS F 225 27.99 -5.26 -37.13
C LYS F 225 27.93 -3.76 -37.25
N ALA F 226 28.04 -3.23 -38.46
CA ALA F 226 28.12 -1.79 -38.62
C ALA F 226 26.86 -1.13 -38.17
N GLY F 227 25.74 -1.62 -38.69
CA GLY F 227 24.45 -1.01 -38.47
C GLY F 227 23.77 -0.64 -39.77
N TYR F 228 24.17 -1.28 -40.85
CA TYR F 228 23.73 -0.80 -42.13
C TYR F 228 23.20 -1.81 -43.10
N ALA F 229 22.35 -1.30 -43.98
CA ALA F 229 21.96 -1.99 -45.19
C ALA F 229 22.83 -1.42 -46.31
N PHE F 230 22.63 -1.93 -47.52
CA PHE F 230 23.50 -1.60 -48.61
C PHE F 230 22.83 -1.77 -49.97
N GLU F 231 21.94 -2.77 -50.11
CA GLU F 231 21.16 -2.87 -51.35
C GLU F 231 20.09 -3.94 -51.43
N ARG F 232 19.31 -3.83 -52.51
CA ARG F 232 18.19 -4.69 -52.85
C ARG F 232 18.74 -6.05 -53.22
N ILE F 233 17.86 -7.01 -53.54
CA ILE F 233 18.23 -8.29 -54.18
C ILE F 233 17.02 -9.13 -54.55
N PRO F 234 17.06 -9.70 -55.76
CA PRO F 234 16.04 -10.62 -56.25
C PRO F 234 16.05 -11.99 -55.59
N LEU F 235 14.91 -12.42 -55.07
CA LEU F 235 14.71 -13.83 -54.73
C LEU F 235 13.89 -14.45 -55.87
N VAL F 236 14.17 -15.72 -56.20
CA VAL F 236 13.36 -16.47 -57.18
C VAL F 236 12.22 -17.29 -56.52
N PRO F 237 11.04 -17.39 -57.20
CA PRO F 237 9.76 -18.03 -56.74
C PRO F 237 9.80 -19.53 -56.28
N SER G 25 51.29 -0.56 -17.50
CA SER G 25 52.68 -0.18 -17.10
C SER G 25 53.35 0.60 -18.24
N THR G 26 54.05 1.67 -17.89
CA THR G 26 54.76 2.52 -18.88
C THR G 26 56.28 2.67 -18.57
N ALA G 27 57.03 3.17 -19.57
CA ALA G 27 58.49 3.50 -19.44
C ALA G 27 58.73 4.75 -18.55
N ALA G 28 57.63 5.48 -18.25
CA ALA G 28 57.58 6.65 -17.32
C ALA G 28 57.17 6.31 -15.86
N GLY G 29 56.30 5.31 -15.68
CA GLY G 29 55.92 4.75 -14.36
C GLY G 29 56.98 3.87 -13.71
N GLN G 30 57.78 3.18 -14.53
CA GLN G 30 58.92 2.34 -14.11
C GLN G 30 60.15 3.15 -13.65
N GLU G 31 60.34 4.33 -14.26
CA GLU G 31 61.42 5.26 -13.95
C GLU G 31 61.10 6.23 -12.78
N ARG G 32 59.84 6.23 -12.32
CA ARG G 32 59.40 7.00 -11.15
C ARG G 32 59.45 6.19 -9.85
N ARG G 33 59.48 4.85 -9.98
CA ARG G 33 59.59 3.91 -8.84
C ARG G 33 61.03 3.50 -8.47
N GLU G 34 61.97 3.60 -9.43
CA GLU G 34 63.42 3.44 -9.18
C GLU G 34 64.09 4.69 -8.59
N LYS G 35 63.44 5.85 -8.77
CA LYS G 35 63.86 7.17 -8.23
C LYS G 35 63.24 7.50 -6.87
N LEU G 36 62.22 6.72 -6.45
CA LEU G 36 61.58 6.90 -5.15
C LEU G 36 62.21 6.05 -4.05
N THR G 37 62.60 4.84 -4.40
CA THR G 37 63.34 3.95 -3.50
C THR G 37 64.85 4.13 -3.64
N GLU G 38 65.24 5.13 -4.45
CA GLU G 38 66.65 5.55 -4.63
C GLU G 38 67.02 6.85 -3.83
N GLU G 39 66.02 7.74 -3.61
CA GLU G 39 66.09 8.87 -2.64
C GLU G 39 65.70 8.38 -1.25
N THR G 40 65.29 7.11 -1.25
CA THR G 40 64.89 6.34 -0.10
C THR G 40 66.08 5.71 0.64
N ASP G 41 66.79 4.81 -0.07
CA ASP G 41 68.01 4.11 0.45
C ASP G 41 69.16 5.08 0.68
N ASP G 42 69.00 6.31 0.15
CA ASP G 42 69.89 7.46 0.43
C ASP G 42 69.50 8.19 1.73
N LEU G 43 68.20 8.18 2.04
CA LEU G 43 67.72 8.66 3.31
C LEU G 43 67.87 7.59 4.41
N LEU G 44 67.79 6.30 4.05
CA LEU G 44 67.97 5.19 5.02
C LEU G 44 69.43 5.02 5.48
N ASP G 45 70.36 5.47 4.64
CA ASP G 45 71.79 5.39 4.92
C ASP G 45 72.31 6.64 5.64
N GLU G 46 71.59 7.76 5.48
CA GLU G 46 71.77 8.96 6.31
C GLU G 46 70.97 8.82 7.62
N ILE G 47 69.88 8.04 7.56
CA ILE G 47 68.99 7.72 8.69
C ILE G 47 69.67 6.92 9.81
N ASP G 48 70.32 5.82 9.44
CA ASP G 48 71.08 4.97 10.38
C ASP G 48 72.47 5.56 10.64
N ASP G 49 72.76 6.70 9.99
CA ASP G 49 73.96 7.54 10.25
C ASP G 49 73.68 8.71 11.23
N VAL G 50 72.39 8.92 11.54
CA VAL G 50 71.95 9.92 12.51
C VAL G 50 71.55 9.28 13.84
N LEU G 51 71.12 8.02 13.78
CA LEU G 51 70.80 7.23 14.97
C LEU G 51 72.00 6.59 15.69
N GLU G 52 73.16 6.55 15.04
CA GLU G 52 74.37 5.96 15.65
C GLU G 52 75.42 6.97 16.14
N GLU G 53 75.34 8.22 15.64
CA GLU G 53 76.20 9.33 16.12
C GLU G 53 75.48 10.22 17.17
N ASN G 54 74.19 9.93 17.36
CA ASN G 54 73.37 10.54 18.43
C ASN G 54 73.36 9.67 19.73
N ALA G 55 74.08 8.55 19.71
CA ALA G 55 74.19 7.68 20.89
C ALA G 55 75.57 7.83 21.55
N SER H 25 49.91 5.22 -36.24
CA SER H 25 50.88 6.29 -35.86
C SER H 25 52.20 5.66 -35.41
N THR H 26 53.31 6.24 -35.88
CA THR H 26 54.67 5.75 -35.53
C THR H 26 55.56 6.85 -34.89
N ALA H 27 56.68 6.41 -34.28
CA ALA H 27 57.74 7.29 -33.72
C ALA H 27 58.55 8.05 -34.81
N ALA H 28 58.37 7.61 -36.07
CA ALA H 28 58.92 8.24 -37.32
C ALA H 28 57.97 9.23 -38.05
N GLY H 29 56.64 8.98 -37.95
CA GLY H 29 55.60 9.88 -38.47
C GLY H 29 55.37 11.10 -37.58
N GLN H 30 55.57 10.94 -36.26
CA GLN H 30 55.48 12.01 -35.26
C GLN H 30 56.66 13.02 -35.29
N GLU H 31 57.84 12.51 -35.65
CA GLU H 31 59.07 13.30 -35.76
C GLU H 31 59.25 13.97 -37.15
N ARG H 32 58.38 13.65 -38.10
CA ARG H 32 58.36 14.29 -39.42
C ARG H 32 57.36 15.47 -39.49
N ARG H 33 56.41 15.50 -38.54
CA ARG H 33 55.40 16.58 -38.40
C ARG H 33 55.82 17.73 -37.46
N GLU H 34 56.75 17.45 -36.52
CA GLU H 34 57.38 18.49 -35.67
C GLU H 34 58.53 19.24 -36.37
N LYS H 35 59.07 18.62 -37.43
CA LYS H 35 60.13 19.18 -38.30
C LYS H 35 59.58 19.92 -39.55
N LEU H 36 58.28 19.76 -39.84
CA LEU H 36 57.64 20.44 -40.96
C LEU H 36 57.01 21.77 -40.57
N THR H 37 56.46 21.83 -39.36
CA THR H 37 55.94 23.06 -38.78
C THR H 37 57.01 23.78 -37.93
N GLU H 38 58.22 23.25 -37.96
CA GLU H 38 59.41 23.86 -37.32
C GLU H 38 60.36 24.59 -38.32
N GLU H 39 60.37 24.13 -39.59
CA GLU H 39 60.97 24.86 -40.76
C GLU H 39 59.93 25.83 -41.33
N THR H 40 58.73 25.73 -40.76
CA THR H 40 57.54 26.52 -41.04
C THR H 40 57.53 27.85 -40.30
N ASP H 41 57.49 27.77 -38.95
CA ASP H 41 57.52 28.95 -38.03
C ASP H 41 58.86 29.69 -38.10
N ASP H 42 59.86 29.05 -38.72
CA ASP H 42 61.16 29.66 -39.08
C ASP H 42 61.09 30.42 -40.40
N LEU H 43 60.21 29.97 -41.31
CA LEU H 43 59.87 30.71 -42.52
C LEU H 43 58.80 31.78 -42.29
N LEU H 44 57.89 31.56 -41.34
CA LEU H 44 56.89 32.58 -40.96
C LEU H 44 57.47 33.76 -40.20
N ASP H 45 58.61 33.55 -39.53
CA ASP H 45 59.31 34.61 -38.78
C ASP H 45 60.33 35.37 -39.61
N GLU H 46 60.80 34.74 -40.70
CA GLU H 46 61.54 35.41 -41.77
C GLU H 46 60.57 36.03 -42.77
N ILE H 47 59.37 35.44 -42.87
CA ILE H 47 58.25 35.90 -43.73
C ILE H 47 57.67 37.27 -43.34
N ASP H 48 57.37 37.44 -42.06
CA ASP H 48 56.89 38.73 -41.52
C ASP H 48 58.06 39.67 -41.21
N ASP H 49 59.29 39.19 -41.48
CA ASP H 49 60.53 40.01 -41.43
C ASP H 49 60.94 40.55 -42.82
N VAL H 50 60.26 40.06 -43.86
CA VAL H 50 60.45 40.51 -45.26
C VAL H 50 59.32 41.44 -45.70
N LEU H 51 58.14 41.26 -45.10
CA LEU H 51 57.00 42.13 -45.36
C LEU H 51 56.98 43.44 -44.57
N GLU H 52 57.83 43.57 -43.56
CA GLU H 52 57.90 44.80 -42.75
C GLU H 52 59.12 45.70 -43.04
N GLU H 53 60.16 45.13 -43.65
CA GLU H 53 61.34 45.91 -44.09
C GLU H 53 61.27 46.28 -45.59
N ASN H 54 60.24 45.75 -46.26
CA ASN H 54 59.90 46.10 -47.64
C ASN H 54 58.86 47.26 -47.69
N ALA H 55 58.43 47.75 -46.53
CA ALA H 55 57.47 48.86 -46.45
C ALA H 55 58.19 50.16 -46.06
N SER I 25 59.97 -11.53 -31.51
CA SER I 25 61.21 -10.75 -31.81
C SER I 25 61.32 -9.56 -30.86
N THR I 26 62.54 -9.32 -30.36
CA THR I 26 62.82 -8.20 -29.42
C THR I 26 63.94 -7.24 -29.92
N ALA I 27 64.03 -6.05 -29.28
CA ALA I 27 65.10 -5.05 -29.53
C ALA I 27 66.48 -5.52 -29.00
N ALA I 28 66.46 -6.60 -28.18
CA ALA I 28 67.66 -7.31 -27.65
C ALA I 28 68.13 -8.54 -28.50
N GLY I 29 67.17 -9.22 -29.15
CA GLY I 29 67.44 -10.32 -30.10
C GLY I 29 67.94 -9.85 -31.46
N GLN I 30 67.49 -8.66 -31.89
CA GLN I 30 67.92 -8.01 -33.14
C GLN I 30 69.36 -7.42 -33.08
N GLU I 31 69.77 -6.97 -31.89
CA GLU I 31 71.09 -6.41 -31.62
C GLU I 31 72.17 -7.47 -31.27
N ARG I 32 71.74 -8.73 -31.07
CA ARG I 32 72.67 -9.86 -30.85
C ARG I 32 73.01 -10.61 -32.17
N ARG I 33 72.19 -10.40 -33.22
CA ARG I 33 72.41 -10.98 -34.56
C ARG I 33 73.21 -10.09 -35.52
N GLU I 34 73.20 -8.77 -35.28
CA GLU I 34 74.06 -7.79 -35.99
C GLU I 34 75.51 -7.74 -35.45
N LYS I 35 75.68 -8.22 -34.21
CA LYS I 35 76.98 -8.33 -33.52
C LYS I 35 77.65 -9.71 -33.70
N LEU I 36 76.91 -10.69 -34.23
CA LEU I 36 77.44 -12.04 -34.48
C LEU I 36 77.98 -12.20 -35.90
N THR I 37 77.30 -11.58 -36.86
CA THR I 37 77.76 -11.51 -38.25
C THR I 37 78.61 -10.25 -38.52
N GLU I 38 78.91 -9.52 -37.45
CA GLU I 38 79.82 -8.35 -37.47
C GLU I 38 81.23 -8.65 -36.88
N GLU I 39 81.32 -9.62 -35.94
CA GLU I 39 82.59 -10.26 -35.48
C GLU I 39 82.93 -11.44 -36.43
N THR I 40 81.99 -11.65 -37.35
CA THR I 40 82.03 -12.66 -38.40
C THR I 40 82.80 -12.17 -39.64
N ASP I 41 82.26 -11.11 -40.28
CA ASP I 41 82.85 -10.47 -41.47
C ASP I 41 84.19 -9.81 -41.12
N ASP I 42 84.47 -9.68 -39.82
CA ASP I 42 85.78 -9.24 -39.29
C ASP I 42 86.77 -10.41 -39.19
N LEU I 43 86.23 -11.61 -38.97
CA LEU I 43 87.01 -12.82 -39.01
C LEU I 43 87.15 -13.34 -40.45
N LEU I 44 86.16 -13.08 -41.31
CA LEU I 44 86.24 -13.47 -42.73
C LEU I 44 87.23 -12.63 -43.54
N ASP I 45 87.49 -11.42 -43.06
CA ASP I 45 88.42 -10.47 -43.71
C ASP I 45 89.84 -10.60 -43.17
N GLU I 46 89.97 -11.14 -41.96
CA GLU I 46 91.24 -11.63 -41.42
C GLU I 46 91.50 -13.07 -41.92
N ILE I 47 90.42 -13.81 -42.18
CA ILE I 47 90.44 -15.19 -42.71
C ILE I 47 91.04 -15.34 -44.13
N ASP I 48 90.57 -14.51 -45.06
CA ASP I 48 91.11 -14.46 -46.42
C ASP I 48 92.38 -13.62 -46.51
N ASP I 49 92.80 -13.05 -45.35
CA ASP I 49 94.10 -12.34 -45.18
C ASP I 49 95.20 -13.25 -44.60
N VAL I 50 94.79 -14.44 -44.15
CA VAL I 50 95.71 -15.49 -43.64
C VAL I 50 95.92 -16.61 -44.68
N LEU I 51 94.93 -16.80 -45.56
CA LEU I 51 95.02 -17.76 -46.66
C LEU I 51 95.74 -17.25 -47.91
N GLU I 52 95.98 -15.94 -47.99
CA GLU I 52 96.69 -15.36 -49.13
C GLU I 52 98.15 -14.93 -48.87
N GLU I 53 98.51 -14.77 -47.58
CA GLU I 53 99.90 -14.50 -47.18
C GLU I 53 100.64 -15.76 -46.73
N ASN I 54 99.90 -16.87 -46.66
CA ASN I 54 100.42 -18.22 -46.40
C ASN I 54 100.73 -19.00 -47.71
N ALA I 55 100.50 -18.35 -48.86
CA ALA I 55 100.78 -18.94 -50.17
C ALA I 55 102.03 -18.29 -50.78
N SER J 52 9.98 -13.46 -37.35
CA SER J 52 8.65 -13.74 -36.70
C SER J 52 8.74 -14.42 -35.33
N ALA J 53 9.92 -14.50 -34.72
CA ALA J 53 10.02 -15.08 -33.38
C ALA J 53 9.67 -14.05 -32.30
N ARG J 54 10.33 -12.90 -32.37
CA ARG J 54 9.97 -11.77 -31.55
C ARG J 54 8.48 -11.84 -31.31
N ASP J 55 7.71 -12.01 -32.39
CA ASP J 55 6.26 -11.94 -32.34
C ASP J 55 5.62 -12.82 -31.31
N ILE J 56 6.06 -14.08 -31.20
CA ILE J 56 5.45 -14.92 -30.21
C ILE J 56 5.76 -14.38 -28.83
N HIS J 57 7.03 -14.20 -28.50
CA HIS J 57 7.40 -13.64 -27.20
C HIS J 57 6.49 -12.54 -26.74
N GLN J 58 6.33 -11.55 -27.61
CA GLN J 58 5.52 -10.37 -27.37
C GLN J 58 4.16 -10.70 -26.77
N LEU J 59 3.64 -11.86 -27.14
CA LEU J 59 2.39 -12.34 -26.59
C LEU J 59 2.64 -13.07 -25.29
N GLU J 60 3.42 -14.13 -25.36
CA GLU J 60 3.77 -14.91 -24.18
C GLU J 60 4.13 -13.98 -23.04
N ALA J 61 4.63 -12.80 -23.36
CA ALA J 61 5.03 -11.83 -22.34
C ALA J 61 3.88 -10.95 -21.83
N ARG J 62 2.97 -10.53 -22.71
CA ARG J 62 1.78 -9.84 -22.23
C ARG J 62 0.94 -10.83 -21.45
N ILE J 63 0.77 -12.03 -21.98
CA ILE J 63 0.00 -13.05 -21.26
C ILE J 63 0.57 -13.26 -19.87
N ASP J 64 1.78 -13.83 -19.79
CA ASP J 64 2.37 -14.17 -18.48
C ASP J 64 2.30 -12.95 -17.51
N SER J 65 2.20 -11.73 -18.03
CA SER J 65 2.16 -10.49 -17.19
C SER J 65 0.78 -9.82 -16.95
N LEU J 66 -0.26 -10.35 -17.60
CA LEU J 66 -1.61 -9.98 -17.27
C LEU J 66 -2.13 -11.08 -16.35
N ALA J 67 -1.60 -12.28 -16.56
CA ALA J 67 -1.95 -13.44 -15.74
C ALA J 67 -1.77 -13.15 -14.28
N ALA J 68 -0.54 -12.87 -13.89
CA ALA J 68 -0.26 -12.60 -12.49
C ALA J 68 -0.82 -11.23 -12.00
N ARG J 69 -1.17 -10.32 -12.90
CA ARG J 69 -2.00 -9.22 -12.44
C ARG J 69 -3.40 -9.75 -12.12
N ASN J 70 -3.99 -10.55 -13.03
CA ASN J 70 -5.27 -11.21 -12.75
C ASN J 70 -5.26 -11.74 -11.32
N SER J 71 -4.31 -12.62 -11.04
CA SER J 71 -4.25 -13.29 -9.75
C SER J 71 -4.12 -12.35 -8.53
N LYS J 72 -3.35 -11.27 -8.65
CA LYS J 72 -3.28 -10.31 -7.56
C LYS J 72 -4.64 -9.62 -7.35
N LEU J 73 -5.27 -9.19 -8.44
CA LEU J 73 -6.56 -8.50 -8.36
C LEU J 73 -7.61 -9.45 -7.81
N MET J 74 -7.51 -10.72 -8.16
CA MET J 74 -8.33 -11.75 -7.55
C MET J 74 -8.33 -11.64 -6.05
N GLU J 75 -7.24 -12.10 -5.47
CA GLU J 75 -7.09 -12.23 -4.03
C GLU J 75 -7.38 -10.91 -3.31
N THR J 76 -6.76 -9.82 -3.78
CA THR J 76 -6.89 -8.55 -3.07
C THR J 76 -8.35 -8.08 -3.12
N LEU J 77 -9.16 -8.76 -3.94
CA LEU J 77 -10.57 -8.42 -4.12
C LEU J 77 -11.48 -9.38 -3.38
N LYS J 78 -11.03 -10.62 -3.26
CA LYS J 78 -11.62 -11.49 -2.28
C LYS J 78 -11.46 -10.84 -0.90
N GLU J 79 -10.22 -10.51 -0.52
CA GLU J 79 -9.92 -9.97 0.82
C GLU J 79 -10.69 -8.67 1.17
N ALA J 80 -11.31 -8.05 0.18
CA ALA J 80 -12.26 -6.99 0.47
C ALA J 80 -13.61 -7.60 0.83
N ARG J 81 -13.96 -8.74 0.26
CA ARG J 81 -15.21 -9.40 0.64
C ARG J 81 -15.27 -9.97 2.05
N GLN J 82 -14.19 -10.57 2.55
CA GLN J 82 -14.14 -11.06 3.95
C GLN J 82 -14.27 -9.91 4.96
N GLN J 83 -13.96 -8.70 4.51
CA GLN J 83 -14.09 -7.52 5.34
C GLN J 83 -15.43 -6.83 5.10
N LEU J 84 -15.93 -6.91 3.87
CA LEU J 84 -17.20 -6.29 3.48
C LEU J 84 -18.34 -7.24 3.81
N LEU J 85 -18.02 -8.39 4.37
CA LEU J 85 -19.05 -9.36 4.78
C LEU J 85 -19.25 -9.40 6.26
N ALA J 86 -18.20 -9.80 6.98
CA ALA J 86 -18.17 -9.72 8.44
C ALA J 86 -18.42 -8.27 8.96
N LEU J 87 -18.21 -7.26 8.13
CA LEU J 87 -18.66 -5.89 8.47
C LEU J 87 -20.14 -5.80 8.26
N ARG J 88 -20.62 -6.33 7.16
CA ARG J 88 -22.04 -6.24 6.87
C ARG J 88 -22.89 -6.89 7.96
N GLU J 89 -22.73 -8.20 8.18
CA GLU J 89 -23.54 -8.94 9.17
C GLU J 89 -23.67 -8.24 10.55
N GLU J 90 -22.67 -7.41 10.89
CA GLU J 90 -22.60 -6.72 12.19
C GLU J 90 -23.50 -5.51 12.22
N VAL J 91 -24.08 -5.23 11.07
CA VAL J 91 -25.02 -4.15 10.91
C VAL J 91 -26.42 -4.71 10.67
N ASP J 92 -26.48 -6.02 10.40
CA ASP J 92 -27.76 -6.76 10.37
C ASP J 92 -28.20 -7.17 11.79
N ARG J 93 -27.22 -7.20 12.70
CA ARG J 93 -27.44 -7.39 14.13
C ARG J 93 -27.87 -6.09 14.83
N LEU J 94 -27.41 -4.94 14.35
CA LEU J 94 -27.83 -3.67 14.94
C LEU J 94 -29.18 -3.23 14.41
N GLY J 95 -29.81 -4.14 13.66
CA GLY J 95 -31.14 -3.95 13.09
C GLY J 95 -32.25 -4.65 13.86
N GLN J 96 -31.99 -5.91 14.25
CA GLN J 96 -32.86 -6.68 15.15
C GLN J 96 -32.94 -6.05 16.56
N PRO J 97 -34.18 -5.77 17.03
CA PRO J 97 -34.51 -5.17 18.33
C PRO J 97 -33.72 -5.65 19.54
N PRO J 98 -33.62 -4.78 20.56
CA PRO J 98 -32.92 -5.00 21.80
C PRO J 98 -33.73 -5.78 22.81
N SER J 99 -33.04 -6.35 23.80
CA SER J 99 -33.61 -7.30 24.76
C SER J 99 -34.09 -6.64 26.06
N GLY J 100 -35.24 -7.09 26.58
CA GLY J 100 -35.78 -6.59 27.85
C GLY J 100 -35.66 -7.54 29.03
N TYR J 101 -35.51 -6.98 30.22
CA TYR J 101 -35.42 -7.77 31.45
C TYR J 101 -36.65 -7.55 32.35
N GLY J 102 -37.04 -8.57 33.13
CA GLY J 102 -38.13 -8.45 34.10
C GLY J 102 -37.95 -9.41 35.27
N VAL J 103 -38.87 -9.37 36.26
CA VAL J 103 -38.78 -10.30 37.39
C VAL J 103 -39.98 -11.22 37.43
N LEU J 104 -39.71 -12.52 37.50
CA LEU J 104 -40.76 -13.52 37.45
C LEU J 104 -41.46 -13.66 38.78
N LEU J 105 -42.77 -13.54 38.75
CA LEU J 105 -43.52 -13.76 39.95
C LEU J 105 -43.85 -15.23 40.17
N ALA J 106 -44.88 -15.75 39.51
CA ALA J 106 -45.30 -17.14 39.73
C ALA J 106 -45.47 -17.93 38.43
N THR J 107 -45.62 -19.25 38.58
CA THR J 107 -45.92 -20.16 37.49
C THR J 107 -47.42 -20.31 37.35
N HIS J 108 -47.99 -19.72 36.30
CA HIS J 108 -49.28 -20.24 35.91
C HIS J 108 -49.07 -21.45 34.95
N ASP J 109 -50.04 -22.36 34.97
CA ASP J 109 -49.91 -23.77 34.50
C ASP J 109 -49.89 -24.01 32.98
N ASP J 110 -50.29 -23.02 32.18
CA ASP J 110 -50.12 -23.13 30.74
C ASP J 110 -48.66 -22.85 30.41
N ASP J 111 -48.49 -22.10 29.32
CA ASP J 111 -47.21 -21.48 28.97
C ASP J 111 -47.24 -20.02 29.47
N THR J 112 -48.13 -19.74 30.41
CA THR J 112 -48.36 -18.37 30.90
C THR J 112 -47.70 -18.09 32.26
N VAL J 113 -46.95 -17.01 32.32
CA VAL J 113 -46.28 -16.63 33.56
C VAL J 113 -46.37 -15.14 33.89
N ASP J 114 -46.40 -14.87 35.19
CA ASP J 114 -46.47 -13.53 35.75
C ASP J 114 -45.06 -13.01 36.00
N VAL J 115 -44.72 -11.94 35.29
CA VAL J 115 -43.46 -11.26 35.55
C VAL J 115 -43.68 -9.77 35.80
N PHE J 116 -42.71 -9.16 36.48
CA PHE J 116 -42.64 -7.72 36.71
C PHE J 116 -41.71 -7.19 35.64
N THR J 117 -41.94 -5.95 35.22
CA THR J 117 -41.10 -5.31 34.22
C THR J 117 -41.54 -3.86 34.15
N SER J 118 -40.78 -3.02 33.43
CA SER J 118 -41.11 -1.59 33.29
C SER J 118 -42.35 -1.22 34.07
N GLY J 119 -42.19 -1.03 35.38
CA GLY J 119 -43.31 -0.63 36.24
C GLY J 119 -44.23 -1.71 36.79
N ARG J 120 -45.07 -2.31 35.94
CA ARG J 120 -46.20 -3.11 36.40
C ARG J 120 -45.97 -4.62 36.52
N LYS J 121 -47.06 -5.36 36.39
CA LYS J 121 -47.06 -6.76 36.64
C LYS J 121 -47.77 -7.32 35.45
N MET J 122 -47.06 -8.05 34.60
CA MET J 122 -47.70 -8.55 33.37
C MET J 122 -47.59 -10.07 33.12
N ARG J 123 -48.65 -10.66 32.58
CA ARG J 123 -48.65 -12.07 32.21
C ARG J 123 -48.46 -12.21 30.71
N LEU J 124 -47.69 -13.23 30.32
CA LEU J 124 -47.27 -13.39 28.94
C LEU J 124 -46.77 -14.79 28.61
N THR J 125 -46.61 -15.06 27.30
CA THR J 125 -46.24 -16.38 26.73
C THR J 125 -44.74 -16.76 26.76
N CYS J 126 -44.51 -18.06 26.56
CA CYS J 126 -43.21 -18.71 26.65
C CYS J 126 -42.75 -19.38 25.39
N SER J 127 -41.44 -19.38 25.20
CA SER J 127 -40.86 -19.80 23.94
C SER J 127 -40.90 -21.30 23.79
N PRO J 128 -41.19 -21.73 22.54
CA PRO J 128 -40.95 -23.11 22.08
C PRO J 128 -39.47 -23.58 22.25
N ASN J 129 -38.71 -22.89 23.11
CA ASN J 129 -37.34 -23.30 23.51
C ASN J 129 -36.93 -23.03 24.98
N ILE J 130 -37.92 -22.85 25.84
CA ILE J 130 -37.61 -22.82 27.25
C ILE J 130 -38.40 -23.84 28.05
N ASP J 131 -37.90 -24.08 29.27
CA ASP J 131 -38.37 -25.11 30.22
C ASP J 131 -39.79 -24.80 30.69
N ALA J 132 -40.77 -25.34 29.96
CA ALA J 132 -42.18 -25.05 30.23
C ALA J 132 -42.47 -24.57 31.68
N ALA J 133 -42.02 -25.32 32.69
CA ALA J 133 -42.36 -25.08 34.12
C ALA J 133 -41.18 -25.01 35.10
N SER J 134 -40.11 -25.75 34.84
CA SER J 134 -38.98 -25.85 35.78
C SER J 134 -38.02 -24.65 35.75
N LEU J 135 -38.60 -23.44 35.79
CA LEU J 135 -37.85 -22.20 35.99
C LEU J 135 -38.32 -21.50 37.26
N LYS J 136 -37.35 -21.22 38.11
CA LYS J 136 -37.57 -21.09 39.54
C LYS J 136 -38.28 -19.79 39.94
N LYS J 137 -39.00 -19.85 41.05
CA LYS J 137 -39.80 -18.73 41.55
C LYS J 137 -39.02 -17.43 41.75
N GLY J 138 -39.18 -16.51 40.80
CA GLY J 138 -38.63 -15.20 40.95
C GLY J 138 -37.16 -15.15 40.68
N GLN J 139 -36.77 -15.60 39.49
CA GLN J 139 -35.46 -15.26 38.99
C GLN J 139 -35.57 -14.06 38.04
N THR J 140 -34.45 -13.42 37.77
CA THR J 140 -34.36 -12.44 36.69
C THR J 140 -34.64 -13.23 35.41
N VAL J 141 -35.34 -12.66 34.44
CA VAL J 141 -35.52 -13.33 33.17
C VAL J 141 -35.51 -12.31 32.04
N ARG J 142 -35.62 -12.78 30.80
CA ARG J 142 -35.41 -11.90 29.66
C ARG J 142 -36.61 -11.87 28.74
N LEU J 143 -36.77 -10.74 28.06
CA LEU J 143 -37.93 -10.46 27.27
C LEU J 143 -37.50 -9.94 25.93
N ASN J 144 -38.25 -10.28 24.89
CA ASN J 144 -37.89 -9.83 23.56
C ASN J 144 -38.41 -8.41 23.34
N GLU J 145 -38.73 -8.10 22.09
CA GLU J 145 -39.51 -6.93 21.77
C GLU J 145 -40.89 -7.14 22.38
N ALA J 146 -41.81 -7.71 21.59
CA ALA J 146 -43.22 -7.83 21.99
C ALA J 146 -43.45 -8.77 23.18
N LEU J 147 -42.62 -8.58 24.22
CA LEU J 147 -42.76 -9.17 25.54
C LEU J 147 -43.16 -10.65 25.48
N THR J 148 -42.25 -11.47 24.94
CA THR J 148 -42.37 -12.91 25.00
C THR J 148 -41.04 -13.41 25.52
N VAL J 149 -41.09 -14.27 26.53
CA VAL J 149 -39.93 -14.66 27.31
C VAL J 149 -38.96 -15.49 26.51
N VAL J 150 -37.66 -15.43 26.83
CA VAL J 150 -36.67 -16.28 26.12
C VAL J 150 -35.63 -16.96 26.98
N GLU J 151 -35.31 -16.41 28.13
CA GLU J 151 -34.14 -16.91 28.83
C GLU J 151 -34.27 -17.08 30.33
N ALA J 152 -33.53 -18.05 30.89
CA ALA J 152 -33.36 -18.18 32.33
C ALA J 152 -32.25 -17.25 32.79
N GLY J 153 -32.24 -16.90 34.08
CA GLY J 153 -31.27 -15.94 34.63
C GLY J 153 -30.91 -16.25 36.07
N THR J 154 -30.66 -15.20 36.86
CA THR J 154 -30.22 -15.38 38.24
C THR J 154 -31.00 -14.55 39.21
N PHE J 155 -30.27 -14.05 40.20
CA PHE J 155 -30.86 -13.34 41.30
C PHE J 155 -30.24 -11.96 41.54
N GLU J 156 -30.73 -11.00 40.75
CA GLU J 156 -30.43 -9.60 40.91
C GLU J 156 -30.26 -9.41 42.39
N ALA J 157 -29.04 -9.15 42.80
CA ALA J 157 -28.82 -9.10 44.20
C ALA J 157 -28.40 -7.70 44.52
N VAL J 158 -29.32 -6.77 44.36
CA VAL J 158 -28.98 -5.38 44.52
C VAL J 158 -30.21 -4.53 44.77
N GLY J 159 -30.28 -3.90 45.92
CA GLY J 159 -31.46 -3.09 46.19
C GLY J 159 -31.62 -2.86 47.65
N GLU J 160 -32.88 -2.82 48.09
CA GLU J 160 -33.20 -2.48 49.49
C GLU J 160 -32.94 -3.66 50.46
N ILE J 161 -32.63 -3.32 51.71
CA ILE J 161 -32.36 -4.31 52.73
C ILE J 161 -33.34 -4.18 53.84
N SER J 162 -34.08 -5.25 54.08
CA SER J 162 -35.06 -5.30 55.17
C SER J 162 -34.58 -6.23 56.25
N THR J 163 -35.22 -6.18 57.42
CA THR J 163 -35.05 -7.24 58.42
C THR J 163 -36.29 -8.08 58.42
N LEU J 164 -36.12 -9.38 58.68
CA LEU J 164 -37.20 -10.33 58.53
C LEU J 164 -37.86 -10.61 59.84
N ARG J 165 -39.13 -10.22 59.97
CA ARG J 165 -39.81 -10.27 61.24
C ARG J 165 -40.28 -11.66 61.57
N GLU J 166 -41.27 -12.17 60.83
CA GLU J 166 -41.63 -13.59 60.90
C GLU J 166 -41.97 -14.05 59.50
N ILE J 167 -41.96 -15.37 59.27
CA ILE J 167 -42.39 -15.86 58.00
C ILE J 167 -43.89 -15.90 58.12
N LEU J 168 -44.52 -16.16 57.00
CA LEU J 168 -45.95 -16.13 56.96
C LEU J 168 -46.52 -17.55 57.08
N ALA J 169 -47.75 -17.61 57.61
CA ALA J 169 -48.60 -18.80 57.52
C ALA J 169 -48.06 -19.85 56.54
N ASP J 170 -48.17 -19.61 55.24
CA ASP J 170 -47.88 -20.66 54.27
C ASP J 170 -46.52 -20.58 53.58
N GLY J 171 -45.48 -20.34 54.37
CA GLY J 171 -44.09 -20.58 53.96
C GLY J 171 -43.66 -20.15 52.58
N HIS J 172 -44.39 -19.19 52.03
CA HIS J 172 -44.04 -18.54 50.75
C HIS J 172 -43.86 -17.01 50.86
N ARG J 173 -44.36 -16.45 51.96
CA ARG J 173 -44.49 -15.02 52.07
C ARG J 173 -43.95 -14.58 53.42
N ALA J 174 -43.48 -13.34 53.50
CA ALA J 174 -42.93 -12.84 54.74
C ALA J 174 -43.19 -11.37 55.05
N LEU J 175 -43.30 -11.11 56.34
CA LEU J 175 -43.38 -9.77 56.86
C LEU J 175 -41.95 -9.28 56.98
N VAL J 176 -41.63 -8.16 56.35
CA VAL J 176 -40.35 -7.43 56.58
C VAL J 176 -40.51 -5.97 56.93
N VAL J 177 -39.62 -5.48 57.79
CA VAL J 177 -39.57 -4.08 58.12
C VAL J 177 -38.46 -3.50 57.29
N GLY J 178 -38.74 -2.35 56.68
CA GLY J 178 -37.81 -1.65 55.78
C GLY J 178 -36.76 -0.83 56.51
N HIS J 179 -36.57 0.41 56.06
CA HIS J 179 -35.59 1.29 56.69
C HIS J 179 -36.30 2.32 57.56
N ALA J 180 -37.35 2.90 57.00
CA ALA J 180 -38.31 3.65 57.77
C ALA J 180 -39.18 2.57 58.32
N ASP J 181 -39.59 2.71 59.57
CA ASP J 181 -40.15 1.59 60.29
C ASP J 181 -41.41 1.01 59.65
N GLU J 182 -41.48 1.01 58.32
CA GLU J 182 -42.64 0.44 57.61
C GLU J 182 -42.53 -1.06 57.38
N GLU J 183 -43.69 -1.69 57.23
CA GLU J 183 -43.79 -3.13 57.17
C GLU J 183 -44.38 -3.55 55.84
N ARG J 184 -43.67 -4.40 55.09
CA ARG J 184 -44.16 -4.89 53.79
C ARG J 184 -44.22 -6.40 53.67
N VAL J 185 -45.05 -6.87 52.77
CA VAL J 185 -45.17 -8.27 52.59
C VAL J 185 -44.64 -8.57 51.25
N VAL J 186 -43.70 -9.50 51.23
CA VAL J 186 -42.94 -9.87 50.06
C VAL J 186 -43.10 -11.37 50.00
N TRP J 187 -43.08 -11.98 48.81
CA TRP J 187 -42.90 -13.46 48.76
C TRP J 187 -41.39 -13.75 48.64
N LEU J 188 -41.02 -15.02 48.73
CA LEU J 188 -39.64 -15.41 48.65
C LEU J 188 -39.40 -16.28 47.45
N ALA J 189 -38.25 -16.11 46.84
CA ALA J 189 -37.89 -16.89 45.68
C ALA J 189 -37.09 -18.08 46.14
N ASP J 190 -37.09 -19.10 45.30
CA ASP J 190 -36.72 -20.43 45.74
C ASP J 190 -35.61 -20.41 46.77
N PRO J 191 -34.40 -20.05 46.38
CA PRO J 191 -33.26 -20.22 47.28
C PRO J 191 -33.45 -19.70 48.70
N LEU J 192 -34.67 -19.83 49.23
CA LEU J 192 -34.94 -19.60 50.64
C LEU J 192 -35.80 -20.73 51.22
N ILE J 193 -36.54 -21.39 50.33
CA ILE J 193 -37.36 -22.57 50.65
C ILE J 193 -37.23 -23.75 49.66
N ALA J 194 -36.01 -24.11 49.28
CA ALA J 194 -35.78 -25.46 48.76
C ALA J 194 -35.69 -26.34 50.00
N GLU J 195 -36.03 -27.62 49.89
CA GLU J 195 -36.09 -28.52 51.07
C GLU J 195 -34.69 -28.72 51.69
N ASP J 196 -33.72 -28.99 50.81
CA ASP J 196 -32.32 -29.26 51.15
C ASP J 196 -31.53 -28.19 51.93
N LEU J 197 -32.20 -27.40 52.77
CA LEU J 197 -31.49 -26.33 53.48
C LEU J 197 -31.28 -26.59 54.97
N PRO J 198 -30.01 -26.58 55.41
CA PRO J 198 -29.59 -26.82 56.81
C PRO J 198 -30.13 -25.81 57.82
N ASP J 199 -30.24 -26.24 59.08
CA ASP J 199 -30.45 -25.31 60.20
C ASP J 199 -29.12 -24.83 60.76
N GLY J 200 -28.03 -25.51 60.34
CA GLY J 200 -26.64 -25.15 60.64
C GLY J 200 -26.31 -24.85 62.11
N LEU J 201 -26.91 -25.63 63.04
CA LEU J 201 -26.87 -25.39 64.52
C LEU J 201 -27.30 -23.92 64.94
N PRO J 202 -27.13 -23.53 66.24
CA PRO J 202 -27.32 -22.07 66.49
C PRO J 202 -26.05 -21.16 66.32
N GLU J 203 -26.01 -20.11 67.16
CA GLU J 203 -24.97 -19.06 67.06
C GLU J 203 -24.05 -18.92 68.31
N ALA J 204 -24.12 -19.87 69.25
CA ALA J 204 -23.24 -19.90 70.46
C ALA J 204 -21.74 -20.17 70.13
N LEU J 205 -21.49 -20.92 69.04
CA LEU J 205 -20.21 -20.92 68.25
C LEU J 205 -20.58 -20.46 66.79
N ASN J 206 -19.71 -19.65 66.17
CA ASN J 206 -20.15 -18.74 65.08
C ASN J 206 -19.35 -18.69 63.78
N ASP J 207 -20.06 -18.65 62.64
CA ASP J 207 -19.48 -18.48 61.27
C ASP J 207 -20.47 -18.85 60.14
N ASP J 208 -21.31 -17.86 59.72
CA ASP J 208 -22.59 -18.20 59.04
C ASP J 208 -22.62 -17.82 57.60
N THR J 209 -21.42 -17.58 57.13
CA THR J 209 -21.12 -17.22 55.74
C THR J 209 -21.77 -18.17 54.68
N ARG J 210 -22.38 -19.24 55.19
CA ARG J 210 -22.85 -20.33 54.35
C ARG J 210 -24.36 -20.46 54.54
N PRO J 211 -25.09 -20.83 53.45
CA PRO J 211 -26.56 -20.98 53.29
C PRO J 211 -27.30 -21.59 54.48
N ARG J 212 -28.58 -21.24 54.66
CA ARG J 212 -29.38 -21.86 55.72
C ARG J 212 -30.87 -21.62 55.57
N LYS J 213 -31.61 -21.95 56.61
CA LYS J 213 -33.05 -21.75 56.67
C LYS J 213 -33.25 -20.38 57.31
N LEU J 214 -34.29 -19.69 56.86
CA LEU J 214 -34.46 -18.30 57.22
C LEU J 214 -34.95 -18.09 58.63
N ARG J 215 -34.06 -17.57 59.47
CA ARG J 215 -34.41 -17.36 60.85
C ARG J 215 -34.90 -15.94 61.06
N PRO J 216 -35.98 -15.80 61.84
CA PRO J 216 -36.50 -14.50 62.16
C PRO J 216 -35.46 -13.74 62.95
N GLY J 217 -34.94 -12.70 62.32
CA GLY J 217 -33.86 -11.92 62.89
C GLY J 217 -32.80 -11.75 61.82
N ASP J 218 -33.11 -12.20 60.62
CA ASP J 218 -32.18 -12.11 59.52
C ASP J 218 -32.40 -10.83 58.75
N SER J 219 -31.51 -10.60 57.81
CA SER J 219 -31.64 -9.53 56.90
C SER J 219 -31.56 -10.13 55.55
N LEU J 220 -32.56 -9.85 54.75
CA LEU J 220 -32.56 -10.25 53.36
C LEU J 220 -32.86 -9.09 52.38
N LEU J 221 -32.57 -9.33 51.11
CA LEU J 221 -32.47 -8.29 50.13
C LEU J 221 -33.67 -8.25 49.20
N VAL J 222 -34.21 -7.07 49.06
CA VAL J 222 -35.55 -6.95 48.57
C VAL J 222 -35.76 -5.85 47.55
N ASP J 223 -36.75 -6.09 46.70
CA ASP J 223 -37.15 -5.14 45.68
C ASP J 223 -38.59 -4.70 45.99
N THR J 224 -38.69 -3.83 46.99
CA THR J 224 -39.95 -3.40 47.52
C THR J 224 -41.01 -3.40 46.43
N LYS J 225 -40.72 -2.77 45.30
CA LYS J 225 -41.75 -2.61 44.28
C LYS J 225 -42.23 -3.97 43.79
N ALA J 226 -41.31 -4.78 43.34
CA ALA J 226 -41.71 -6.04 42.75
C ALA J 226 -42.54 -6.90 43.70
N GLY J 227 -41.94 -7.22 44.83
CA GLY J 227 -42.61 -8.01 45.82
C GLY J 227 -41.82 -9.20 46.26
N TYR J 228 -40.67 -9.42 45.66
CA TYR J 228 -39.93 -10.61 46.01
C TYR J 228 -38.73 -10.33 46.93
N ALA J 229 -38.23 -11.38 47.59
CA ALA J 229 -37.00 -11.28 48.39
C ALA J 229 -35.93 -12.20 47.82
N PHE J 230 -34.70 -11.73 47.71
CA PHE J 230 -33.77 -12.40 46.82
C PHE J 230 -32.64 -13.23 47.44
N GLU J 231 -32.44 -13.16 48.74
CA GLU J 231 -31.36 -13.92 49.39
C GLU J 231 -30.94 -13.39 50.74
N ARG J 232 -29.93 -14.01 51.31
CA ARG J 232 -29.53 -13.77 52.68
C ARG J 232 -28.32 -12.84 52.77
N ILE J 233 -28.09 -12.26 53.94
CA ILE J 233 -26.95 -11.39 54.18
C ILE J 233 -26.42 -11.52 55.61
N PRO J 234 -25.12 -11.77 55.74
CA PRO J 234 -24.45 -11.77 57.06
C PRO J 234 -24.42 -10.41 57.75
N LEU J 235 -25.01 -10.32 58.95
CA LEU J 235 -24.71 -9.21 59.87
C LEU J 235 -23.50 -9.61 60.71
N VAL J 236 -22.41 -8.85 60.66
CA VAL J 236 -21.27 -9.03 61.61
C VAL J 236 -21.52 -8.06 62.86
N PRO J 237 -21.15 -8.49 64.12
CA PRO J 237 -21.76 -8.12 65.47
C PRO J 237 -22.92 -7.07 65.63
N SER K 52 2.89 -23.04 -38.08
CA SER K 52 1.40 -22.87 -37.91
C SER K 52 0.99 -21.42 -37.57
N ALA K 53 0.22 -20.80 -38.48
CA ALA K 53 -0.43 -19.47 -38.27
C ALA K 53 -1.75 -19.57 -37.46
N ARG K 54 -1.84 -20.64 -36.65
CA ARG K 54 -2.96 -20.94 -35.73
C ARG K 54 -2.67 -20.55 -34.27
N ASP K 55 -1.36 -20.56 -33.91
CA ASP K 55 -0.82 -20.17 -32.59
C ASP K 55 -0.95 -18.64 -32.31
N ILE K 56 -0.63 -17.82 -33.32
CA ILE K 56 -0.84 -16.36 -33.28
C ILE K 56 -2.31 -15.98 -33.05
N HIS K 57 -3.23 -16.69 -33.72
CA HIS K 57 -4.69 -16.54 -33.55
C HIS K 57 -5.28 -17.18 -32.27
N GLN K 58 -4.66 -18.28 -31.78
CA GLN K 58 -5.01 -18.92 -30.49
C GLN K 58 -4.67 -18.03 -29.28
N LEU K 59 -3.64 -17.19 -29.40
CA LEU K 59 -3.21 -16.30 -28.32
C LEU K 59 -3.90 -14.94 -28.32
N GLU K 60 -3.96 -14.31 -29.49
CA GLU K 60 -4.76 -13.10 -29.70
C GLU K 60 -6.16 -13.21 -29.11
N ALA K 61 -6.56 -14.45 -28.82
CA ALA K 61 -7.83 -14.76 -28.16
C ALA K 61 -7.67 -14.71 -26.64
N ARG K 62 -6.71 -15.49 -26.13
CA ARG K 62 -6.48 -15.56 -24.71
C ARG K 62 -6.09 -14.20 -24.16
N ILE K 63 -5.36 -13.42 -24.96
CA ILE K 63 -5.08 -12.03 -24.60
C ILE K 63 -6.38 -11.25 -24.36
N ASP K 64 -7.31 -11.30 -25.31
CA ASP K 64 -8.56 -10.56 -25.17
C ASP K 64 -9.49 -11.21 -24.16
N SER K 65 -9.31 -12.52 -23.95
CA SER K 65 -10.02 -13.24 -22.91
C SER K 65 -9.67 -12.66 -21.53
N LEU K 66 -8.39 -12.56 -21.23
CA LEU K 66 -7.96 -12.03 -19.94
C LEU K 66 -8.26 -10.53 -19.80
N ALA K 67 -7.95 -9.77 -20.84
CA ALA K 67 -8.22 -8.33 -20.88
C ALA K 67 -9.67 -8.04 -20.59
N ALA K 68 -10.54 -9.02 -20.85
CA ALA K 68 -11.98 -8.92 -20.59
C ALA K 68 -12.30 -9.05 -19.12
N ARG K 69 -11.81 -10.10 -18.48
CA ARG K 69 -12.01 -10.25 -17.06
C ARG K 69 -11.30 -9.10 -16.33
N ASN K 70 -10.08 -8.79 -16.75
CA ASN K 70 -9.34 -7.68 -16.17
C ASN K 70 -9.97 -6.30 -16.21
N SER K 71 -10.82 -6.06 -17.20
CA SER K 71 -11.50 -4.75 -17.32
C SER K 71 -12.67 -4.57 -16.34
N LYS K 72 -13.21 -5.71 -15.85
CA LYS K 72 -14.34 -5.72 -14.91
C LYS K 72 -13.97 -6.20 -13.51
N LEU K 73 -12.73 -6.66 -13.36
CA LEU K 73 -12.18 -6.85 -12.03
C LEU K 73 -11.74 -5.50 -11.48
N MET K 74 -10.89 -4.80 -12.22
CA MET K 74 -10.46 -3.46 -11.84
C MET K 74 -11.63 -2.58 -11.43
N GLU K 75 -12.86 -3.07 -11.66
CA GLU K 75 -14.10 -2.33 -11.40
C GLU K 75 -15.02 -2.88 -10.27
N THR K 76 -15.04 -4.19 -10.07
CA THR K 76 -15.80 -4.69 -8.93
C THR K 76 -15.11 -4.16 -7.68
N LEU K 77 -13.77 -4.18 -7.64
CA LEU K 77 -13.08 -3.55 -6.52
C LEU K 77 -13.65 -2.16 -6.31
N LYS K 78 -13.69 -1.35 -7.36
CA LYS K 78 -14.16 0.04 -7.25
C LYS K 78 -15.60 0.18 -6.79
N GLU K 79 -16.35 -0.93 -6.81
CA GLU K 79 -17.70 -0.90 -6.29
C GLU K 79 -17.71 -1.32 -4.83
N ALA K 80 -17.10 -2.46 -4.55
CA ALA K 80 -17.00 -2.94 -3.18
C ALA K 80 -16.21 -1.94 -2.32
N ARG K 81 -15.16 -1.37 -2.89
CA ARG K 81 -14.37 -0.31 -2.23
C ARG K 81 -15.27 0.89 -1.83
N GLN K 82 -16.32 1.14 -2.60
CA GLN K 82 -17.32 2.15 -2.25
C GLN K 82 -18.17 1.73 -1.08
N GLN K 83 -18.60 0.46 -1.08
CA GLN K 83 -19.57 0.00 -0.10
C GLN K 83 -18.98 -0.21 1.26
N LEU K 84 -17.71 -0.56 1.33
CA LEU K 84 -17.03 -0.45 2.61
C LEU K 84 -16.97 1.03 3.03
N LEU K 85 -16.67 1.93 2.08
CA LEU K 85 -16.63 3.37 2.42
C LEU K 85 -18.02 3.89 2.80
N ALA K 86 -19.05 3.08 2.55
CA ALA K 86 -20.46 3.43 2.78
C ALA K 86 -20.99 2.88 4.09
N LEU K 87 -20.73 1.60 4.29
CA LEU K 87 -21.07 0.98 5.54
C LEU K 87 -20.35 1.71 6.67
N ARG K 88 -19.01 1.81 6.61
CA ARG K 88 -18.23 2.46 7.68
C ARG K 88 -18.80 3.88 7.87
N GLU K 89 -19.22 4.48 6.77
CA GLU K 89 -19.90 5.78 6.78
C GLU K 89 -21.21 5.78 7.57
N GLU K 90 -21.74 4.59 7.85
CA GLU K 90 -23.04 4.44 8.49
C GLU K 90 -22.90 4.18 9.96
N VAL K 91 -21.86 3.44 10.27
CA VAL K 91 -21.48 3.17 11.63
C VAL K 91 -21.07 4.48 12.29
N ASP K 92 -20.31 5.30 11.57
CA ASP K 92 -20.01 6.67 12.01
C ASP K 92 -21.27 7.48 12.33
N ARG K 93 -22.29 7.29 11.48
CA ARG K 93 -23.56 8.03 11.48
C ARG K 93 -24.50 7.63 12.61
N LEU K 94 -24.09 6.66 13.40
CA LEU K 94 -24.82 6.25 14.59
C LEU K 94 -24.45 7.11 15.76
N GLY K 95 -23.15 7.22 16.01
CA GLY K 95 -22.62 8.02 17.11
C GLY K 95 -23.12 9.44 17.09
N GLN K 96 -23.42 9.93 15.89
CA GLN K 96 -23.97 11.27 15.72
C GLN K 96 -25.21 11.41 16.57
N PRO K 97 -25.28 12.51 17.32
CA PRO K 97 -26.40 12.98 18.13
C PRO K 97 -27.73 13.08 17.34
N PRO K 98 -28.87 13.23 18.02
CA PRO K 98 -29.04 13.33 19.47
C PRO K 98 -28.82 11.98 20.17
N SER K 99 -28.29 12.01 21.39
CA SER K 99 -27.77 10.81 22.03
C SER K 99 -27.93 10.67 23.50
N GLY K 100 -28.19 9.44 23.90
CA GLY K 100 -28.48 9.10 25.28
C GLY K 100 -27.36 8.42 26.03
N TYR K 101 -27.62 8.16 27.30
CA TYR K 101 -26.61 7.87 28.29
C TYR K 101 -27.20 6.98 29.37
N GLY K 102 -26.66 5.77 29.52
CA GLY K 102 -27.09 4.85 30.60
C GLY K 102 -26.03 4.58 31.67
N VAL K 103 -26.09 3.41 32.33
CA VAL K 103 -25.00 2.86 33.15
C VAL K 103 -24.95 1.36 32.88
N LEU K 104 -23.76 0.76 32.90
CA LEU K 104 -23.57 -0.62 32.39
C LEU K 104 -23.37 -1.68 33.48
N LEU K 105 -24.10 -2.78 33.36
CA LEU K 105 -24.19 -3.72 34.48
C LEU K 105 -23.35 -4.98 34.34
N ALA K 106 -23.19 -5.47 33.11
CA ALA K 106 -22.32 -6.66 32.87
C ALA K 106 -21.90 -6.93 31.41
N THR K 107 -20.73 -7.55 31.24
CA THR K 107 -20.19 -7.89 29.93
C THR K 107 -20.85 -9.13 29.38
N HIS K 108 -21.17 -9.07 28.09
CA HIS K 108 -21.54 -10.27 27.37
C HIS K 108 -20.62 -10.60 26.19
N ASP K 109 -20.46 -11.90 25.95
CA ASP K 109 -19.48 -12.43 24.99
C ASP K 109 -19.87 -12.28 23.50
N ASP K 110 -21.16 -12.36 23.18
CA ASP K 110 -21.60 -12.39 21.78
C ASP K 110 -21.88 -11.01 21.16
N ASP K 111 -21.28 -9.99 21.76
CA ASP K 111 -21.47 -8.56 21.40
C ASP K 111 -22.82 -7.99 21.86
N THR K 112 -23.01 -8.05 23.19
CA THR K 112 -24.22 -7.62 23.91
C THR K 112 -23.87 -7.08 25.32
N VAL K 113 -24.69 -6.18 25.85
CA VAL K 113 -24.44 -5.70 27.19
C VAL K 113 -25.64 -5.37 28.06
N ASP K 114 -25.44 -5.56 29.36
CA ASP K 114 -26.40 -5.19 30.39
C ASP K 114 -26.17 -3.75 30.82
N VAL K 115 -26.99 -2.86 30.25
CA VAL K 115 -27.06 -1.48 30.67
C VAL K 115 -28.32 -1.17 31.44
N PHE K 116 -28.42 0.07 31.85
CA PHE K 116 -29.51 0.58 32.62
C PHE K 116 -29.69 1.87 31.87
N THR K 117 -30.91 2.19 31.49
CA THR K 117 -31.21 3.45 30.85
C THR K 117 -32.67 3.69 31.02
N SER K 118 -33.02 4.90 31.41
CA SER K 118 -34.38 5.20 31.75
C SER K 118 -34.91 4.03 32.58
N GLY K 119 -34.31 3.87 33.77
CA GLY K 119 -34.93 3.13 34.86
C GLY K 119 -34.95 1.62 34.89
N ARG K 120 -34.74 0.98 33.74
CA ARG K 120 -34.80 -0.50 33.65
C ARG K 120 -33.51 -1.17 33.17
N LYS K 121 -33.40 -2.45 33.42
CA LYS K 121 -32.28 -3.21 32.91
C LYS K 121 -32.57 -3.55 31.48
N MET K 122 -31.55 -3.40 30.65
CA MET K 122 -31.70 -3.65 29.23
C MET K 122 -30.45 -4.17 28.51
N ARG K 123 -30.63 -5.31 27.87
CA ARG K 123 -29.57 -5.96 27.15
C ARG K 123 -29.64 -5.54 25.69
N LEU K 124 -28.53 -5.04 25.20
CA LEU K 124 -28.55 -4.12 24.10
C LEU K 124 -27.46 -4.46 23.11
N THR K 125 -27.72 -4.21 21.82
CA THR K 125 -26.73 -4.44 20.74
C THR K 125 -25.72 -3.29 20.58
N CYS K 126 -24.43 -3.62 20.57
CA CYS K 126 -23.36 -2.59 20.51
C CYS K 126 -22.54 -2.57 19.23
N SER K 127 -21.94 -1.40 18.99
CA SER K 127 -21.39 -1.05 17.70
C SER K 127 -20.05 -1.70 17.42
N PRO K 128 -19.87 -2.17 16.17
CA PRO K 128 -18.56 -2.44 15.60
C PRO K 128 -17.51 -1.41 16.01
N ASN K 129 -17.88 -0.14 16.11
CA ASN K 129 -16.98 0.92 16.61
C ASN K 129 -16.39 0.57 17.99
N ILE K 130 -16.88 -0.53 18.56
CA ILE K 130 -16.67 -0.79 19.98
C ILE K 130 -15.77 -1.94 20.44
N ASP K 131 -14.96 -1.58 21.43
CA ASP K 131 -14.05 -2.45 22.15
C ASP K 131 -14.75 -3.46 23.07
N ALA K 132 -15.08 -4.63 22.51
CA ALA K 132 -16.00 -5.59 23.10
C ALA K 132 -15.88 -5.89 24.61
N ALA K 133 -14.68 -6.22 25.09
CA ALA K 133 -14.52 -6.67 26.49
C ALA K 133 -13.67 -5.76 27.40
N SER K 134 -13.27 -4.60 26.87
CA SER K 134 -12.58 -3.58 27.68
C SER K 134 -13.57 -2.66 28.39
N LEU K 135 -14.84 -3.05 28.43
CA LEU K 135 -15.87 -2.27 29.11
C LEU K 135 -15.92 -2.61 30.56
N LYS K 136 -15.27 -1.75 31.34
CA LYS K 136 -15.21 -1.89 32.76
C LYS K 136 -16.66 -1.85 33.27
N LYS K 137 -16.96 -2.63 34.31
CA LYS K 137 -18.31 -2.72 34.88
C LYS K 137 -18.77 -1.44 35.60
N GLY K 138 -19.92 -0.91 35.19
CA GLY K 138 -20.44 0.31 35.79
C GLY K 138 -19.75 1.51 35.22
N GLN K 139 -20.01 1.76 33.95
CA GLN K 139 -19.35 2.80 33.24
C GLN K 139 -20.45 3.53 32.52
N THR K 140 -20.62 4.81 32.82
CA THR K 140 -21.45 5.65 32.00
C THR K 140 -21.20 5.25 30.54
N VAL K 141 -22.21 4.80 29.81
CA VAL K 141 -22.04 4.56 28.36
C VAL K 141 -23.02 5.42 27.58
N ARG K 142 -22.97 5.38 26.24
CA ARG K 142 -23.73 6.34 25.41
C ARG K 142 -24.54 5.68 24.27
N LEU K 143 -25.76 6.18 24.00
CA LEU K 143 -26.67 5.52 23.06
C LEU K 143 -27.34 6.44 22.06
N ASN K 144 -27.51 5.91 20.85
CA ASN K 144 -28.29 6.57 19.80
C ASN K 144 -29.75 6.25 20.03
N GLU K 145 -30.60 6.81 19.17
CA GLU K 145 -32.05 6.69 19.31
C GLU K 145 -32.50 5.29 19.71
N ALA K 146 -32.68 4.38 18.75
CA ALA K 146 -32.99 2.98 19.12
C ALA K 146 -31.76 2.40 19.78
N LEU K 147 -31.76 2.47 21.09
CA LEU K 147 -30.59 2.21 21.90
C LEU K 147 -29.59 1.29 21.23
N THR K 148 -28.40 1.83 20.96
CA THR K 148 -27.25 1.04 20.52
C THR K 148 -26.02 1.76 21.07
N VAL K 149 -25.18 1.03 21.81
CA VAL K 149 -24.05 1.68 22.47
C VAL K 149 -23.06 2.09 21.44
N VAL K 150 -22.57 3.31 21.57
CA VAL K 150 -21.66 3.86 20.58
C VAL K 150 -20.36 4.42 21.13
N GLU K 151 -20.26 4.63 22.44
CA GLU K 151 -18.99 5.08 23.00
C GLU K 151 -18.82 4.50 24.37
N ALA K 152 -17.68 4.77 24.97
CA ALA K 152 -17.50 4.51 26.39
C ALA K 152 -17.03 5.78 27.06
N GLY K 153 -17.49 6.01 28.29
CA GLY K 153 -17.23 7.26 28.98
C GLY K 153 -16.61 6.95 30.30
N THR K 154 -16.75 7.88 31.23
CA THR K 154 -16.12 7.76 32.52
C THR K 154 -17.08 7.26 33.53
N PHE K 155 -17.09 8.01 34.62
CA PHE K 155 -17.82 7.68 35.81
C PHE K 155 -18.60 8.87 36.36
N GLU K 156 -19.86 8.91 35.93
CA GLU K 156 -20.91 9.68 36.55
C GLU K 156 -20.36 10.14 37.88
N ALA K 157 -20.21 11.43 38.09
CA ALA K 157 -19.59 11.80 39.32
C ALA K 157 -20.47 12.67 40.18
N VAL K 158 -21.76 12.30 40.27
CA VAL K 158 -22.74 13.14 40.94
C VAL K 158 -23.97 12.43 41.49
N GLY K 159 -24.49 12.90 42.62
CA GLY K 159 -25.73 12.35 43.10
C GLY K 159 -25.67 12.00 44.56
N GLU K 160 -26.25 10.84 44.90
CA GLU K 160 -26.45 10.47 46.31
C GLU K 160 -25.12 10.07 46.99
N ILE K 161 -24.85 10.63 48.17
CA ILE K 161 -23.70 10.24 48.97
C ILE K 161 -24.08 9.32 50.08
N SER K 162 -23.56 8.10 49.98
CA SER K 162 -23.75 7.09 51.01
C SER K 162 -22.43 6.72 51.73
N THR K 163 -22.50 6.43 53.03
CA THR K 163 -21.37 5.91 53.80
C THR K 163 -21.48 4.37 53.75
N LEU K 164 -20.36 3.65 53.85
CA LEU K 164 -20.43 2.19 53.67
C LEU K 164 -20.16 1.36 54.92
N ARG K 165 -20.71 0.15 54.98
CA ARG K 165 -20.56 -0.62 56.19
C ARG K 165 -19.50 -1.67 56.09
N GLU K 166 -19.49 -2.44 54.99
CA GLU K 166 -18.48 -3.49 54.75
C GLU K 166 -18.64 -4.09 53.36
N ILE K 167 -17.59 -4.70 52.83
CA ILE K 167 -17.75 -5.44 51.59
C ILE K 167 -18.33 -6.82 51.87
N LEU K 168 -18.36 -7.64 50.83
CA LEU K 168 -19.01 -8.93 50.92
C LEU K 168 -18.14 -10.10 50.52
N ALA K 169 -18.69 -11.27 50.81
CA ALA K 169 -18.19 -12.52 50.27
C ALA K 169 -17.71 -12.26 48.85
N ASP K 170 -18.60 -11.75 48.01
CA ASP K 170 -18.32 -11.49 46.59
C ASP K 170 -17.23 -10.47 46.29
N GLY K 171 -16.97 -9.57 47.25
CA GLY K 171 -15.98 -8.51 47.09
C GLY K 171 -16.24 -7.63 45.89
N HIS K 172 -17.25 -8.01 45.12
CA HIS K 172 -17.76 -7.22 44.02
C HIS K 172 -18.96 -6.36 44.48
N ARG K 173 -19.50 -6.66 45.67
CA ARG K 173 -20.75 -6.05 46.15
C ARG K 173 -20.60 -5.53 47.57
N ALA K 174 -21.23 -4.41 47.88
CA ALA K 174 -21.09 -3.88 49.22
C ALA K 174 -22.35 -3.30 49.85
N LEU K 175 -22.32 -3.28 51.17
CA LEU K 175 -23.40 -2.75 51.95
C LEU K 175 -23.12 -1.29 52.20
N VAL K 176 -24.07 -0.46 51.75
CA VAL K 176 -24.01 0.99 51.90
C VAL K 176 -25.11 1.47 52.81
N VAL K 177 -24.79 2.36 53.73
CA VAL K 177 -25.83 3.06 54.46
C VAL K 177 -25.97 4.44 53.87
N GLY K 178 -27.22 4.84 53.61
CA GLY K 178 -27.55 6.16 53.05
C GLY K 178 -27.82 7.15 54.16
N HIS K 179 -28.89 7.92 54.01
CA HIS K 179 -29.17 8.99 54.96
C HIS K 179 -30.24 8.63 55.98
N ALA K 180 -31.25 7.91 55.51
CA ALA K 180 -32.35 7.48 56.36
C ALA K 180 -32.01 6.20 57.13
N ASP K 181 -30.71 5.94 57.27
CA ASP K 181 -30.18 4.67 57.82
C ASP K 181 -30.63 3.46 56.98
N GLU K 182 -30.69 3.70 55.67
CA GLU K 182 -31.30 2.80 54.72
C GLU K 182 -30.23 1.99 54.02
N GLU K 183 -30.08 0.76 54.47
CA GLU K 183 -28.98 -0.05 54.01
C GLU K 183 -29.34 -0.66 52.66
N ARG K 184 -28.50 -0.41 51.64
CA ARG K 184 -28.78 -0.90 50.30
C ARG K 184 -27.64 -1.77 49.77
N VAL K 185 -27.82 -2.33 48.60
CA VAL K 185 -26.80 -3.17 48.05
C VAL K 185 -26.47 -2.75 46.63
N VAL K 186 -25.25 -2.26 46.46
CA VAL K 186 -24.68 -1.89 45.17
C VAL K 186 -23.54 -2.79 44.77
N TRP K 187 -23.23 -2.91 43.47
CA TRP K 187 -21.91 -3.42 43.07
C TRP K 187 -20.96 -2.23 43.00
N LEU K 188 -19.66 -2.52 42.96
CA LEU K 188 -18.64 -1.50 42.89
C LEU K 188 -17.97 -1.57 41.55
N ALA K 189 -17.74 -0.41 40.99
CA ALA K 189 -17.05 -0.33 39.73
C ALA K 189 -15.58 -0.51 40.01
N ASP K 190 -14.94 -1.22 39.10
CA ASP K 190 -13.58 -1.74 39.25
C ASP K 190 -12.61 -0.78 39.91
N PRO K 191 -12.67 0.50 39.54
CA PRO K 191 -11.90 1.53 40.22
C PRO K 191 -12.01 1.55 41.76
N LEU K 192 -12.26 0.40 42.38
CA LEU K 192 -12.26 0.28 43.85
C LEU K 192 -11.70 -1.08 44.27
N ILE K 193 -11.86 -2.03 43.36
CA ILE K 193 -11.15 -3.30 43.44
C ILE K 193 -10.34 -3.52 42.16
N ALA K 194 -9.48 -2.54 41.87
CA ALA K 194 -8.26 -2.78 41.10
C ALA K 194 -7.24 -3.27 42.14
N GLU K 195 -6.55 -4.35 41.79
CA GLU K 195 -5.49 -4.94 42.62
C GLU K 195 -4.47 -3.86 43.04
N ASP K 196 -3.94 -3.15 42.02
CA ASP K 196 -2.92 -2.10 42.14
C ASP K 196 -3.32 -0.84 42.95
N LEU K 197 -3.99 -1.06 44.08
CA LEU K 197 -4.28 0.03 44.97
C LEU K 197 -3.51 -0.20 46.25
N PRO K 198 -2.77 0.82 46.70
CA PRO K 198 -2.05 0.78 47.97
C PRO K 198 -2.97 0.39 49.10
N ASP K 199 -2.46 -0.39 50.06
CA ASP K 199 -3.25 -0.82 51.23
C ASP K 199 -3.68 0.39 52.09
N GLY K 200 -2.76 1.35 52.28
CA GLY K 200 -3.16 2.65 52.81
C GLY K 200 -2.31 3.32 53.86
N LEU K 201 -2.00 2.59 54.94
CA LEU K 201 -1.51 3.19 56.21
C LEU K 201 -2.61 4.13 56.80
N PRO K 202 -2.67 4.29 58.17
CA PRO K 202 -3.80 5.04 58.76
C PRO K 202 -3.92 6.56 58.39
N GLU K 203 -5.07 7.14 58.79
CA GLU K 203 -5.33 8.59 58.69
C GLU K 203 -5.44 9.24 60.11
N ALA K 204 -4.27 9.30 60.75
CA ALA K 204 -3.97 9.99 62.02
C ALA K 204 -2.58 10.75 62.06
N LEU K 205 -1.69 10.46 61.07
CA LEU K 205 -0.57 11.38 60.60
C LEU K 205 -0.99 12.18 59.31
N ASN K 206 -2.32 12.36 59.24
CA ASN K 206 -3.11 13.36 58.47
C ASN K 206 -3.77 13.09 57.14
N ASP K 207 -3.18 13.50 56.02
CA ASP K 207 -3.91 13.38 54.75
C ASP K 207 -3.08 12.90 53.57
N ASP K 208 -3.74 12.09 52.73
CA ASP K 208 -3.35 11.87 51.34
C ASP K 208 -4.61 11.80 50.45
N THR K 209 -5.55 10.93 50.80
CA THR K 209 -6.76 10.71 49.99
C THR K 209 -6.36 10.46 48.53
N ARG K 210 -5.11 10.01 48.37
CA ARG K 210 -4.57 9.56 47.10
C ARG K 210 -5.18 8.17 46.92
N PRO K 211 -5.67 7.85 45.70
CA PRO K 211 -6.33 6.57 45.42
C PRO K 211 -5.91 5.43 46.37
N ARG K 212 -6.74 5.17 47.39
CA ARG K 212 -6.49 4.07 48.35
C ARG K 212 -7.43 2.88 48.19
N LYS K 213 -7.10 1.79 48.90
CA LYS K 213 -7.92 0.58 48.89
C LYS K 213 -9.03 0.74 49.90
N LEU K 214 -10.18 0.17 49.54
CA LEU K 214 -11.46 0.48 50.14
C LEU K 214 -11.65 0.09 51.61
N ARG K 215 -11.84 1.10 52.45
CA ARG K 215 -11.85 0.91 53.88
C ARG K 215 -13.23 1.19 54.45
N PRO K 216 -13.63 0.46 55.50
CA PRO K 216 -14.94 0.60 56.09
C PRO K 216 -15.08 1.83 56.96
N GLY K 217 -15.49 2.93 56.35
CA GLY K 217 -15.74 4.18 57.06
C GLY K 217 -15.70 5.37 56.12
N ASP K 218 -15.37 5.10 54.87
CA ASP K 218 -15.31 6.14 53.87
C ASP K 218 -16.69 6.47 53.37
N SER K 219 -16.78 7.59 52.66
CA SER K 219 -17.99 7.95 52.02
C SER K 219 -17.88 7.58 50.54
N LEU K 220 -18.97 7.06 49.98
CA LEU K 220 -19.03 6.76 48.54
C LEU K 220 -20.19 7.42 47.80
N LEU K 221 -19.90 7.76 46.56
CA LEU K 221 -20.85 8.37 45.73
C LEU K 221 -21.51 7.25 44.98
N VAL K 222 -22.83 7.14 45.11
CA VAL K 222 -23.56 6.01 44.53
C VAL K 222 -24.73 6.42 43.65
N ASP K 223 -25.22 5.49 42.83
CA ASP K 223 -26.44 5.73 42.06
C ASP K 223 -27.48 4.68 42.45
N THR K 224 -28.17 4.96 43.54
CA THR K 224 -29.14 4.07 44.14
C THR K 224 -29.96 3.29 43.11
N LYS K 225 -30.17 3.88 41.95
CA LYS K 225 -31.02 3.24 40.95
C LYS K 225 -30.35 2.12 40.20
N ALA K 226 -29.21 2.38 39.58
CA ALA K 226 -28.56 1.32 38.84
C ALA K 226 -28.09 0.26 39.78
N GLY K 227 -27.39 0.68 40.82
CA GLY K 227 -26.92 -0.23 41.82
C GLY K 227 -25.43 -0.18 41.94
N TYR K 228 -24.85 0.98 41.68
CA TYR K 228 -23.41 1.05 41.70
C TYR K 228 -22.83 2.13 42.56
N ALA K 229 -21.70 1.80 43.17
CA ALA K 229 -20.78 2.80 43.70
C ALA K 229 -19.93 3.31 42.54
N PHE K 230 -19.14 4.35 42.77
CA PHE K 230 -18.49 5.01 41.66
C PHE K 230 -17.12 5.58 42.03
N GLU K 231 -16.97 6.05 43.27
CA GLU K 231 -15.66 6.50 43.77
C GLU K 231 -15.60 6.89 45.25
N ARG K 232 -14.37 7.16 45.70
CA ARG K 232 -14.04 7.54 47.07
C ARG K 232 -14.27 9.02 47.22
N ILE K 233 -14.36 9.49 48.46
CA ILE K 233 -14.41 10.93 48.76
C ILE K 233 -14.02 11.19 50.20
N PRO K 234 -13.14 12.16 50.43
CA PRO K 234 -12.74 12.53 51.78
C PRO K 234 -13.77 13.36 52.50
N LEU K 235 -14.00 13.07 53.77
CA LEU K 235 -14.80 13.95 54.61
C LEU K 235 -13.90 14.40 55.75
N VAL K 236 -13.75 15.72 55.93
CA VAL K 236 -13.01 16.24 57.11
C VAL K 236 -13.90 16.27 58.36
N PRO K 237 -13.30 15.96 59.56
CA PRO K 237 -13.86 15.56 60.90
C PRO K 237 -15.42 15.53 61.19
N SER L 52 -100.44 -48.37 -10.87
CA SER L 52 -99.98 -46.96 -10.81
C SER L 52 -100.35 -46.23 -9.51
N ALA L 53 -100.84 -46.93 -8.51
CA ALA L 53 -101.14 -46.27 -7.23
C ALA L 53 -99.89 -46.11 -6.38
N ARG L 54 -99.17 -47.22 -6.20
CA ARG L 54 -97.87 -47.19 -5.58
C ARG L 54 -97.21 -45.87 -5.93
N ASP L 55 -97.22 -45.53 -7.22
CA ASP L 55 -96.51 -44.38 -7.72
C ASP L 55 -96.82 -43.08 -7.03
N ILE L 56 -98.09 -42.77 -6.79
CA ILE L 56 -98.38 -41.53 -6.09
C ILE L 56 -97.77 -41.60 -4.69
N HIS L 57 -98.14 -42.60 -3.90
CA HIS L 57 -97.55 -42.74 -2.55
C HIS L 57 -96.08 -42.38 -2.49
N GLN L 58 -95.31 -43.03 -3.35
CA GLN L 58 -93.88 -42.84 -3.41
C GLN L 58 -93.48 -41.38 -3.39
N LEU L 59 -94.33 -40.52 -3.92
CA LEU L 59 -94.06 -39.11 -3.90
C LEU L 59 -94.55 -38.53 -2.61
N GLU L 60 -95.86 -38.65 -2.37
CA GLU L 60 -96.49 -38.16 -1.15
C GLU L 60 -95.63 -38.51 0.04
N ALA L 61 -94.87 -39.59 -0.07
CA ALA L 61 -94.02 -40.04 1.01
C ALA L 61 -92.64 -39.37 1.02
N ARG L 62 -92.04 -39.11 -0.15
CA ARG L 62 -90.83 -38.33 -0.16
C ARG L 62 -91.17 -36.91 0.23
N ILE L 63 -92.26 -36.38 -0.31
CA ILE L 63 -92.68 -35.03 0.06
C ILE L 63 -92.85 -34.91 1.55
N ASP L 64 -93.87 -35.58 2.10
CA ASP L 64 -94.18 -35.46 3.55
C ASP L 64 -92.90 -35.67 4.42
N SER L 65 -91.87 -36.35 3.89
CA SER L 65 -90.60 -36.63 4.63
C SER L 65 -89.36 -35.75 4.30
N LEU L 66 -89.50 -34.86 3.32
CA LEU L 66 -88.51 -33.82 3.12
C LEU L 66 -89.06 -32.56 3.75
N ALA L 67 -90.38 -32.46 3.78
CA ALA L 67 -91.10 -31.36 4.42
C ALA L 67 -90.67 -31.16 5.85
N ALA L 68 -90.91 -32.17 6.68
CA ALA L 68 -90.54 -32.06 8.07
C ALA L 68 -88.99 -32.11 8.30
N ARG L 69 -88.21 -32.54 7.31
CA ARG L 69 -86.78 -32.25 7.42
C ARG L 69 -86.56 -30.76 7.15
N ASN L 70 -87.16 -30.21 6.09
CA ASN L 70 -87.13 -28.76 5.88
C ASN L 70 -87.34 -28.03 7.19
N SER L 71 -88.48 -28.25 7.82
CA SER L 71 -88.85 -27.55 9.05
C SER L 71 -87.86 -27.69 10.24
N LYS L 72 -87.25 -28.87 10.41
CA LYS L 72 -86.24 -29.03 11.45
C LYS L 72 -84.99 -28.19 11.10
N LEU L 73 -84.55 -28.25 9.84
CA LEU L 73 -83.36 -27.50 9.41
C LEU L 73 -83.63 -26.03 9.53
N MET L 74 -84.85 -25.63 9.23
CA MET L 74 -85.28 -24.27 9.49
C MET L 74 -84.91 -23.82 10.87
N GLU L 75 -85.71 -24.28 11.83
CA GLU L 75 -85.62 -23.87 13.22
C GLU L 75 -84.20 -24.03 13.77
N THR L 76 -83.61 -25.20 13.58
CA THR L 76 -82.30 -25.46 14.17
C THR L 76 -81.25 -24.51 13.55
N LEU L 77 -81.64 -23.82 12.47
CA LEU L 77 -80.74 -22.88 11.77
C LEU L 77 -81.03 -21.44 12.12
N LYS L 78 -82.30 -21.17 12.40
CA LYS L 78 -82.62 -19.93 13.07
C LYS L 78 -81.86 -19.91 14.41
N GLU L 79 -82.06 -20.94 15.25
CA GLU L 79 -81.46 -21.00 16.61
C GLU L 79 -79.90 -20.88 16.63
N ALA L 80 -79.26 -20.99 15.47
CA ALA L 80 -77.87 -20.65 15.37
C ALA L 80 -77.73 -19.14 15.17
N ARG L 81 -78.67 -18.52 14.48
CA ARG L 81 -78.64 -17.06 14.37
C ARG L 81 -78.85 -16.28 15.67
N GLN L 82 -79.78 -16.67 16.54
CA GLN L 82 -79.96 -15.99 17.86
C GLN L 82 -78.70 -16.10 18.75
N GLN L 83 -77.87 -17.08 18.45
CA GLN L 83 -76.63 -17.25 19.16
C GLN L 83 -75.47 -16.58 18.41
N LEU L 84 -75.54 -16.56 17.09
CA LEU L 84 -74.51 -15.97 16.26
C LEU L 84 -74.75 -14.48 16.11
N LEU L 85 -75.82 -13.98 16.74
CA LEU L 85 -76.14 -12.53 16.71
C LEU L 85 -75.83 -11.84 18.01
N ALA L 86 -76.51 -12.28 19.07
CA ALA L 86 -76.20 -11.85 20.43
C ALA L 86 -74.72 -12.16 20.83
N LEU L 87 -74.07 -13.11 20.15
CA LEU L 87 -72.61 -13.28 20.27
C LEU L 87 -71.89 -12.20 19.50
N ARG L 88 -72.34 -11.92 18.28
CA ARG L 88 -71.70 -10.91 17.47
C ARG L 88 -71.70 -9.54 18.14
N GLU L 89 -72.88 -8.98 18.41
CA GLU L 89 -73.01 -7.65 19.03
C GLU L 89 -72.07 -7.41 20.24
N GLU L 90 -71.73 -8.50 20.96
CA GLU L 90 -70.89 -8.44 22.17
C GLU L 90 -69.42 -8.30 21.85
N VAL L 91 -69.13 -8.32 20.56
CA VAL L 91 -67.80 -8.15 20.06
C VAL L 91 -67.72 -6.83 19.29
N ASP L 92 -68.89 -6.24 19.03
CA ASP L 92 -68.98 -4.86 18.53
C ASP L 92 -68.87 -3.84 19.66
N ARG L 93 -69.16 -4.29 20.88
CA ARG L 93 -68.98 -3.53 22.10
C ARG L 93 -67.53 -3.58 22.58
N LEU L 94 -66.82 -4.67 22.30
CA LEU L 94 -65.41 -4.74 22.68
C LEU L 94 -64.54 -4.03 21.66
N GLY L 95 -65.20 -3.35 20.74
CA GLY L 95 -64.55 -2.55 19.70
C GLY L 95 -64.52 -1.05 20.01
N GLN L 96 -65.65 -0.52 20.48
CA GLN L 96 -65.75 0.86 20.97
C GLN L 96 -64.89 1.09 22.22
N PRO L 97 -64.02 2.12 22.17
CA PRO L 97 -63.10 2.55 23.23
C PRO L 97 -63.65 2.54 24.65
N PRO L 98 -62.73 2.41 25.62
CA PRO L 98 -62.98 2.35 27.04
C PRO L 98 -63.06 3.73 27.68
N SER L 99 -63.50 3.76 28.94
CA SER L 99 -63.97 4.97 29.58
C SER L 99 -62.93 5.64 30.47
N GLY L 100 -63.09 6.94 30.70
CA GLY L 100 -62.19 7.70 31.56
C GLY L 100 -62.83 8.39 32.76
N TYR L 101 -62.15 8.32 33.90
CA TYR L 101 -62.60 8.98 35.12
C TYR L 101 -61.60 10.08 35.48
N GLY L 102 -62.10 11.15 36.10
CA GLY L 102 -61.26 12.24 36.63
C GLY L 102 -62.06 13.09 37.63
N VAL L 103 -61.40 14.04 38.30
CA VAL L 103 -62.13 14.88 39.26
C VAL L 103 -62.38 16.25 38.68
N LEU L 104 -63.53 16.82 39.03
CA LEU L 104 -63.96 18.11 38.50
C LEU L 104 -63.50 19.25 39.38
N LEU L 105 -62.95 20.29 38.79
CA LEU L 105 -62.56 21.43 39.60
C LEU L 105 -63.65 22.47 39.74
N ALA L 106 -63.79 23.40 38.79
CA ALA L 106 -64.86 24.40 38.89
C ALA L 106 -65.74 24.49 37.64
N THR L 107 -66.89 25.14 37.79
CA THR L 107 -67.75 25.45 36.66
C THR L 107 -67.13 26.62 35.96
N HIS L 108 -67.10 26.57 34.64
CA HIS L 108 -66.97 27.83 33.94
C HIS L 108 -68.34 28.20 33.31
N ASP L 109 -68.44 29.42 32.78
CA ASP L 109 -69.68 29.96 32.22
C ASP L 109 -70.06 29.39 30.82
N ASP L 110 -69.07 29.00 30.02
CA ASP L 110 -69.32 28.26 28.79
C ASP L 110 -69.89 26.89 29.09
N ASP L 111 -69.70 25.97 28.15
CA ASP L 111 -69.85 24.54 28.41
C ASP L 111 -68.49 23.93 28.77
N THR L 112 -67.54 24.79 29.15
CA THR L 112 -66.22 24.35 29.52
C THR L 112 -66.14 24.13 31.02
N VAL L 113 -65.44 23.06 31.41
CA VAL L 113 -65.10 22.83 32.81
C VAL L 113 -63.67 22.32 33.07
N ASP L 114 -63.13 22.80 34.19
CA ASP L 114 -61.83 22.41 34.72
C ASP L 114 -62.01 21.10 35.48
N VAL L 115 -61.35 20.05 34.99
CA VAL L 115 -61.24 18.79 35.74
C VAL L 115 -59.81 18.28 35.77
N PHE L 116 -59.55 17.38 36.71
CA PHE L 116 -58.27 16.70 36.88
C PHE L 116 -58.44 15.37 36.20
N THR L 117 -57.38 14.81 35.65
CA THR L 117 -57.47 13.47 35.09
C THR L 117 -56.15 12.70 35.15
N SER L 118 -55.56 12.35 34.01
CA SER L 118 -54.23 11.75 34.06
C SER L 118 -53.37 12.83 34.67
N GLY L 119 -53.01 12.63 35.94
CA GLY L 119 -52.14 13.53 36.70
C GLY L 119 -52.27 15.06 36.68
N ARG L 120 -52.94 15.65 35.68
CA ARG L 120 -52.95 17.11 35.52
C ARG L 120 -54.33 17.79 35.56
N LYS L 121 -54.35 19.05 35.19
CA LYS L 121 -55.53 19.86 35.26
C LYS L 121 -55.83 20.20 33.84
N MET L 122 -57.00 19.83 33.36
CA MET L 122 -57.37 20.21 32.00
C MET L 122 -58.82 20.66 31.83
N ARG L 123 -59.05 21.54 30.86
CA ARG L 123 -60.38 22.00 30.52
C ARG L 123 -60.83 21.30 29.26
N LEU L 124 -62.11 20.96 29.22
CA LEU L 124 -62.68 20.26 28.07
C LEU L 124 -64.17 20.53 27.95
N THR L 125 -64.75 20.16 26.79
CA THR L 125 -66.19 20.36 26.47
C THR L 125 -67.16 19.30 27.07
N CYS L 126 -68.43 19.68 27.09
CA CYS L 126 -69.52 18.87 27.63
C CYS L 126 -70.53 18.42 26.60
N SER L 127 -70.94 17.16 26.74
CA SER L 127 -71.84 16.55 25.80
C SER L 127 -73.13 17.34 25.81
N PRO L 128 -73.67 17.59 24.60
CA PRO L 128 -75.08 17.94 24.46
C PRO L 128 -75.98 17.32 25.57
N ASN L 129 -75.83 16.01 25.83
CA ASN L 129 -76.71 15.27 26.74
C ASN L 129 -76.30 15.23 28.24
N ILE L 130 -75.71 16.31 28.72
CA ILE L 130 -75.55 16.44 30.16
C ILE L 130 -75.88 17.84 30.65
N ASP L 131 -76.23 17.91 31.94
CA ASP L 131 -76.64 19.12 32.66
C ASP L 131 -75.71 20.31 32.38
N ALA L 132 -76.16 21.20 31.50
CA ALA L 132 -75.38 22.38 31.13
C ALA L 132 -74.39 22.86 32.22
N ALA L 133 -74.90 23.05 33.45
CA ALA L 133 -74.10 23.59 34.57
C ALA L 133 -74.25 22.86 35.89
N SER L 134 -75.43 22.29 36.14
CA SER L 134 -75.76 21.77 37.47
C SER L 134 -75.15 20.40 37.78
N LEU L 135 -73.82 20.35 37.85
CA LEU L 135 -73.10 19.20 38.39
C LEU L 135 -72.17 19.72 39.46
N LYS L 136 -72.43 19.31 40.69
CA LYS L 136 -71.88 19.92 41.90
C LYS L 136 -70.36 20.03 41.90
N LYS L 137 -69.84 21.03 42.62
CA LYS L 137 -68.40 21.26 42.69
C LYS L 137 -67.55 20.01 43.04
N GLY L 138 -66.74 19.59 42.08
CA GLY L 138 -65.77 18.54 42.30
C GLY L 138 -66.40 17.25 42.73
N GLN L 139 -67.05 16.59 41.79
CA GLN L 139 -67.43 15.20 42.00
C GLN L 139 -66.58 14.36 41.06
N THR L 140 -66.74 13.05 41.12
CA THR L 140 -66.14 12.20 40.13
C THR L 140 -66.95 12.39 38.86
N VAL L 141 -66.31 12.35 37.70
CA VAL L 141 -67.02 12.44 36.42
C VAL L 141 -66.35 11.61 35.34
N ARG L 142 -66.95 11.54 34.16
CA ARG L 142 -66.53 10.52 33.20
C ARG L 142 -66.18 11.07 31.85
N LEU L 143 -65.20 10.45 31.22
CA LEU L 143 -64.59 10.90 29.98
C LEU L 143 -64.53 9.77 28.99
N ASN L 144 -64.43 10.11 27.72
CA ASN L 144 -64.42 9.09 26.69
C ASN L 144 -63.04 8.84 26.16
N GLU L 145 -62.96 8.64 24.85
CA GLU L 145 -61.70 8.67 24.16
C GLU L 145 -61.22 10.11 24.20
N ALA L 146 -61.40 10.86 23.11
CA ALA L 146 -60.84 12.21 22.97
C ALA L 146 -61.38 13.22 24.01
N LEU L 147 -61.45 12.74 25.25
CA LEU L 147 -61.65 13.55 26.44
C LEU L 147 -62.74 14.61 26.28
N THR L 148 -63.97 14.13 26.24
CA THR L 148 -65.14 14.97 26.38
C THR L 148 -65.96 14.30 27.49
N VAL L 149 -66.76 15.08 28.21
CA VAL L 149 -67.45 14.56 29.40
C VAL L 149 -68.82 14.01 29.08
N VAL L 150 -69.25 12.96 29.79
CA VAL L 150 -70.59 12.41 29.53
C VAL L 150 -71.44 12.02 30.73
N GLU L 151 -70.92 12.11 31.96
CA GLU L 151 -71.70 11.55 33.06
C GLU L 151 -71.44 12.13 34.42
N ALA L 152 -72.51 12.32 35.20
CA ALA L 152 -72.42 12.70 36.63
C ALA L 152 -72.14 11.49 37.53
N GLY L 153 -71.45 11.71 38.65
CA GLY L 153 -70.99 10.61 39.52
C GLY L 153 -71.22 10.91 40.98
N THR L 154 -70.31 10.42 41.82
CA THR L 154 -70.38 10.64 43.28
C THR L 154 -69.17 11.38 43.80
N PHE L 155 -68.73 10.90 44.97
CA PHE L 155 -67.59 11.44 45.67
C PHE L 155 -66.61 10.35 46.13
N GLU L 156 -65.77 9.92 45.18
CA GLU L 156 -64.69 9.00 45.44
C GLU L 156 -64.22 9.29 46.84
N ALA L 157 -64.56 8.42 47.78
CA ALA L 157 -64.25 8.71 49.14
C ALA L 157 -63.16 7.77 49.58
N VAL L 158 -61.99 7.93 49.00
CA VAL L 158 -60.86 7.11 49.36
C VAL L 158 -59.57 7.82 49.02
N GLY L 159 -58.67 7.93 49.99
CA GLY L 159 -57.43 8.65 49.76
C GLY L 159 -56.85 9.08 51.07
N GLU L 160 -56.26 10.27 51.08
CA GLU L 160 -55.56 10.79 52.28
C GLU L 160 -56.54 11.42 53.32
N ILE L 161 -56.14 11.41 54.58
CA ILE L 161 -56.91 12.01 55.63
C ILE L 161 -56.13 13.07 56.34
N SER L 162 -56.72 14.24 56.43
CA SER L 162 -56.09 15.41 57.06
C SER L 162 -56.97 15.95 58.18
N THR L 163 -56.40 16.79 59.04
CA THR L 163 -57.21 17.56 59.97
C THR L 163 -57.44 18.93 59.39
N LEU L 164 -58.54 19.57 59.82
CA LEU L 164 -58.96 20.85 59.26
C LEU L 164 -58.73 22.02 60.19
N ARG L 165 -57.82 22.89 59.79
CA ARG L 165 -57.31 23.93 60.65
C ARG L 165 -58.29 25.08 60.77
N GLU L 166 -58.61 25.71 59.66
CA GLU L 166 -59.65 26.74 59.62
C GLU L 166 -60.11 26.80 58.19
N ILE L 167 -61.33 27.28 57.97
CA ILE L 167 -61.81 27.48 56.61
C ILE L 167 -61.17 28.75 56.17
N LEU L 168 -61.50 29.18 54.98
CA LEU L 168 -60.83 30.31 54.43
C LEU L 168 -61.70 31.56 54.23
N ALA L 169 -61.04 32.72 54.24
CA ALA L 169 -61.63 33.97 53.74
C ALA L 169 -62.93 33.76 52.95
N ASP L 170 -62.87 33.13 51.78
CA ASP L 170 -64.03 33.04 50.91
C ASP L 170 -64.73 31.68 50.88
N GLY L 171 -64.87 31.07 52.05
CA GLY L 171 -65.73 29.90 52.25
C GLY L 171 -65.83 28.89 51.14
N HIS L 172 -64.76 28.79 50.35
CA HIS L 172 -64.61 27.78 49.29
C HIS L 172 -63.31 26.93 49.42
N ARG L 173 -62.41 27.37 50.30
CA ARG L 173 -61.08 26.80 50.39
C ARG L 173 -60.70 26.62 51.85
N ALA L 174 -59.77 25.70 52.11
CA ALA L 174 -59.38 25.42 53.47
C ALA L 174 -57.89 25.08 53.67
N LEU L 175 -57.43 25.36 54.88
CA LEU L 175 -56.08 25.02 55.31
C LEU L 175 -56.19 23.68 55.98
N VAL L 176 -55.39 22.70 55.53
CA VAL L 176 -55.28 21.42 56.24
C VAL L 176 -53.87 20.99 56.52
N VAL L 177 -53.73 20.28 57.63
CA VAL L 177 -52.49 19.62 57.96
C VAL L 177 -52.72 18.17 57.67
N GLY L 178 -51.70 17.53 57.08
CA GLY L 178 -51.74 16.12 56.66
C GLY L 178 -51.27 15.13 57.73
N HIS L 179 -50.21 14.39 57.43
CA HIS L 179 -49.68 13.43 58.39
C HIS L 179 -48.32 13.91 58.84
N ALA L 180 -47.49 14.17 57.85
CA ALA L 180 -46.33 14.99 58.04
C ALA L 180 -46.97 16.29 58.36
N ASP L 181 -46.55 16.89 59.46
CA ASP L 181 -47.00 18.22 59.79
C ASP L 181 -46.66 19.08 58.59
N GLU L 182 -47.62 19.25 57.69
CA GLU L 182 -47.47 20.15 56.55
C GLU L 182 -48.81 20.69 56.11
N GLU L 183 -48.80 21.93 55.67
CA GLU L 183 -50.03 22.65 55.53
C GLU L 183 -50.34 22.79 54.04
N ARG L 184 -51.54 22.34 53.64
CA ARG L 184 -51.99 22.40 52.23
C ARG L 184 -53.35 23.04 52.04
N VAL L 185 -53.56 23.60 50.86
CA VAL L 185 -54.76 24.34 50.64
C VAL L 185 -55.56 23.70 49.58
N VAL L 186 -56.73 23.21 49.99
CA VAL L 186 -57.64 22.44 49.17
C VAL L 186 -58.86 23.32 48.97
N TRP L 187 -59.65 23.11 47.91
CA TRP L 187 -61.01 23.69 47.87
C TRP L 187 -61.97 22.61 48.36
N LEU L 188 -63.19 22.99 48.73
CA LEU L 188 -64.19 22.01 49.17
C LEU L 188 -65.28 21.80 48.16
N ALA L 189 -65.60 20.54 47.95
CA ALA L 189 -66.67 20.16 47.05
C ALA L 189 -67.97 20.34 47.80
N ASP L 190 -69.03 20.56 47.03
CA ASP L 190 -70.28 21.09 47.59
C ASP L 190 -70.69 20.54 48.95
N PRO L 191 -70.99 19.23 49.05
CA PRO L 191 -71.57 18.74 50.28
C PRO L 191 -70.73 19.04 51.52
N LEU L 192 -70.14 20.22 51.54
CA LEU L 192 -69.43 20.72 52.71
C LEU L 192 -69.89 22.14 53.00
N ILE L 193 -70.28 22.84 51.94
CA ILE L 193 -70.91 24.16 52.06
C ILE L 193 -72.26 24.32 51.32
N ALA L 194 -73.05 23.24 51.27
CA ALA L 194 -74.47 23.37 50.92
C ALA L 194 -75.15 24.25 52.01
N GLU L 195 -76.25 24.91 51.65
CA GLU L 195 -76.95 25.82 52.57
C GLU L 195 -77.45 25.13 53.85
N ASP L 196 -78.54 24.40 53.65
CA ASP L 196 -79.14 23.44 54.57
C ASP L 196 -78.21 22.54 55.40
N LEU L 197 -77.30 23.09 56.19
CA LEU L 197 -76.52 22.24 57.08
C LEU L 197 -76.49 22.76 58.52
N PRO L 198 -76.97 21.95 59.49
CA PRO L 198 -77.12 22.33 60.90
C PRO L 198 -75.79 22.67 61.56
N ASP L 199 -75.80 23.54 62.56
CA ASP L 199 -74.64 23.65 63.45
C ASP L 199 -74.60 22.47 64.42
N GLY L 200 -75.71 21.70 64.44
CA GLY L 200 -75.83 20.44 65.18
C GLY L 200 -75.44 20.45 66.67
N LEU L 201 -75.68 21.63 67.30
CA LEU L 201 -75.21 21.97 68.69
C LEU L 201 -73.66 21.70 68.90
N PRO L 202 -73.09 21.97 70.12
CA PRO L 202 -71.72 21.40 70.34
C PRO L 202 -71.63 19.89 70.80
N GLU L 203 -70.62 19.63 71.66
CA GLU L 203 -70.36 18.29 72.22
C GLU L 203 -70.19 18.22 73.75
N ALA L 204 -71.01 19.01 74.49
CA ALA L 204 -71.24 18.78 75.93
C ALA L 204 -72.27 17.62 76.10
N LEU L 205 -73.06 17.39 75.02
CA LEU L 205 -73.83 16.11 74.70
C LEU L 205 -73.44 15.63 73.25
N ASN L 206 -73.06 14.34 73.16
CA ASN L 206 -72.19 13.81 72.08
C ASN L 206 -72.74 12.61 71.27
N ASP L 207 -72.47 12.64 69.96
CA ASP L 207 -72.65 11.53 69.01
C ASP L 207 -72.94 12.08 67.59
N ASP L 208 -71.86 12.23 66.81
CA ASP L 208 -71.86 13.17 65.66
C ASP L 208 -71.91 12.49 64.36
N THR L 209 -72.22 11.22 64.46
CA THR L 209 -72.31 10.29 63.35
C THR L 209 -73.19 10.83 62.17
N ARG L 210 -73.96 11.87 62.47
CA ARG L 210 -74.89 12.44 61.52
C ARG L 210 -74.33 13.74 60.97
N PRO L 211 -74.46 13.95 59.64
CA PRO L 211 -74.03 15.12 58.82
C PRO L 211 -74.13 16.50 59.51
N ARG L 212 -73.31 17.47 59.09
CA ARG L 212 -73.38 18.83 59.66
C ARG L 212 -72.54 19.86 58.93
N LYS L 213 -72.24 20.95 59.63
CA LYS L 213 -71.45 22.07 59.11
C LYS L 213 -70.02 21.93 59.60
N LEU L 214 -69.08 22.47 58.83
CA LEU L 214 -67.65 22.17 58.99
C LEU L 214 -66.90 22.89 60.10
N ARG L 215 -66.58 22.13 61.15
CA ARG L 215 -65.96 22.75 62.30
C ARG L 215 -64.46 22.48 62.38
N PRO L 216 -63.70 23.52 62.78
CA PRO L 216 -62.26 23.44 62.94
C PRO L 216 -61.93 22.44 64.02
N GLY L 217 -61.09 21.48 63.66
CA GLY L 217 -60.76 20.37 64.53
C GLY L 217 -61.38 19.13 63.92
N ASP L 218 -61.85 19.25 62.69
CA ASP L 218 -62.45 18.11 62.02
C ASP L 218 -61.40 17.29 61.28
N SER L 219 -61.78 16.07 60.95
CA SER L 219 -61.03 15.24 60.05
C SER L 219 -61.88 15.10 58.82
N LEU L 220 -61.29 15.49 57.70
CA LEU L 220 -61.93 15.29 56.42
C LEU L 220 -61.00 14.66 55.38
N LEU L 221 -61.64 14.02 54.39
CA LEU L 221 -60.95 13.22 53.44
C LEU L 221 -60.52 14.04 52.28
N VAL L 222 -59.28 13.84 51.86
CA VAL L 222 -58.68 14.70 50.87
C VAL L 222 -57.89 13.93 49.82
N ASP L 223 -57.61 14.60 48.72
CA ASP L 223 -56.89 14.01 47.60
C ASP L 223 -55.79 15.01 47.26
N THR L 224 -54.80 15.05 48.15
CA THR L 224 -53.74 16.03 48.07
C THR L 224 -53.62 16.46 46.63
N LYS L 225 -53.22 15.58 45.73
CA LYS L 225 -52.95 16.03 44.37
C LYS L 225 -54.04 16.89 43.80
N ALA L 226 -55.10 16.29 43.32
CA ALA L 226 -56.10 17.11 42.66
C ALA L 226 -56.33 18.48 43.30
N GLY L 227 -56.74 18.47 44.56
CA GLY L 227 -56.97 19.70 45.27
C GLY L 227 -58.25 19.80 46.07
N TYR L 228 -59.12 18.83 45.97
CA TYR L 228 -60.38 18.97 46.65
C TYR L 228 -60.48 18.14 47.92
N ALA L 229 -61.31 18.57 48.87
CA ALA L 229 -61.71 17.72 50.01
C ALA L 229 -63.05 17.07 49.67
N PHE L 230 -63.44 16.03 50.37
CA PHE L 230 -64.53 15.25 49.83
C PHE L 230 -65.69 14.96 50.78
N GLU L 231 -65.46 15.02 52.09
CA GLU L 231 -66.53 14.75 53.07
C GLU L 231 -66.04 14.66 54.50
N ARG L 232 -66.99 14.51 55.42
CA ARG L 232 -66.69 14.48 56.84
C ARG L 232 -66.31 13.08 57.32
N ILE L 233 -65.74 12.98 58.50
CA ILE L 233 -65.42 11.70 59.12
C ILE L 233 -65.49 11.75 60.64
N PRO L 234 -66.28 10.84 61.23
CA PRO L 234 -66.34 10.68 62.69
C PRO L 234 -65.03 10.17 63.31
N LEU L 235 -64.35 11.05 64.03
CA LEU L 235 -63.21 10.65 64.85
C LEU L 235 -63.69 10.10 66.19
N VAL L 236 -62.95 9.15 66.78
CA VAL L 236 -63.05 8.87 68.25
C VAL L 236 -61.60 8.80 68.85
N PRO L 237 -61.24 9.75 69.79
CA PRO L 237 -59.94 9.76 70.49
C PRO L 237 -59.94 9.28 71.98
N SER M 52 -106.21 -38.08 -14.14
CA SER M 52 -105.33 -36.94 -14.59
C SER M 52 -103.81 -37.21 -14.44
N ALA M 53 -103.09 -37.21 -15.58
CA ALA M 53 -101.61 -37.28 -15.63
C ALA M 53 -100.93 -35.89 -15.42
N ARG M 54 -101.66 -35.01 -14.73
CA ARG M 54 -101.22 -33.65 -14.33
C ARG M 54 -100.74 -33.56 -12.88
N ASP M 55 -101.28 -34.44 -12.03
CA ASP M 55 -100.92 -34.61 -10.59
C ASP M 55 -99.48 -35.18 -10.40
N ILE M 56 -99.11 -36.18 -11.20
CA ILE M 56 -97.76 -36.74 -11.22
C ILE M 56 -96.71 -35.67 -11.56
N HIS M 57 -97.04 -34.84 -12.56
CA HIS M 57 -96.21 -33.68 -12.99
C HIS M 57 -96.23 -32.47 -12.04
N GLN M 58 -97.38 -32.23 -11.39
CA GLN M 58 -97.54 -31.18 -10.35
C GLN M 58 -96.67 -31.47 -9.09
N LEU M 59 -96.41 -32.76 -8.80
CA LEU M 59 -95.64 -33.19 -7.62
C LEU M 59 -94.15 -33.33 -7.87
N GLU M 60 -93.82 -33.97 -8.99
CA GLU M 60 -92.45 -34.00 -9.49
C GLU M 60 -91.80 -32.62 -9.49
N ALA M 61 -92.63 -31.58 -9.40
CA ALA M 61 -92.18 -30.19 -9.28
C ALA M 61 -91.91 -29.81 -7.83
N ARG M 62 -92.93 -30.00 -6.98
CA ARG M 62 -92.83 -29.65 -5.57
C ARG M 62 -91.73 -30.46 -4.92
N ILE M 63 -91.53 -31.69 -5.39
CA ILE M 63 -90.40 -32.48 -4.93
C ILE M 63 -89.08 -31.73 -5.21
N ASP M 64 -88.87 -31.29 -6.44
CA ASP M 64 -87.61 -30.63 -6.80
C ASP M 64 -87.56 -29.22 -6.26
N SER M 65 -88.73 -28.65 -6.00
CA SER M 65 -88.83 -27.36 -5.34
C SER M 65 -88.24 -27.44 -3.93
N LEU M 66 -88.67 -28.43 -3.14
CA LEU M 66 -88.17 -28.58 -1.77
C LEU M 66 -86.72 -29.04 -1.76
N ALA M 67 -86.40 -30.03 -2.59
CA ALA M 67 -85.04 -30.53 -2.73
C ALA M 67 -84.05 -29.42 -3.04
N ALA M 68 -84.55 -28.33 -3.62
CA ALA M 68 -83.75 -27.14 -3.94
C ALA M 68 -83.44 -26.28 -2.72
N ARG M 69 -84.46 -25.93 -1.97
CA ARG M 69 -84.24 -25.21 -0.73
C ARG M 69 -83.42 -26.09 0.21
N ASN M 70 -83.78 -27.38 0.31
CA ASN M 70 -83.05 -28.31 1.17
C ASN M 70 -81.57 -28.50 0.89
N SER M 71 -81.14 -28.28 -0.34
CA SER M 71 -79.73 -28.44 -0.69
C SER M 71 -78.86 -27.27 -0.24
N LYS M 72 -79.50 -26.11 -0.04
CA LYS M 72 -78.82 -24.86 0.35
C LYS M 72 -79.12 -24.43 1.79
N LEU M 73 -80.06 -25.14 2.43
CA LEU M 73 -80.22 -25.03 3.85
C LEU M 73 -79.14 -25.85 4.53
N MET M 74 -79.05 -27.12 4.16
CA MET M 74 -78.01 -28.00 4.68
C MET M 74 -76.64 -27.36 4.61
N GLU M 75 -76.56 -26.22 3.93
CA GLU M 75 -75.31 -25.51 3.70
C GLU M 75 -75.15 -24.12 4.37
N THR M 76 -76.24 -23.37 4.51
CA THR M 76 -76.11 -22.13 5.26
C THR M 76 -75.72 -22.50 6.68
N LEU M 77 -76.35 -23.54 7.26
CA LEU M 77 -75.91 -24.03 8.57
C LEU M 77 -74.39 -24.19 8.52
N LYS M 78 -73.88 -24.92 7.53
CA LYS M 78 -72.44 -25.18 7.46
C LYS M 78 -71.59 -23.93 7.30
N GLU M 79 -72.22 -22.81 6.99
CA GLU M 79 -71.50 -21.55 6.95
C GLU M 79 -71.56 -20.84 8.29
N ALA M 80 -72.77 -20.64 8.79
CA ALA M 80 -72.95 -20.01 10.07
C ALA M 80 -72.29 -20.82 11.19
N ARG M 81 -72.36 -22.15 11.08
CA ARG M 81 -71.69 -23.08 12.00
C ARG M 81 -70.17 -22.84 12.05
N GLN M 82 -69.61 -22.38 10.92
CA GLN M 82 -68.21 -21.97 10.85
C GLN M 82 -67.95 -20.67 11.57
N GLN M 83 -68.86 -19.72 11.39
CA GLN M 83 -68.63 -18.38 11.90
C GLN M 83 -68.82 -18.27 13.39
N LEU M 84 -69.70 -19.08 13.95
CA LEU M 84 -69.69 -19.22 15.39
C LEU M 84 -68.34 -19.87 15.81
N LEU M 85 -67.88 -20.87 15.06
CA LEU M 85 -66.58 -21.50 15.38
C LEU M 85 -65.42 -20.51 15.19
N ALA M 86 -65.72 -19.38 14.54
CA ALA M 86 -64.72 -18.35 14.20
C ALA M 86 -64.72 -17.21 15.20
N LEU M 87 -65.91 -16.72 15.50
CA LEU M 87 -66.07 -15.70 16.49
C LEU M 87 -65.54 -16.25 17.82
N ARG M 88 -66.08 -17.38 18.30
CA ARG M 88 -65.64 -17.96 19.60
C ARG M 88 -64.11 -18.15 19.57
N GLU M 89 -63.60 -18.50 18.39
CA GLU M 89 -62.17 -18.59 18.13
C GLU M 89 -61.41 -17.27 18.34
N GLU M 90 -62.13 -16.15 18.38
CA GLU M 90 -61.55 -14.80 18.45
C GLU M 90 -61.55 -14.26 19.85
N VAL M 91 -62.62 -14.62 20.54
CA VAL M 91 -62.77 -14.32 21.94
C VAL M 91 -61.70 -15.06 22.72
N ASP M 92 -61.46 -16.32 22.35
CA ASP M 92 -60.34 -17.09 22.88
C ASP M 92 -59.01 -16.36 22.68
N ARG M 93 -58.88 -15.77 21.48
CA ARG M 93 -57.64 -15.14 21.00
C ARG M 93 -57.32 -13.80 21.66
N LEU M 94 -58.22 -13.35 22.53
CA LEU M 94 -58.01 -12.17 23.34
C LEU M 94 -57.21 -12.49 24.59
N GLY M 95 -57.67 -13.49 25.33
CA GLY M 95 -57.01 -13.92 26.56
C GLY M 95 -55.54 -14.21 26.33
N GLN M 96 -55.22 -14.63 25.11
CA GLN M 96 -53.85 -14.91 24.75
C GLN M 96 -52.99 -13.69 25.05
N PRO M 97 -51.85 -13.92 25.73
CA PRO M 97 -50.78 -12.95 26.03
C PRO M 97 -50.26 -12.21 24.78
N PRO M 98 -49.60 -11.05 24.96
CA PRO M 98 -49.18 -10.40 26.21
C PRO M 98 -50.34 -9.73 26.94
N SER M 99 -50.28 -9.69 28.28
CA SER M 99 -51.45 -9.32 29.07
C SER M 99 -51.18 -8.61 30.37
N GLY M 100 -52.06 -7.66 30.67
CA GLY M 100 -51.96 -6.80 31.84
C GLY M 100 -52.88 -7.15 33.01
N TYR M 101 -52.79 -6.35 34.06
CA TYR M 101 -53.33 -6.69 35.37
C TYR M 101 -53.70 -5.42 36.11
N GLY M 102 -54.89 -5.38 36.70
CA GLY M 102 -55.33 -4.23 37.52
C GLY M 102 -55.92 -4.59 38.89
N VAL M 103 -56.85 -3.78 39.40
CA VAL M 103 -57.77 -4.11 40.52
C VAL M 103 -59.09 -3.49 40.12
N LEU M 104 -60.23 -4.01 40.59
CA LEU M 104 -61.52 -3.41 40.20
C LEU M 104 -62.27 -2.78 41.36
N LEU M 105 -62.77 -1.57 41.15
CA LEU M 105 -63.43 -0.86 42.23
C LEU M 105 -64.90 -1.21 42.40
N ALA M 106 -65.63 -1.38 41.29
CA ALA M 106 -67.08 -1.76 41.38
C ALA M 106 -67.80 -2.37 40.12
N THR M 107 -68.86 -3.17 40.37
CA THR M 107 -69.65 -3.86 39.33
C THR M 107 -70.56 -2.92 38.60
N HIS M 108 -70.51 -2.99 37.28
CA HIS M 108 -71.50 -2.31 36.50
C HIS M 108 -72.46 -3.25 35.80
N ASP M 109 -73.73 -2.84 35.79
CA ASP M 109 -74.83 -3.67 35.30
C ASP M 109 -74.77 -4.09 33.81
N ASP M 110 -74.09 -3.32 32.96
CA ASP M 110 -74.21 -3.47 31.50
C ASP M 110 -72.99 -4.09 30.81
N ASP M 111 -72.32 -5.00 31.51
CA ASP M 111 -71.07 -5.63 31.02
C ASP M 111 -69.94 -4.58 30.92
N THR M 112 -69.78 -3.79 32.00
CA THR M 112 -68.73 -2.78 32.22
C THR M 112 -68.13 -2.90 33.64
N VAL M 113 -66.92 -2.38 33.87
CA VAL M 113 -66.37 -2.39 35.21
C VAL M 113 -65.43 -1.24 35.61
N ASP M 114 -65.45 -0.92 36.90
CA ASP M 114 -64.57 0.08 37.47
C ASP M 114 -63.29 -0.59 37.96
N VAL M 115 -62.27 -0.59 37.09
CA VAL M 115 -60.91 -1.06 37.39
C VAL M 115 -59.93 0.05 37.75
N PHE M 116 -58.68 -0.35 37.96
CA PHE M 116 -57.60 0.53 38.34
C PHE M 116 -56.44 -0.17 37.69
N THR M 117 -55.82 0.50 36.75
CA THR M 117 -54.61 0.01 36.13
C THR M 117 -53.81 1.23 35.79
N SER M 118 -52.50 1.09 35.66
CA SER M 118 -51.67 2.21 35.25
C SER M 118 -52.20 3.51 35.87
N GLY M 119 -52.31 3.50 37.20
CA GLY M 119 -52.54 4.71 37.98
C GLY M 119 -53.96 5.20 38.12
N ARG M 120 -54.74 5.12 37.05
CA ARG M 120 -56.06 5.78 37.01
C ARG M 120 -57.29 4.86 37.12
N LYS M 121 -58.46 5.49 37.26
CA LYS M 121 -59.71 4.81 37.42
C LYS M 121 -60.29 4.63 36.03
N MET M 122 -60.70 3.43 35.70
CA MET M 122 -61.16 3.16 34.34
C MET M 122 -62.30 2.14 34.17
N ARG M 123 -63.36 2.58 33.49
CA ARG M 123 -64.47 1.70 33.19
C ARG M 123 -64.22 1.01 31.87
N LEU M 124 -64.22 -0.31 31.93
CA LEU M 124 -63.77 -1.14 30.83
C LEU M 124 -64.80 -2.13 30.32
N THR M 125 -64.78 -2.34 29.01
CA THR M 125 -65.56 -3.39 28.35
C THR M 125 -64.94 -4.77 28.57
N CYS M 126 -65.75 -5.71 29.07
CA CYS M 126 -65.23 -7.04 29.41
C CYS M 126 -65.83 -8.19 28.63
N SER M 127 -65.09 -9.29 28.62
CA SER M 127 -65.30 -10.37 27.67
C SER M 127 -66.48 -11.24 28.03
N PRO M 128 -67.26 -11.62 27.00
CA PRO M 128 -68.18 -12.73 27.03
C PRO M 128 -67.67 -13.95 27.84
N ASN M 129 -66.35 -14.22 27.79
CA ASN M 129 -65.73 -15.30 28.60
C ASN M 129 -66.07 -15.16 30.08
N ILE M 130 -66.75 -14.05 30.41
CA ILE M 130 -66.80 -13.57 31.78
C ILE M 130 -68.14 -13.60 32.53
N ASP M 131 -68.00 -14.00 33.81
CA ASP M 131 -69.09 -14.11 34.78
C ASP M 131 -69.40 -12.77 35.44
N ALA M 132 -70.19 -11.96 34.72
CA ALA M 132 -70.35 -10.54 34.97
C ALA M 132 -70.85 -10.12 36.38
N ALA M 133 -71.31 -11.07 37.20
CA ALA M 133 -71.79 -10.69 38.53
C ALA M 133 -71.13 -11.51 39.63
N SER M 134 -70.28 -12.45 39.22
CA SER M 134 -69.42 -13.19 40.16
C SER M 134 -68.12 -12.41 40.42
N LEU M 135 -68.09 -11.13 40.04
CA LEU M 135 -66.91 -10.28 40.19
C LEU M 135 -66.88 -9.55 41.50
N LYS M 136 -66.04 -10.08 42.38
CA LYS M 136 -65.99 -9.60 43.73
C LYS M 136 -65.32 -8.21 43.75
N LYS M 137 -65.71 -7.37 44.71
CA LYS M 137 -65.20 -5.99 44.82
C LYS M 137 -63.74 -5.91 45.30
N GLY M 138 -62.83 -5.61 44.38
CA GLY M 138 -61.40 -5.50 44.70
C GLY M 138 -60.64 -6.79 44.45
N GLN M 139 -60.59 -7.17 43.19
CA GLN M 139 -60.03 -8.44 42.81
C GLN M 139 -59.03 -8.15 41.72
N THR M 140 -57.81 -8.65 41.87
CA THR M 140 -56.87 -8.67 40.78
C THR M 140 -57.64 -9.12 39.54
N VAL M 141 -57.60 -8.39 38.44
CA VAL M 141 -58.16 -8.92 37.18
C VAL M 141 -57.14 -8.74 36.09
N ARG M 142 -57.43 -9.26 34.90
CA ARG M 142 -56.40 -9.36 33.82
C ARG M 142 -56.87 -8.76 32.48
N LEU M 143 -55.95 -8.08 31.78
CA LEU M 143 -56.31 -7.33 30.55
C LEU M 143 -55.33 -7.49 29.42
N ASN M 144 -55.86 -7.47 28.21
CA ASN M 144 -55.03 -7.48 27.02
C ASN M 144 -54.78 -6.06 26.59
N GLU M 145 -53.89 -5.91 25.60
CA GLU M 145 -53.54 -4.62 24.98
C GLU M 145 -54.61 -3.55 25.20
N ALA M 146 -55.50 -3.33 24.23
CA ALA M 146 -56.65 -2.44 24.48
C ALA M 146 -57.40 -3.08 25.63
N LEU M 147 -57.59 -2.30 26.66
CA LEU M 147 -57.86 -2.85 27.96
C LEU M 147 -59.20 -3.56 28.01
N THR M 148 -59.17 -4.89 27.89
CA THR M 148 -60.40 -5.70 27.98
C THR M 148 -60.19 -6.83 28.99
N VAL M 149 -61.09 -6.94 29.98
CA VAL M 149 -60.89 -7.92 31.06
C VAL M 149 -61.28 -9.29 30.62
N VAL M 150 -60.35 -10.21 30.78
CA VAL M 150 -60.52 -11.52 30.20
C VAL M 150 -60.37 -12.66 31.20
N GLU M 151 -60.12 -12.36 32.47
CA GLU M 151 -60.06 -13.42 33.47
C GLU M 151 -60.31 -12.81 34.80
N ALA M 152 -60.63 -13.64 35.78
CA ALA M 152 -60.58 -13.19 37.14
C ALA M 152 -59.48 -13.95 37.85
N GLY M 153 -58.90 -13.31 38.86
CA GLY M 153 -57.81 -13.89 39.62
C GLY M 153 -58.20 -13.75 41.05
N THR M 154 -57.22 -13.63 41.92
CA THR M 154 -57.49 -13.63 43.34
C THR M 154 -57.26 -12.27 43.90
N PHE M 155 -56.41 -12.27 44.91
CA PHE M 155 -56.11 -11.10 45.71
C PHE M 155 -54.61 -10.93 45.89
N GLU M 156 -54.08 -10.00 45.11
CA GLU M 156 -52.72 -9.54 45.25
C GLU M 156 -52.37 -9.65 46.70
N ALA M 157 -51.22 -10.19 47.00
CA ALA M 157 -50.93 -10.40 48.38
C ALA M 157 -49.57 -9.87 48.79
N VAL M 158 -49.35 -8.57 48.58
CA VAL M 158 -48.06 -7.94 48.82
C VAL M 158 -48.08 -6.40 48.69
N GLY M 159 -47.31 -5.70 49.51
CA GLY M 159 -47.34 -4.24 49.44
C GLY M 159 -47.30 -3.68 50.84
N GLU M 160 -48.01 -2.56 51.05
CA GLU M 160 -47.94 -1.85 52.35
C GLU M 160 -48.76 -2.55 53.47
N ILE M 161 -48.12 -2.74 54.61
CA ILE M 161 -48.78 -3.26 55.78
C ILE M 161 -49.13 -2.13 56.66
N SER M 162 -50.43 -1.95 56.80
CA SER M 162 -50.94 -0.95 57.69
C SER M 162 -51.88 -1.55 58.74
N THR M 163 -51.88 -0.94 59.91
CA THR M 163 -52.78 -1.32 60.99
C THR M 163 -54.05 -0.50 60.79
N LEU M 164 -55.19 -1.01 61.26
CA LEU M 164 -56.43 -0.27 61.09
C LEU M 164 -56.99 0.22 62.42
N ARG M 165 -57.58 1.41 62.43
CA ARG M 165 -58.01 2.00 63.68
C ARG M 165 -59.41 1.57 63.99
N GLU M 166 -60.32 1.74 63.02
CA GLU M 166 -61.73 1.30 63.14
C GLU M 166 -62.42 1.23 61.77
N ILE M 167 -63.60 0.63 61.74
CA ILE M 167 -64.37 0.51 60.51
C ILE M 167 -65.19 1.78 60.32
N LEU M 168 -66.12 1.71 59.38
CA LEU M 168 -66.93 2.88 59.04
C LEU M 168 -68.42 2.72 59.29
N ALA M 169 -69.10 3.87 59.28
CA ALA M 169 -70.54 3.91 59.14
C ALA M 169 -70.95 2.90 58.08
N ASP M 170 -70.28 2.97 56.93
CA ASP M 170 -70.55 2.11 55.76
C ASP M 170 -70.20 0.65 55.93
N GLY M 171 -69.29 0.37 56.85
CA GLY M 171 -68.76 -0.98 57.02
C GLY M 171 -68.18 -1.59 55.75
N HIS M 172 -68.10 -0.80 54.68
CA HIS M 172 -67.40 -1.22 53.47
C HIS M 172 -66.00 -0.61 53.39
N ARG M 173 -65.78 0.43 54.18
CA ARG M 173 -64.58 1.26 54.10
C ARG M 173 -63.96 1.37 55.48
N ALA M 174 -62.65 1.60 55.55
CA ALA M 174 -62.04 1.75 56.85
C ALA M 174 -60.90 2.75 56.95
N LEU M 175 -60.73 3.22 58.17
CA LEU M 175 -59.63 4.06 58.55
C LEU M 175 -58.46 3.14 58.82
N VAL M 176 -57.38 3.36 58.06
CA VAL M 176 -56.18 2.59 58.20
C VAL M 176 -55.04 3.51 58.51
N VAL M 177 -54.22 3.13 59.48
CA VAL M 177 -52.99 3.87 59.75
C VAL M 177 -51.77 3.09 59.26
N GLY M 178 -51.06 3.69 58.29
CA GLY M 178 -49.81 3.15 57.75
C GLY M 178 -48.66 3.31 58.73
N HIS M 179 -47.48 3.52 58.18
CA HIS M 179 -46.27 3.59 59.01
C HIS M 179 -46.07 4.97 59.66
N ALA M 180 -45.91 5.99 58.82
CA ALA M 180 -45.63 7.36 59.25
C ALA M 180 -46.92 8.07 59.67
N ASP M 181 -47.72 7.35 60.45
CA ASP M 181 -48.92 7.89 61.08
C ASP M 181 -50.00 8.46 60.13
N GLU M 182 -49.79 8.27 58.83
CA GLU M 182 -50.73 8.71 57.81
C GLU M 182 -52.00 7.87 57.82
N GLU M 183 -53.15 8.52 57.89
CA GLU M 183 -54.37 7.77 58.05
C GLU M 183 -55.17 7.84 56.77
N ARG M 184 -55.36 6.70 56.13
CA ARG M 184 -56.01 6.68 54.81
C ARG M 184 -57.37 6.02 54.84
N VAL M 185 -58.08 6.18 53.74
CA VAL M 185 -59.37 5.58 53.67
C VAL M 185 -59.37 4.72 52.47
N VAL M 186 -59.74 3.46 52.69
CA VAL M 186 -59.59 2.38 51.75
C VAL M 186 -60.84 1.49 51.83
N TRP M 187 -61.28 0.91 50.71
CA TRP M 187 -62.38 -0.09 50.74
C TRP M 187 -61.86 -1.48 51.10
N LEU M 188 -62.71 -2.33 51.67
CA LEU M 188 -62.35 -3.69 52.04
C LEU M 188 -62.90 -4.66 51.04
N ALA M 189 -62.08 -5.57 50.57
CA ALA M 189 -62.56 -6.56 49.64
C ALA M 189 -63.36 -7.62 50.40
N ASP M 190 -64.41 -8.12 49.77
CA ASP M 190 -65.43 -8.98 50.38
C ASP M 190 -64.94 -9.83 51.54
N PRO M 191 -64.01 -10.75 51.25
CA PRO M 191 -63.30 -11.59 52.20
C PRO M 191 -63.04 -11.02 53.60
N LEU M 192 -63.63 -9.88 53.92
CA LEU M 192 -63.41 -9.27 55.22
C LEU M 192 -64.74 -8.81 55.80
N ILE M 193 -65.71 -8.72 54.90
CA ILE M 193 -67.12 -8.70 55.27
C ILE M 193 -67.94 -9.72 54.45
N ALA M 194 -67.53 -10.99 54.59
CA ALA M 194 -68.41 -12.13 54.37
C ALA M 194 -69.08 -12.41 55.71
N GLU M 195 -70.35 -12.77 55.65
CA GLU M 195 -71.16 -13.15 56.82
C GLU M 195 -70.53 -14.36 57.55
N ASP M 196 -70.34 -15.46 56.80
CA ASP M 196 -69.75 -16.73 57.28
C ASP M 196 -68.38 -16.63 58.01
N LEU M 197 -68.13 -15.48 58.63
CA LEU M 197 -66.95 -15.33 59.46
C LEU M 197 -67.34 -15.50 60.92
N PRO M 198 -66.62 -16.39 61.64
CA PRO M 198 -66.74 -16.54 63.09
C PRO M 198 -66.48 -15.23 63.84
N ASP M 199 -66.86 -15.18 65.12
CA ASP M 199 -66.61 -14.01 65.95
C ASP M 199 -65.47 -14.27 66.97
N GLY M 200 -64.29 -14.56 66.41
CA GLY M 200 -63.01 -14.60 67.14
C GLY M 200 -62.80 -15.47 68.37
N LEU M 201 -63.22 -14.94 69.53
CA LEU M 201 -62.73 -15.34 70.90
C LEU M 201 -61.31 -14.71 71.16
N PRO M 202 -61.05 -14.21 72.42
CA PRO M 202 -59.77 -13.52 72.74
C PRO M 202 -58.43 -14.27 72.42
N GLU M 203 -57.32 -13.51 72.44
CA GLU M 203 -55.96 -14.06 72.19
C GLU M 203 -55.03 -14.22 73.44
N ALA M 204 -55.61 -14.75 74.53
CA ALA M 204 -54.90 -15.08 75.82
C ALA M 204 -54.98 -16.57 76.33
N LEU M 205 -55.78 -17.43 75.63
CA LEU M 205 -55.58 -18.92 75.57
C LEU M 205 -54.96 -19.30 74.19
N ASN M 206 -54.05 -18.40 73.77
CA ASN M 206 -53.28 -18.32 72.48
C ASN M 206 -53.85 -18.64 71.08
N ASP M 207 -52.88 -18.87 70.18
CA ASP M 207 -52.91 -18.54 68.74
C ASP M 207 -54.19 -18.84 67.94
N ASP M 208 -54.53 -17.85 67.09
CA ASP M 208 -55.66 -17.95 66.13
C ASP M 208 -55.17 -17.92 64.64
N THR M 209 -55.03 -16.74 64.01
CA THR M 209 -54.69 -16.67 62.57
C THR M 209 -55.68 -17.52 61.76
N ARG M 210 -56.91 -17.54 62.27
CA ARG M 210 -57.93 -18.48 61.90
C ARG M 210 -59.07 -17.61 61.37
N PRO M 211 -59.29 -17.62 60.03
CA PRO M 211 -60.20 -16.70 59.31
C PRO M 211 -61.33 -16.10 60.17
N ARG M 212 -61.07 -14.94 60.79
CA ARG M 212 -62.02 -14.25 61.70
C ARG M 212 -62.62 -12.93 61.15
N LYS M 213 -63.57 -12.37 61.90
CA LYS M 213 -64.19 -11.10 61.60
C LYS M 213 -63.29 -9.99 62.15
N LEU M 214 -63.23 -8.89 61.40
CA LEU M 214 -62.19 -7.84 61.56
C LEU M 214 -62.23 -7.03 62.83
N ARG M 215 -61.07 -6.98 63.48
CA ARG M 215 -60.98 -6.47 64.84
C ARG M 215 -60.09 -5.22 64.92
N PRO M 216 -60.49 -4.25 65.75
CA PRO M 216 -59.80 -2.98 65.94
C PRO M 216 -58.42 -3.11 66.58
N GLY M 217 -57.47 -3.65 65.83
CA GLY M 217 -56.08 -3.77 66.26
C GLY M 217 -55.29 -4.61 65.27
N ASP M 218 -56.02 -5.23 64.35
CA ASP M 218 -55.46 -6.13 63.36
C ASP M 218 -54.49 -5.45 62.43
N SER M 219 -53.70 -6.26 61.73
CA SER M 219 -52.85 -5.78 60.69
C SER M 219 -53.46 -6.17 59.34
N LEU M 220 -53.59 -5.18 58.45
CA LEU M 220 -54.09 -5.43 57.09
C LEU M 220 -53.09 -5.10 56.01
N LEU M 221 -53.28 -5.78 54.90
CA LEU M 221 -52.41 -5.62 53.79
C LEU M 221 -53.16 -4.80 52.81
N VAL M 222 -52.62 -3.63 52.47
CA VAL M 222 -53.32 -2.70 51.57
C VAL M 222 -52.54 -2.24 50.34
N ASP M 223 -53.28 -1.72 49.36
CA ASP M 223 -52.68 -1.10 48.19
C ASP M 223 -53.04 0.39 48.20
N THR M 224 -52.33 1.10 49.06
CA THR M 224 -52.52 2.52 49.22
C THR M 224 -53.03 3.14 47.95
N LYS M 225 -52.52 2.71 46.82
CA LYS M 225 -52.89 3.40 45.59
C LYS M 225 -54.30 3.18 45.15
N ALA M 226 -54.76 1.95 45.10
CA ALA M 226 -56.06 1.77 44.50
C ALA M 226 -57.13 2.11 45.48
N GLY M 227 -56.89 1.74 46.73
CA GLY M 227 -57.84 2.02 47.78
C GLY M 227 -58.39 0.78 48.43
N TYR M 228 -57.59 -0.26 48.47
CA TYR M 228 -58.14 -1.50 48.96
C TYR M 228 -57.32 -2.20 50.01
N ALA M 229 -58.04 -2.95 50.82
CA ALA M 229 -57.45 -3.91 51.68
C ALA M 229 -57.61 -5.23 50.96
N PHE M 230 -57.06 -6.29 51.52
CA PHE M 230 -57.03 -7.55 50.83
C PHE M 230 -57.06 -8.76 51.79
N GLU M 231 -56.28 -8.69 52.87
CA GLU M 231 -56.39 -9.73 53.88
C GLU M 231 -55.79 -9.37 55.23
N ARG M 232 -56.02 -10.29 56.15
CA ARG M 232 -55.65 -10.19 57.54
C ARG M 232 -54.24 -10.70 57.66
N ILE M 233 -53.70 -10.63 58.87
CA ILE M 233 -52.35 -11.07 59.12
C ILE M 233 -52.07 -11.21 60.59
N PRO M 234 -51.43 -12.30 60.99
CA PRO M 234 -50.86 -12.54 62.32
C PRO M 234 -49.69 -11.63 62.67
N LEU M 235 -49.51 -11.31 63.95
CA LEU M 235 -48.30 -10.62 64.41
C LEU M 235 -48.15 -10.79 65.91
N VAL M 236 -46.97 -11.22 66.38
CA VAL M 236 -46.58 -11.07 67.81
C VAL M 236 -45.63 -9.83 67.94
N PRO M 237 -46.01 -8.78 68.76
CA PRO M 237 -45.34 -7.40 68.82
C PRO M 237 -44.48 -6.96 70.07
N SER N 52 -77.28 66.56 -29.25
CA SER N 52 -76.23 65.53 -29.00
C SER N 52 -75.20 65.93 -27.93
N ALA N 53 -75.44 67.00 -27.19
CA ALA N 53 -74.50 67.37 -26.11
C ALA N 53 -74.76 66.56 -24.84
N ARG N 54 -76.01 66.57 -24.40
CA ARG N 54 -76.45 65.70 -23.33
C ARG N 54 -75.62 64.43 -23.42
N ASP N 55 -75.56 63.84 -24.61
CA ASP N 55 -74.92 62.55 -24.80
C ASP N 55 -73.52 62.44 -24.25
N ILE N 56 -72.67 63.43 -24.51
CA ILE N 56 -71.34 63.32 -23.97
C ILE N 56 -71.40 63.32 -22.46
N HIS N 57 -72.00 64.34 -21.87
CA HIS N 57 -72.13 64.40 -20.41
C HIS N 57 -72.44 63.06 -19.79
N GLN N 58 -73.48 62.42 -20.32
CA GLN N 58 -73.97 61.14 -19.83
C GLN N 58 -72.86 60.12 -19.66
N LEU N 59 -71.82 60.24 -20.45
CA LEU N 59 -70.67 59.37 -20.31
C LEU N 59 -69.70 59.93 -19.29
N GLU N 60 -69.21 61.13 -19.58
CA GLU N 60 -68.30 61.83 -18.68
C GLU N 60 -68.78 61.67 -17.26
N ALA N 61 -70.09 61.53 -17.08
CA ALA N 61 -70.66 61.42 -15.75
C ALA N 61 -70.69 59.99 -15.20
N ARG N 62 -70.89 58.99 -16.06
CA ARG N 62 -70.73 57.63 -15.60
C ARG N 62 -69.26 57.39 -15.36
N ILE N 63 -68.41 57.84 -16.28
CA ILE N 63 -66.99 57.67 -16.09
C ILE N 63 -66.55 58.25 -14.77
N ASP N 64 -66.61 59.58 -14.65
CA ASP N 64 -66.11 60.26 -13.45
C ASP N 64 -66.71 59.60 -12.16
N SER N 65 -67.85 58.91 -12.27
CA SER N 65 -68.52 58.27 -11.09
C SER N 65 -68.34 56.73 -10.91
N LEU N 66 -67.68 56.11 -11.87
CA LEU N 66 -67.20 54.75 -11.68
C LEU N 66 -65.74 54.83 -11.29
N ALA N 67 -65.07 55.87 -11.79
CA ALA N 67 -63.69 56.16 -11.46
C ALA N 67 -63.47 56.19 -9.97
N ALA N 68 -64.11 57.13 -9.30
CA ALA N 68 -63.96 57.23 -7.85
C ALA N 68 -64.63 56.08 -7.08
N ARG N 69 -65.52 55.31 -7.70
CA ARG N 69 -65.86 54.05 -7.05
C ARG N 69 -64.66 53.08 -7.20
N ASN N 70 -64.08 52.96 -8.39
CA ASN N 70 -62.85 52.17 -8.57
C ASN N 70 -61.91 52.43 -7.41
N SER N 71 -61.50 53.68 -7.25
CA SER N 71 -60.50 54.06 -6.26
C SER N 71 -60.87 53.73 -4.80
N LYS N 72 -62.14 53.84 -4.43
CA LYS N 72 -62.54 53.45 -3.08
C LYS N 72 -62.40 51.93 -2.94
N LEU N 73 -62.87 51.17 -3.94
CA LEU N 73 -62.80 49.71 -3.88
C LEU N 73 -61.35 49.27 -3.86
N MET N 74 -60.50 49.97 -4.59
CA MET N 74 -59.07 49.77 -4.49
C MET N 74 -58.61 49.73 -3.06
N GLU N 75 -58.50 50.92 -2.49
CA GLU N 75 -57.94 51.12 -1.16
C GLU N 75 -58.61 50.22 -0.13
N THR N 76 -59.94 50.23 -0.07
CA THR N 76 -60.63 49.47 0.96
C THR N 76 -60.36 47.97 0.79
N LEU N 77 -59.77 47.59 -0.34
CA LEU N 77 -59.45 46.21 -0.65
C LEU N 77 -57.98 45.89 -0.44
N LYS N 78 -57.14 46.89 -0.65
CA LYS N 78 -55.80 46.79 -0.13
C LYS N 78 -55.89 46.61 1.39
N GLU N 79 -56.58 47.52 2.08
CA GLU N 79 -56.65 47.52 3.56
C GLU N 79 -57.21 46.21 4.15
N ALA N 80 -57.79 45.36 3.32
CA ALA N 80 -58.09 44.02 3.75
C ALA N 80 -56.84 43.15 3.63
N ARG N 81 -55.99 43.41 2.65
CA ARG N 81 -54.75 42.65 2.58
C ARG N 81 -53.74 42.87 3.69
N GLN N 82 -53.55 44.11 4.15
CA GLN N 82 -52.65 44.39 5.32
C GLN N 82 -53.14 43.72 6.62
N GLN N 83 -54.42 43.40 6.65
CA GLN N 83 -55.00 42.69 7.78
C GLN N 83 -55.05 41.18 7.53
N LEU N 84 -55.21 40.79 6.27
CA LEU N 84 -55.26 39.39 5.88
C LEU N 84 -53.85 38.86 5.65
N LEU N 85 -52.85 39.71 5.84
CA LEU N 85 -51.45 39.28 5.73
C LEU N 85 -50.76 39.13 7.06
N ALA N 86 -50.65 40.25 7.77
CA ALA N 86 -50.19 40.25 9.15
C ALA N 86 -51.03 39.31 10.05
N LEU N 87 -52.27 38.99 9.67
CA LEU N 87 -53.03 37.93 10.35
C LEU N 87 -52.51 36.59 9.90
N ARG N 88 -52.29 36.42 8.60
CA ARG N 88 -51.82 35.14 8.11
C ARG N 88 -50.50 34.72 8.75
N GLU N 89 -49.44 35.52 8.55
CA GLU N 89 -48.10 35.19 9.09
C GLU N 89 -48.09 34.73 10.58
N GLU N 90 -49.08 35.19 11.35
CA GLU N 90 -49.18 34.90 12.78
C GLU N 90 -49.73 33.52 13.04
N VAL N 91 -50.12 32.87 11.95
CA VAL N 91 -50.62 31.52 12.00
C VAL N 91 -49.62 30.58 11.32
N ASP N 92 -48.63 31.17 10.66
CA ASP N 92 -47.46 30.42 10.15
C ASP N 92 -46.40 30.23 11.26
N ARG N 93 -46.46 31.10 12.27
CA ARG N 93 -45.66 31.01 13.48
C ARG N 93 -46.25 30.01 14.47
N LEU N 94 -47.57 29.87 14.49
CA LEU N 94 -48.19 28.87 15.37
C LEU N 94 -48.11 27.47 14.76
N GLY N 95 -47.36 27.38 13.66
CA GLY N 95 -47.14 26.15 12.92
C GLY N 95 -45.78 25.52 13.20
N GLN N 96 -44.74 26.36 13.21
CA GLN N 96 -43.39 25.96 13.66
C GLN N 96 -43.34 25.56 15.15
N PRO N 97 -42.81 24.35 15.43
CA PRO N 97 -42.66 23.77 16.75
C PRO N 97 -42.19 24.68 17.87
N PRO N 98 -42.55 24.30 19.10
CA PRO N 98 -42.21 24.83 20.41
C PRO N 98 -40.80 24.51 20.89
N SER N 99 -40.31 25.34 21.80
CA SER N 99 -38.92 25.32 22.21
C SER N 99 -38.67 24.50 23.46
N GLY N 100 -37.54 23.80 23.50
CA GLY N 100 -37.08 23.06 24.69
C GLY N 100 -36.01 23.77 25.51
N TYR N 101 -36.01 23.50 26.81
CA TYR N 101 -35.09 24.11 27.74
C TYR N 101 -34.46 23.00 28.61
N GLY N 102 -33.14 22.99 28.72
CA GLY N 102 -32.47 22.04 29.63
C GLY N 102 -31.32 22.70 30.39
N VAL N 103 -30.54 21.90 31.13
CA VAL N 103 -29.35 22.43 31.79
C VAL N 103 -28.10 21.76 31.24
N LEU N 104 -27.14 22.60 30.89
CA LEU N 104 -25.90 22.17 30.25
C LEU N 104 -24.95 21.54 31.22
N LEU N 105 -24.47 20.35 30.91
CA LEU N 105 -23.48 19.76 31.79
C LEU N 105 -22.05 20.16 31.45
N ALA N 106 -21.43 19.46 30.49
CA ALA N 106 -20.03 19.73 30.15
C ALA N 106 -19.82 20.10 28.66
N THR N 107 -18.74 20.84 28.40
CA THR N 107 -18.26 21.05 27.05
C THR N 107 -17.55 19.78 26.66
N HIS N 108 -18.01 19.14 25.60
CA HIS N 108 -17.15 18.16 25.00
C HIS N 108 -16.49 18.85 23.78
N ASP N 109 -15.29 18.38 23.43
CA ASP N 109 -14.40 19.03 22.43
C ASP N 109 -14.98 19.18 21.01
N ASP N 110 -15.75 18.20 20.53
CA ASP N 110 -16.46 18.31 19.24
C ASP N 110 -17.44 19.48 19.23
N ASP N 111 -18.52 19.29 18.51
CA ASP N 111 -19.70 20.14 18.66
C ASP N 111 -20.74 19.44 19.54
N THR N 112 -20.23 18.56 20.41
CA THR N 112 -21.07 17.78 21.31
C THR N 112 -21.11 18.38 22.69
N VAL N 113 -22.32 18.50 23.20
CA VAL N 113 -22.48 18.90 24.57
C VAL N 113 -23.47 18.00 25.32
N ASP N 114 -23.14 17.78 26.59
CA ASP N 114 -23.99 17.08 27.54
C ASP N 114 -24.90 18.08 28.22
N VAL N 115 -26.21 17.90 28.06
CA VAL N 115 -27.17 18.64 28.85
C VAL N 115 -28.15 17.70 29.51
N PHE N 116 -28.80 18.23 30.54
CA PHE N 116 -29.91 17.59 31.21
C PHE N 116 -31.13 18.15 30.52
N THR N 117 -32.21 17.39 30.47
CA THR N 117 -33.50 17.86 29.94
C THR N 117 -34.58 16.79 30.05
N SER N 118 -35.83 17.21 30.16
CA SER N 118 -36.92 16.26 30.28
C SER N 118 -36.38 15.03 30.96
N GLY N 119 -36.00 15.16 32.22
CA GLY N 119 -35.58 14.02 33.03
C GLY N 119 -34.15 13.48 33.05
N ARG N 120 -33.55 13.24 31.88
CA ARG N 120 -32.27 12.52 31.81
C ARG N 120 -31.05 13.35 31.39
N LYS N 121 -30.03 12.65 30.92
CA LYS N 121 -28.76 13.25 30.61
C LYS N 121 -28.56 12.97 29.15
N MET N 122 -28.36 14.00 28.35
CA MET N 122 -28.24 13.77 26.92
C MET N 122 -27.18 14.60 26.20
N ARG N 123 -26.53 13.97 25.21
CA ARG N 123 -25.55 14.62 24.35
C ARG N 123 -26.14 14.87 22.99
N LEU N 124 -25.98 16.10 22.51
CA LEU N 124 -26.54 16.47 21.22
C LEU N 124 -25.69 17.54 20.58
N THR N 125 -25.96 17.82 19.31
CA THR N 125 -25.19 18.79 18.51
C THR N 125 -25.59 20.26 18.68
N CYS N 126 -24.63 21.10 18.29
CA CYS N 126 -24.76 22.54 18.30
C CYS N 126 -24.94 23.09 16.91
N SER N 127 -25.89 24.01 16.79
CA SER N 127 -26.18 24.64 15.50
C SER N 127 -24.97 25.49 15.13
N PRO N 128 -24.68 25.56 13.82
CA PRO N 128 -23.73 26.57 13.34
C PRO N 128 -23.77 27.88 14.22
N ASN N 129 -24.93 28.55 14.24
CA ASN N 129 -25.09 29.92 14.83
C ASN N 129 -24.81 30.13 16.33
N ILE N 130 -24.32 29.09 17.00
CA ILE N 130 -23.95 29.29 18.37
C ILE N 130 -22.46 29.11 18.64
N ASP N 131 -22.09 29.61 19.81
CA ASP N 131 -20.71 29.75 20.32
C ASP N 131 -19.99 28.40 20.53
N ALA N 132 -19.43 27.85 19.46
CA ALA N 132 -18.81 26.52 19.44
C ALA N 132 -18.44 25.92 20.83
N ALA N 133 -17.75 26.70 21.68
CA ALA N 133 -17.33 26.26 23.04
C ALA N 133 -17.08 27.42 24.02
N SER N 134 -17.78 28.53 23.82
CA SER N 134 -17.62 29.69 24.71
C SER N 134 -18.91 29.97 25.47
N LEU N 135 -19.62 28.90 25.80
CA LEU N 135 -20.80 28.97 26.63
C LEU N 135 -20.52 28.27 27.93
N LYS N 136 -20.94 28.92 29.00
CA LYS N 136 -20.41 28.70 30.33
C LYS N 136 -20.86 27.36 30.94
N LYS N 137 -19.99 26.77 31.76
CA LYS N 137 -20.26 25.51 32.44
C LYS N 137 -21.60 25.52 33.21
N GLY N 138 -22.65 25.05 32.54
CA GLY N 138 -23.90 24.84 33.22
C GLY N 138 -24.70 26.09 33.37
N GLN N 139 -24.98 26.73 32.26
CA GLN N 139 -26.07 27.69 32.24
C GLN N 139 -27.32 26.98 31.74
N THR N 140 -28.45 27.66 31.80
CA THR N 140 -29.67 27.24 31.15
C THR N 140 -29.42 27.34 29.65
N VAL N 141 -30.03 26.48 28.84
CA VAL N 141 -29.94 26.67 27.40
C VAL N 141 -31.21 26.18 26.75
N ARG N 142 -31.26 26.16 25.43
CA ARG N 142 -32.53 25.99 24.75
C ARG N 142 -32.43 25.00 23.60
N LEU N 143 -33.56 24.37 23.30
CA LEU N 143 -33.60 23.24 22.39
C LEU N 143 -34.75 23.34 21.42
N ASN N 144 -34.59 22.78 20.24
CA ASN N 144 -35.62 22.86 19.22
C ASN N 144 -36.53 21.67 19.26
N GLU N 145 -37.06 21.32 18.08
CA GLU N 145 -37.77 20.08 17.92
C GLU N 145 -36.80 18.94 18.19
N ALA N 146 -36.14 18.43 17.14
CA ALA N 146 -35.30 17.23 17.24
C ALA N 146 -34.03 17.49 18.03
N LEU N 147 -34.19 18.29 19.09
CA LEU N 147 -33.20 18.46 20.15
C LEU N 147 -31.82 18.78 19.60
N THR N 148 -31.68 20.01 19.12
CA THR N 148 -30.40 20.59 18.79
C THR N 148 -30.42 21.94 19.48
N VAL N 149 -29.25 22.44 19.84
CA VAL N 149 -29.18 23.65 20.66
C VAL N 149 -29.17 24.94 19.84
N VAL N 150 -29.76 26.02 20.36
CA VAL N 150 -29.80 27.29 19.62
C VAL N 150 -29.49 28.55 20.41
N GLU N 151 -29.50 28.49 21.73
CA GLU N 151 -29.36 29.74 22.45
C GLU N 151 -28.69 29.56 23.77
N ALA N 152 -27.98 30.60 24.22
CA ALA N 152 -27.39 30.66 25.56
C ALA N 152 -28.29 31.46 26.52
N GLY N 153 -28.51 30.97 27.73
CA GLY N 153 -29.45 31.61 28.68
C GLY N 153 -28.72 32.12 29.90
N THR N 154 -29.33 31.93 31.08
CA THR N 154 -28.74 32.40 32.33
C THR N 154 -28.66 31.29 33.35
N PHE N 155 -29.19 31.62 34.52
CA PHE N 155 -29.04 30.81 35.70
C PHE N 155 -30.32 30.63 36.53
N GLU N 156 -31.22 29.82 35.96
CA GLU N 156 -32.39 29.30 36.66
C GLU N 156 -32.05 29.39 38.10
N ALA N 157 -32.60 30.37 38.77
CA ALA N 157 -32.19 30.56 40.12
C ALA N 157 -33.36 30.24 41.02
N VAL N 158 -33.68 28.95 41.11
CA VAL N 158 -34.85 28.51 41.85
C VAL N 158 -34.84 27.02 42.05
N GLY N 159 -35.06 26.58 43.28
CA GLY N 159 -34.98 25.16 43.55
C GLY N 159 -34.48 24.95 44.95
N GLU N 160 -33.77 23.85 45.16
CA GLU N 160 -33.34 23.46 46.52
C GLU N 160 -32.17 24.33 47.03
N ILE N 161 -32.05 24.42 48.35
CA ILE N 161 -31.03 25.20 48.99
C ILE N 161 -30.29 24.31 49.94
N SER N 162 -29.04 24.01 49.60
CA SER N 162 -28.21 23.15 50.43
C SER N 162 -27.28 24.01 51.25
N THR N 163 -26.47 23.38 52.09
CA THR N 163 -25.32 24.08 52.66
C THR N 163 -24.07 23.44 52.13
N LEU N 164 -23.00 24.22 52.09
CA LEU N 164 -21.76 23.85 51.41
C LEU N 164 -20.69 23.39 52.36
N ARG N 165 -20.53 22.07 52.46
CA ARG N 165 -19.68 21.46 53.47
C ARG N 165 -18.23 21.78 53.20
N GLU N 166 -17.74 21.36 52.03
CA GLU N 166 -16.39 21.70 51.57
C GLU N 166 -16.34 21.54 50.08
N ILE N 167 -15.44 22.27 49.42
CA ILE N 167 -15.26 22.10 47.99
C ILE N 167 -14.56 20.79 47.81
N LEU N 168 -14.34 20.44 46.56
CA LEU N 168 -13.77 19.15 46.30
C LEU N 168 -12.36 19.23 45.72
N ALA N 169 -11.62 18.15 45.94
CA ALA N 169 -10.33 17.87 45.30
C ALA N 169 -10.05 18.83 44.13
N ASP N 170 -10.81 18.72 43.07
CA ASP N 170 -10.49 19.43 41.86
C ASP N 170 -11.40 20.61 41.58
N GLY N 171 -11.63 21.44 42.59
CA GLY N 171 -12.30 22.75 42.42
C GLY N 171 -13.28 22.83 41.26
N HIS N 172 -14.10 21.77 41.16
CA HIS N 172 -15.17 21.64 40.17
C HIS N 172 -16.47 21.06 40.79
N ARG N 173 -16.34 20.48 41.99
CA ARG N 173 -17.40 19.68 42.55
C ARG N 173 -17.52 19.96 44.03
N ALA N 174 -18.67 19.63 44.61
CA ALA N 174 -18.86 19.83 46.03
C ALA N 174 -19.78 18.83 46.73
N LEU N 175 -19.38 18.53 47.96
CA LEU N 175 -20.19 17.89 48.93
C LEU N 175 -21.07 19.00 49.47
N VAL N 176 -22.39 18.88 49.27
CA VAL N 176 -23.38 19.69 50.01
C VAL N 176 -24.40 18.86 50.74
N VAL N 177 -25.02 19.47 51.74
CA VAL N 177 -26.01 18.74 52.49
C VAL N 177 -27.32 19.40 52.25
N GLY N 178 -28.35 18.57 52.00
CA GLY N 178 -29.71 19.00 51.70
C GLY N 178 -30.54 19.33 52.94
N HIS N 179 -31.86 19.22 52.82
CA HIS N 179 -32.77 19.55 53.92
C HIS N 179 -32.88 18.38 54.91
N ALA N 180 -33.16 17.22 54.36
CA ALA N 180 -33.00 15.99 55.09
C ALA N 180 -31.50 15.83 55.09
N ASP N 181 -30.97 15.29 56.17
CA ASP N 181 -29.54 15.31 56.34
C ASP N 181 -28.83 14.37 55.36
N GLU N 182 -29.16 14.48 54.07
CA GLU N 182 -28.47 13.70 53.03
C GLU N 182 -27.38 14.50 52.34
N GLU N 183 -26.31 13.81 52.00
CA GLU N 183 -25.16 14.47 51.45
C GLU N 183 -25.19 14.23 49.96
N ARG N 184 -24.90 15.25 49.16
CA ARG N 184 -24.86 15.14 47.68
C ARG N 184 -23.64 15.77 46.96
N VAL N 185 -23.32 15.21 45.81
CA VAL N 185 -22.21 15.72 45.06
C VAL N 185 -22.72 16.36 43.82
N VAL N 186 -22.46 17.64 43.73
CA VAL N 186 -23.02 18.49 42.71
C VAL N 186 -21.82 19.04 42.02
N TRP N 187 -21.93 19.45 40.75
CA TRP N 187 -20.87 20.31 40.18
C TRP N 187 -21.25 21.79 40.38
N LEU N 188 -20.29 22.68 40.16
CA LEU N 188 -20.54 24.10 40.19
C LEU N 188 -20.43 24.69 38.82
N ALA N 189 -21.32 25.63 38.56
CA ALA N 189 -21.31 26.33 37.30
C ALA N 189 -20.49 27.60 37.45
N ASP N 190 -19.93 28.05 36.34
CA ASP N 190 -18.87 29.06 36.32
C ASP N 190 -18.90 30.08 37.44
N PRO N 191 -19.86 31.02 37.40
CA PRO N 191 -19.84 32.14 38.31
C PRO N 191 -19.61 31.78 39.77
N LEU N 192 -18.95 30.66 40.03
CA LEU N 192 -18.51 30.31 41.38
C LEU N 192 -17.01 30.07 41.36
N ILE N 193 -16.52 29.64 40.21
CA ILE N 193 -15.08 29.46 39.96
C ILE N 193 -14.48 30.31 38.80
N ALA N 194 -14.93 31.56 38.64
CA ALA N 194 -14.23 32.53 37.78
C ALA N 194 -13.05 33.14 38.57
N GLU N 195 -11.94 33.42 37.89
CA GLU N 195 -10.71 33.81 38.59
C GLU N 195 -10.88 35.13 39.35
N ASP N 196 -11.56 36.06 38.70
CA ASP N 196 -11.82 37.42 39.19
C ASP N 196 -12.70 37.57 40.45
N LEU N 197 -12.69 36.58 41.34
CA LEU N 197 -13.52 36.65 42.55
C LEU N 197 -12.73 36.94 43.83
N PRO N 198 -13.10 38.03 44.54
CA PRO N 198 -12.43 38.51 45.78
C PRO N 198 -12.56 37.53 46.94
N ASP N 199 -11.65 37.62 47.92
CA ASP N 199 -11.83 36.91 49.19
C ASP N 199 -12.69 37.71 50.17
N GLY N 200 -12.97 38.97 49.79
CA GLY N 200 -13.92 39.87 50.49
C GLY N 200 -13.71 40.12 51.99
N LEU N 201 -12.44 40.01 52.43
CA LEU N 201 -12.01 39.97 53.88
C LEU N 201 -12.87 38.96 54.76
N PRO N 202 -12.65 38.91 56.12
CA PRO N 202 -13.65 38.13 56.91
C PRO N 202 -15.04 38.81 57.22
N GLU N 203 -15.65 38.33 58.33
CA GLU N 203 -16.97 38.78 58.80
C GLU N 203 -16.96 39.42 60.22
N ALA N 204 -15.76 39.66 60.78
CA ALA N 204 -15.60 40.45 62.02
C ALA N 204 -15.98 41.93 61.79
N LEU N 205 -15.97 42.36 60.50
CA LEU N 205 -16.72 43.52 59.91
C LEU N 205 -17.68 42.96 58.79
N ASN N 206 -18.96 43.35 58.86
CA ASN N 206 -20.05 42.60 58.21
C ASN N 206 -20.96 43.34 57.19
N ASP N 207 -21.60 42.54 56.31
CA ASP N 207 -22.47 42.96 55.20
C ASP N 207 -22.00 42.36 53.85
N ASP N 208 -22.59 41.21 53.46
CA ASP N 208 -21.93 40.26 52.50
C ASP N 208 -22.62 40.15 51.18
N THR N 209 -23.52 41.06 51.00
CA THR N 209 -24.42 41.19 49.84
C THR N 209 -23.68 41.16 48.45
N ARG N 210 -22.37 41.08 48.51
CA ARG N 210 -21.54 41.26 47.34
C ARG N 210 -20.75 40.00 47.07
N PRO N 211 -20.70 39.58 45.79
CA PRO N 211 -20.03 38.39 45.18
C PRO N 211 -18.62 38.03 45.73
N ARG N 212 -18.32 36.74 45.89
CA ARG N 212 -17.01 36.32 46.42
C ARG N 212 -16.67 34.86 46.14
N LYS N 213 -15.58 34.39 46.74
CA LYS N 213 -15.15 33.00 46.67
C LYS N 213 -15.88 32.19 47.73
N LEU N 214 -16.11 30.92 47.42
CA LEU N 214 -17.07 30.14 48.19
C LEU N 214 -16.54 29.58 49.48
N ARG N 215 -16.95 30.22 50.57
CA ARG N 215 -16.49 29.80 51.86
C ARG N 215 -17.31 28.60 52.27
N PRO N 216 -16.65 27.60 52.87
CA PRO N 216 -17.36 26.47 53.43
C PRO N 216 -18.18 26.92 54.62
N GLY N 217 -19.48 26.68 54.54
CA GLY N 217 -20.42 27.17 55.53
C GLY N 217 -21.33 28.17 54.86
N ASP N 218 -21.43 28.08 53.54
CA ASP N 218 -22.28 28.96 52.76
C ASP N 218 -23.54 28.22 52.32
N SER N 219 -24.55 29.00 51.94
CA SER N 219 -25.72 28.45 51.37
C SER N 219 -25.68 28.77 49.91
N LEU N 220 -25.71 27.72 49.11
CA LEU N 220 -25.92 27.89 47.69
C LEU N 220 -27.11 27.06 47.13
N LEU N 221 -27.54 27.42 45.93
CA LEU N 221 -28.80 26.97 45.39
C LEU N 221 -28.61 25.94 44.29
N VAL N 222 -29.34 24.85 44.41
CA VAL N 222 -29.03 23.66 43.67
C VAL N 222 -30.24 22.91 43.11
N ASP N 223 -30.02 22.20 42.02
CA ASP N 223 -31.05 21.43 41.35
C ASP N 223 -30.70 19.96 41.49
N THR N 224 -30.92 19.47 42.70
CA THR N 224 -30.58 18.12 43.06
C THR N 224 -30.53 17.24 41.81
N LYS N 225 -31.67 17.07 41.15
CA LYS N 225 -31.74 16.10 40.07
C LYS N 225 -30.68 16.39 39.05
N ALA N 226 -30.52 17.63 38.65
CA ALA N 226 -29.59 17.87 37.59
C ALA N 226 -28.18 17.46 37.94
N GLY N 227 -27.68 18.11 38.98
CA GLY N 227 -26.31 17.92 39.40
C GLY N 227 -25.54 19.21 39.65
N TYR N 228 -26.00 20.30 39.06
CA TYR N 228 -25.28 21.54 39.18
C TYR N 228 -25.75 22.39 40.34
N ALA N 229 -24.88 23.28 40.83
CA ALA N 229 -25.30 24.32 41.78
C ALA N 229 -25.25 25.67 41.07
N PHE N 230 -26.00 26.66 41.51
CA PHE N 230 -26.18 27.81 40.65
C PHE N 230 -25.70 29.17 41.14
N GLU N 231 -25.71 29.44 42.45
CA GLU N 231 -25.31 30.77 42.94
C GLU N 231 -25.35 30.96 44.46
N ARG N 232 -24.79 32.08 44.91
CA ARG N 232 -24.64 32.38 46.32
C ARG N 232 -25.90 32.95 46.93
N ILE N 233 -26.10 32.69 48.23
CA ILE N 233 -27.21 33.26 48.98
C ILE N 233 -26.80 33.85 50.30
N PRO N 234 -26.93 35.17 50.41
CA PRO N 234 -26.76 35.91 51.65
C PRO N 234 -27.65 35.36 52.78
N LEU N 235 -27.08 34.50 53.61
CA LEU N 235 -27.74 34.03 54.84
C LEU N 235 -27.91 35.17 55.86
N VAL N 236 -28.92 35.09 56.73
CA VAL N 236 -28.95 35.86 58.03
C VAL N 236 -29.51 34.97 59.21
N PRO N 237 -28.62 34.48 60.15
CA PRO N 237 -29.00 33.42 61.13
C PRO N 237 -29.53 33.88 62.54
N SER O 52 -66.66 65.21 -34.37
CA SER O 52 -66.10 63.81 -34.41
C SER O 52 -66.98 62.77 -33.67
N ALA O 53 -67.49 61.80 -34.43
CA ALA O 53 -68.21 60.63 -33.89
C ALA O 53 -67.25 59.50 -33.41
N ARG O 54 -66.02 59.91 -33.06
CA ARG O 54 -64.94 59.04 -32.54
C ARG O 54 -64.81 59.11 -31.01
N ASP O 55 -65.20 60.27 -30.44
CA ASP O 55 -65.24 60.54 -28.99
C ASP O 55 -66.31 59.68 -28.25
N ILE O 56 -67.51 59.58 -28.84
CA ILE O 56 -68.59 58.72 -28.34
C ILE O 56 -68.16 57.25 -28.25
N HIS O 57 -67.48 56.78 -29.30
CA HIS O 57 -66.90 55.42 -29.36
C HIS O 57 -65.65 55.20 -28.49
N GLN O 58 -64.84 56.25 -28.29
CA GLN O 58 -63.63 56.24 -27.41
C GLN O 58 -64.03 56.10 -25.91
N LEU O 59 -65.22 56.60 -25.56
CA LEU O 59 -65.70 56.57 -24.19
C LEU O 59 -66.51 55.32 -23.88
N GLU O 60 -67.42 54.97 -24.77
CA GLU O 60 -68.14 53.70 -24.68
C GLU O 60 -67.21 52.52 -24.44
N ALA O 61 -65.92 52.75 -24.66
CA ALA O 61 -64.85 51.77 -24.39
C ALA O 61 -64.36 51.88 -22.96
N ARG O 62 -63.94 53.09 -22.58
CA ARG O 62 -63.42 53.31 -21.23
C ARG O 62 -64.49 53.00 -20.20
N ILE O 63 -65.75 53.27 -20.55
CA ILE O 63 -66.87 52.87 -19.69
C ILE O 63 -66.85 51.35 -19.42
N ASP O 64 -66.77 50.56 -20.48
CA ASP O 64 -66.79 49.10 -20.32
C ASP O 64 -65.46 48.58 -19.80
N SER O 65 -64.41 49.37 -20.03
CA SER O 65 -63.10 49.07 -19.45
C SER O 65 -63.16 49.09 -17.92
N LEU O 66 -63.70 50.18 -17.35
CA LEU O 66 -63.81 50.30 -15.90
C LEU O 66 -64.84 49.35 -15.33
N ALA O 67 -66.01 49.28 -15.96
CA ALA O 67 -67.07 48.36 -15.57
C ALA O 67 -66.57 46.92 -15.48
N ALA O 68 -65.51 46.62 -16.22
CA ALA O 68 -64.85 45.31 -16.23
C ALA O 68 -64.04 45.06 -14.96
N ARG O 69 -63.12 45.98 -14.67
CA ARG O 69 -62.37 45.88 -13.44
C ARG O 69 -63.31 45.96 -12.25
N ASN O 70 -64.26 46.89 -12.29
CA ASN O 70 -65.24 47.02 -11.21
C ASN O 70 -66.10 45.81 -10.91
N SER O 71 -66.31 44.94 -11.89
CA SER O 71 -67.15 43.75 -11.68
C SER O 71 -66.40 42.64 -10.93
N LYS O 72 -65.06 42.70 -10.97
CA LYS O 72 -64.20 41.69 -10.34
C LYS O 72 -63.42 42.22 -9.13
N LEU O 73 -63.52 43.52 -8.92
CA LEU O 73 -63.08 44.08 -7.67
C LEU O 73 -64.15 43.82 -6.63
N MET O 74 -65.38 44.24 -6.93
CA MET O 74 -66.50 44.00 -6.02
C MET O 74 -66.54 42.56 -5.56
N GLU O 75 -65.70 41.72 -6.17
CA GLU O 75 -65.66 40.28 -5.91
C GLU O 75 -64.40 39.73 -5.22
N THR O 76 -63.23 40.31 -5.50
CA THR O 76 -62.07 39.87 -4.78
C THR O 76 -62.28 40.23 -3.31
N LEU O 77 -62.84 41.41 -3.03
CA LEU O 77 -63.20 41.71 -1.64
C LEU O 77 -64.02 40.55 -1.10
N LYS O 78 -65.07 40.14 -1.81
CA LYS O 78 -65.94 39.06 -1.31
C LYS O 78 -65.25 37.71 -1.13
N GLU O 79 -64.04 37.59 -1.67
CA GLU O 79 -63.24 36.40 -1.42
C GLU O 79 -62.33 36.59 -0.21
N ALA O 80 -61.54 37.66 -0.23
CA ALA O 80 -60.67 37.97 0.88
C ALA O 80 -61.48 38.19 2.16
N ARG O 81 -62.64 38.82 2.03
CA ARG O 81 -63.58 39.02 3.15
C ARG O 81 -63.99 37.66 3.77
N GLN O 82 -64.03 36.61 2.95
CA GLN O 82 -64.30 35.24 3.43
C GLN O 82 -63.12 34.66 4.20
N GLN O 83 -61.92 34.89 3.68
CA GLN O 83 -60.75 34.27 4.25
C GLN O 83 -60.30 34.87 5.54
N LEU O 84 -60.53 36.17 5.71
CA LEU O 84 -60.41 36.71 7.06
C LEU O 84 -61.48 36.06 7.97
N LEU O 85 -62.71 35.89 7.46
CA LEU O 85 -63.76 35.25 8.27
C LEU O 85 -63.44 33.77 8.54
N ALA O 86 -62.43 33.25 7.82
CA ALA O 86 -62.02 31.84 7.88
C ALA O 86 -60.84 31.64 8.81
N LEU O 87 -59.84 32.47 8.62
CA LEU O 87 -58.68 32.47 9.47
C LEU O 87 -59.14 32.75 10.90
N ARG O 88 -59.83 33.88 11.13
CA ARG O 88 -60.31 34.25 12.49
C ARG O 88 -61.13 33.07 13.04
N GLU O 89 -61.88 32.43 12.15
CA GLU O 89 -62.63 31.21 12.47
C GLU O 89 -61.75 30.03 12.96
N GLU O 90 -60.44 30.12 12.72
CA GLU O 90 -59.48 29.04 13.02
C GLU O 90 -58.76 29.30 14.31
N VAL O 91 -58.48 30.56 14.51
CA VAL O 91 -57.91 31.03 15.75
C VAL O 91 -58.88 30.75 16.87
N ASP O 92 -60.16 31.04 16.63
CA ASP O 92 -61.22 30.66 17.58
C ASP O 92 -61.19 29.17 17.90
N ARG O 93 -60.94 28.38 16.85
CA ARG O 93 -61.01 26.92 16.89
C ARG O 93 -59.83 26.27 17.60
N LEU O 94 -58.90 27.09 18.07
CA LEU O 94 -57.79 26.63 18.90
C LEU O 94 -58.18 26.55 20.34
N GLY O 95 -58.74 27.64 20.86
CA GLY O 95 -59.19 27.70 22.24
C GLY O 95 -60.15 26.58 22.62
N GLN O 96 -60.87 26.09 21.62
CA GLN O 96 -61.78 24.99 21.81
C GLN O 96 -61.02 23.81 22.41
N PRO O 97 -61.58 23.24 23.48
CA PRO O 97 -61.14 22.01 24.15
C PRO O 97 -60.95 20.81 23.20
N PRO O 98 -60.20 19.77 23.61
CA PRO O 98 -59.49 19.56 24.87
C PRO O 98 -58.36 20.57 25.12
N SER O 99 -58.12 20.92 26.40
CA SER O 99 -57.24 22.04 26.73
C SER O 99 -56.31 21.84 27.89
N GLY O 100 -55.05 22.20 27.69
CA GLY O 100 -53.98 22.11 28.69
C GLY O 100 -53.80 23.34 29.55
N TYR O 101 -52.89 23.28 30.52
CA TYR O 101 -52.84 24.22 31.64
C TYR O 101 -51.48 24.32 32.36
N GLY O 102 -50.63 25.27 31.96
CA GLY O 102 -49.31 25.47 32.59
C GLY O 102 -49.23 26.55 33.65
N VAL O 103 -48.02 27.09 33.88
CA VAL O 103 -47.76 28.32 34.64
C VAL O 103 -46.60 28.96 33.92
N LEU O 104 -46.55 30.30 33.83
CA LEU O 104 -45.50 30.95 33.00
C LEU O 104 -44.40 31.67 33.78
N LEU O 105 -43.17 31.49 33.33
CA LEU O 105 -42.01 31.90 34.11
C LEU O 105 -41.47 33.27 33.69
N ALA O 106 -41.61 33.61 32.41
CA ALA O 106 -41.22 34.95 31.93
C ALA O 106 -41.74 35.34 30.52
N THR O 107 -41.70 36.64 30.19
CA THR O 107 -42.30 37.22 28.97
C THR O 107 -41.33 37.44 27.82
N HIS O 108 -41.82 37.24 26.62
CA HIS O 108 -41.03 37.58 25.46
C HIS O 108 -41.62 38.60 24.49
N ASP O 109 -40.71 39.38 23.92
CA ASP O 109 -40.99 40.46 22.96
C ASP O 109 -41.63 40.03 21.62
N ASP O 110 -41.38 38.79 21.20
CA ASP O 110 -41.71 38.35 19.84
C ASP O 110 -42.89 37.38 19.78
N ASP O 111 -43.76 37.51 20.78
CA ASP O 111 -44.96 36.68 20.92
C ASP O 111 -44.61 35.21 21.24
N THR O 112 -43.84 35.04 22.30
CA THR O 112 -43.38 33.74 22.85
C THR O 112 -43.38 33.78 24.39
N VAL O 113 -43.57 32.64 25.04
CA VAL O 113 -43.49 32.65 26.49
C VAL O 113 -42.83 31.44 27.19
N ASP O 114 -42.36 31.72 28.39
CA ASP O 114 -41.75 30.73 29.25
C ASP O 114 -42.78 30.22 30.26
N VAL O 115 -43.42 29.11 29.87
CA VAL O 115 -44.36 28.33 30.71
C VAL O 115 -43.76 27.09 31.34
N PHE O 116 -44.56 26.42 32.16
CA PHE O 116 -44.08 25.30 32.95
C PHE O 116 -45.13 24.21 32.92
N THR O 117 -45.63 23.89 31.74
CA THR O 117 -46.55 22.74 31.60
C THR O 117 -45.77 21.44 31.71
N SER O 118 -46.41 20.38 32.16
CA SER O 118 -45.78 19.07 32.23
C SER O 118 -44.36 19.17 32.76
N GLY O 119 -44.23 19.66 33.98
CA GLY O 119 -42.99 19.54 34.75
C GLY O 119 -41.72 20.17 34.22
N ARG O 120 -41.77 20.77 33.04
CA ARG O 120 -40.57 21.37 32.44
C ARG O 120 -40.73 22.76 31.84
N LYS O 121 -39.61 23.42 31.61
CA LYS O 121 -39.58 24.75 31.06
C LYS O 121 -39.83 24.61 29.57
N MET O 122 -40.80 25.34 29.05
CA MET O 122 -41.09 25.32 27.64
C MET O 122 -41.52 26.67 27.07
N ARG O 123 -40.77 27.14 26.09
CA ARG O 123 -41.05 28.43 25.48
C ARG O 123 -41.90 28.17 24.26
N LEU O 124 -43.14 28.64 24.31
CA LEU O 124 -44.08 28.33 23.25
C LEU O 124 -44.57 29.55 22.49
N THR O 125 -45.01 29.30 21.26
CA THR O 125 -45.71 30.30 20.46
C THR O 125 -47.13 30.55 21.00
N CYS O 126 -47.53 31.82 21.07
CA CYS O 126 -48.87 32.18 21.55
C CYS O 126 -49.76 32.91 20.55
N SER O 127 -51.05 32.94 20.86
CA SER O 127 -52.07 33.20 19.88
C SER O 127 -52.33 34.67 19.63
N PRO O 128 -52.65 35.02 18.38
CA PRO O 128 -53.27 36.29 18.03
C PRO O 128 -54.37 36.74 19.02
N ASN O 129 -55.25 35.82 19.45
CA ASN O 129 -56.27 36.12 20.47
C ASN O 129 -55.65 36.86 21.67
N ILE O 130 -54.33 36.95 21.65
CA ILE O 130 -53.59 37.21 22.88
C ILE O 130 -52.77 38.50 23.09
N ASP O 131 -52.94 39.00 24.32
CA ASP O 131 -52.32 40.19 24.87
C ASP O 131 -50.89 39.96 25.35
N ALA O 132 -49.93 39.98 24.41
CA ALA O 132 -48.55 39.53 24.67
C ALA O 132 -47.74 40.30 25.75
N ALA O 133 -48.32 41.39 26.28
CA ALA O 133 -47.57 42.24 27.20
C ALA O 133 -48.11 42.19 28.63
N SER O 134 -49.43 42.27 28.77
CA SER O 134 -50.04 42.13 30.09
C SER O 134 -50.27 40.63 30.38
N LEU O 135 -49.16 39.90 30.51
CA LEU O 135 -49.17 38.54 31.02
C LEU O 135 -48.32 38.53 32.23
N LYS O 136 -48.99 38.57 33.38
CA LYS O 136 -48.30 38.74 34.64
C LYS O 136 -47.48 37.47 34.93
N LYS O 137 -46.28 37.67 35.50
CA LYS O 137 -45.37 36.58 35.85
C LYS O 137 -45.97 35.60 36.87
N GLY O 138 -46.25 34.39 36.42
CA GLY O 138 -46.78 33.36 37.29
C GLY O 138 -48.28 33.26 37.19
N GLN O 139 -48.79 33.47 36.00
CA GLN O 139 -50.20 33.35 35.79
C GLN O 139 -50.45 31.95 35.24
N THR O 140 -51.42 31.25 35.82
CA THR O 140 -51.95 30.06 35.18
C THR O 140 -52.26 30.45 33.75
N VAL O 141 -51.83 29.68 32.77
CA VAL O 141 -52.25 29.97 31.41
C VAL O 141 -52.80 28.70 30.82
N ARG O 142 -53.30 28.75 29.58
CA ARG O 142 -54.03 27.60 28.99
C ARG O 142 -53.53 27.25 27.57
N LEU O 143 -53.65 25.98 27.19
CA LEU O 143 -53.08 25.49 25.92
C LEU O 143 -53.91 24.43 25.24
N ASN O 144 -53.88 24.43 23.91
CA ASN O 144 -54.45 23.34 23.13
C ASN O 144 -53.36 22.33 22.93
N GLU O 145 -53.73 21.17 22.42
CA GLU O 145 -52.80 20.08 22.11
C GLU O 145 -51.36 20.55 21.85
N ALA O 146 -50.99 20.75 20.59
CA ALA O 146 -49.65 21.29 20.29
C ALA O 146 -49.58 22.58 21.06
N LEU O 147 -48.66 22.60 21.99
CA LEU O 147 -48.74 23.52 23.09
C LEU O 147 -48.71 24.96 22.62
N THR O 148 -49.90 25.58 22.55
CA THR O 148 -50.05 26.97 22.10
C THR O 148 -51.01 27.71 23.02
N VAL O 149 -50.58 28.86 23.55
CA VAL O 149 -51.29 29.52 24.64
C VAL O 149 -52.50 30.28 24.15
N VAL O 150 -53.62 30.06 24.81
CA VAL O 150 -54.88 30.53 24.29
C VAL O 150 -55.67 31.46 25.20
N GLU O 151 -55.44 31.40 26.49
CA GLU O 151 -56.18 32.30 27.35
C GLU O 151 -55.29 32.66 28.48
N ALA O 152 -55.62 33.71 29.20
CA ALA O 152 -54.93 33.99 30.43
C ALA O 152 -55.88 33.64 31.53
N GLY O 153 -55.35 33.14 32.63
CA GLY O 153 -56.18 32.72 33.73
C GLY O 153 -55.83 33.55 34.92
N THR O 154 -55.84 32.92 36.08
CA THR O 154 -55.61 33.65 37.30
C THR O 154 -54.41 33.07 37.95
N PHE O 155 -54.65 32.63 39.16
CA PHE O 155 -53.62 32.23 40.06
C PHE O 155 -54.03 30.98 40.80
N GLU O 156 -53.68 29.85 40.18
CA GLU O 156 -53.75 28.54 40.80
C GLU O 156 -53.72 28.78 42.28
N ALA O 157 -54.77 28.39 42.99
CA ALA O 157 -54.81 28.77 44.37
C ALA O 157 -54.90 27.59 45.33
N VAL O 158 -53.95 26.65 45.25
CA VAL O 158 -53.97 25.40 46.04
C VAL O 158 -52.71 24.54 45.96
N GLY O 159 -52.26 23.99 47.08
CA GLY O 159 -51.05 23.18 47.05
C GLY O 159 -50.21 23.34 48.29
N GLU O 160 -48.89 23.45 48.11
CA GLU O 160 -47.96 23.48 49.27
C GLU O 160 -47.94 24.81 50.04
N ILE O 161 -48.20 24.75 51.34
CA ILE O 161 -48.08 25.91 52.21
C ILE O 161 -46.78 25.91 52.91
N SER O 162 -46.03 26.96 52.64
CA SER O 162 -44.75 27.18 53.27
C SER O 162 -44.70 28.58 53.87
N THR O 163 -43.87 28.74 54.89
CA THR O 163 -43.63 30.05 55.49
C THR O 163 -42.48 30.70 54.72
N LEU O 164 -42.34 32.03 54.78
CA LEU O 164 -41.24 32.65 54.08
C LEU O 164 -40.32 33.34 55.07
N ARG O 165 -39.02 33.25 54.83
CA ARG O 165 -38.06 33.70 55.83
C ARG O 165 -37.33 34.96 55.44
N GLU O 166 -37.53 35.41 54.21
CA GLU O 166 -37.19 36.78 53.74
C GLU O 166 -37.19 36.92 52.20
N ILE O 167 -37.17 38.17 51.74
CA ILE O 167 -37.06 38.48 50.32
C ILE O 167 -35.60 38.53 49.89
N LEU O 168 -35.35 39.20 48.77
CA LEU O 168 -34.02 39.26 48.22
C LEU O 168 -33.58 40.62 47.74
N ALA O 169 -32.33 40.67 47.30
CA ALA O 169 -31.81 41.76 46.50
C ALA O 169 -32.80 42.02 45.39
N ASP O 170 -33.13 40.94 44.69
CA ASP O 170 -34.01 40.95 43.53
C ASP O 170 -35.44 41.37 43.83
N GLY O 171 -35.86 41.19 45.08
CA GLY O 171 -37.22 41.48 45.51
C GLY O 171 -38.24 40.89 44.56
N HIS O 172 -37.74 40.10 43.63
CA HIS O 172 -38.53 39.32 42.71
C HIS O 172 -38.54 37.85 43.19
N ARG O 173 -37.66 37.52 44.13
CA ARG O 173 -37.49 36.14 44.57
C ARG O 173 -37.36 36.04 46.08
N ALA O 174 -37.88 34.96 46.66
CA ALA O 174 -37.82 34.84 48.09
C ALA O 174 -37.53 33.45 48.62
N LEU O 175 -37.00 33.46 49.84
CA LEU O 175 -36.61 32.27 50.56
C LEU O 175 -37.83 31.78 51.28
N VAL O 176 -38.19 30.53 50.98
CA VAL O 176 -39.36 29.90 51.56
C VAL O 176 -38.96 28.66 52.33
N VAL O 177 -39.49 28.52 53.53
CA VAL O 177 -39.32 27.29 54.29
C VAL O 177 -40.60 26.46 54.28
N GLY O 178 -40.52 25.30 53.63
CA GLY O 178 -41.61 24.33 53.60
C GLY O 178 -41.76 23.63 54.95
N HIS O 179 -42.28 22.42 54.89
CA HIS O 179 -42.58 21.64 56.10
C HIS O 179 -41.35 21.12 56.83
N ALA O 180 -40.58 20.27 56.15
CA ALA O 180 -39.40 19.63 56.73
C ALA O 180 -38.17 20.56 56.68
N ASP O 181 -38.39 21.82 57.07
CA ASP O 181 -37.33 22.84 57.15
C ASP O 181 -36.54 23.01 55.83
N GLU O 182 -37.15 22.55 54.75
CA GLU O 182 -36.59 22.61 53.41
C GLU O 182 -36.71 24.00 52.81
N GLU O 183 -35.62 24.72 52.77
CA GLU O 183 -35.66 26.10 52.32
C GLU O 183 -35.53 26.10 50.80
N ARG O 184 -36.45 26.75 50.11
CA ARG O 184 -36.41 26.78 48.66
C ARG O 184 -36.35 28.20 48.11
N VAL O 185 -36.18 28.32 46.79
CA VAL O 185 -36.20 29.62 46.18
C VAL O 185 -37.23 29.59 45.10
N VAL O 186 -38.20 30.50 45.24
CA VAL O 186 -39.36 30.62 44.36
C VAL O 186 -39.48 32.09 43.95
N TRP O 187 -40.04 32.37 42.76
CA TRP O 187 -40.36 33.77 42.39
C TRP O 187 -41.75 34.14 42.88
N LEU O 188 -41.97 35.44 43.10
CA LEU O 188 -43.24 35.96 43.57
C LEU O 188 -43.98 36.52 42.42
N ALA O 189 -45.24 36.13 42.33
CA ALA O 189 -46.10 36.64 41.28
C ALA O 189 -46.47 38.06 41.63
N ASP O 190 -46.45 38.91 40.62
CA ASP O 190 -46.48 40.38 40.73
C ASP O 190 -47.38 40.92 41.81
N PRO O 191 -48.62 40.42 41.88
CA PRO O 191 -49.45 40.72 43.02
C PRO O 191 -48.79 40.33 44.35
N LEU O 192 -47.74 41.03 44.74
CA LEU O 192 -47.08 40.89 46.05
C LEU O 192 -45.94 41.87 46.05
N ILE O 193 -45.59 42.30 44.84
CA ILE O 193 -44.76 43.47 44.60
C ILE O 193 -45.39 44.40 43.53
N ALA O 194 -46.69 44.64 43.69
CA ALA O 194 -47.31 45.83 43.11
C ALA O 194 -47.01 46.98 44.08
N GLU O 195 -47.14 48.20 43.55
CA GLU O 195 -46.92 49.43 44.31
C GLU O 195 -47.99 49.58 45.44
N ASP O 196 -49.26 49.60 45.00
CA ASP O 196 -50.46 49.85 45.81
C ASP O 196 -50.74 48.83 46.95
N LEU O 197 -49.67 48.49 47.66
CA LEU O 197 -49.80 47.67 48.82
C LEU O 197 -49.52 48.56 50.00
N PRO O 198 -50.50 48.67 50.91
CA PRO O 198 -50.35 49.39 52.19
C PRO O 198 -49.24 48.81 53.04
N ASP O 199 -48.51 49.68 53.75
CA ASP O 199 -47.46 49.26 54.72
C ASP O 199 -48.05 48.33 55.78
N GLY O 200 -49.25 48.68 56.26
CA GLY O 200 -50.09 47.74 56.99
C GLY O 200 -50.46 48.04 58.43
N LEU O 201 -49.56 48.70 59.16
CA LEU O 201 -49.59 48.79 60.66
C LEU O 201 -49.58 47.35 61.31
N PRO O 202 -49.15 47.22 62.60
CA PRO O 202 -49.02 45.86 63.20
C PRO O 202 -50.33 45.00 63.33
N GLU O 203 -50.16 43.71 63.65
CA GLU O 203 -51.28 42.82 64.01
C GLU O 203 -51.30 42.47 65.53
N ALA O 204 -51.40 43.56 66.31
CA ALA O 204 -51.66 43.56 67.78
C ALA O 204 -52.98 44.31 68.18
N LEU O 205 -53.54 45.09 67.23
CA LEU O 205 -54.98 45.54 67.22
C LEU O 205 -55.82 44.80 66.11
N ASN O 206 -55.66 43.46 66.16
CA ASN O 206 -56.41 42.36 65.45
C ASN O 206 -56.53 42.18 63.91
N ASP O 207 -57.08 41.00 63.56
CA ASP O 207 -57.15 40.35 62.23
C ASP O 207 -57.49 41.26 61.03
N ASP O 208 -56.43 41.74 60.35
CA ASP O 208 -56.57 42.62 59.16
C ASP O 208 -56.76 41.78 57.86
N THR O 209 -55.72 41.08 57.42
CA THR O 209 -55.83 40.14 56.29
C THR O 209 -56.49 40.80 55.06
N ARG O 210 -56.19 42.08 54.89
CA ARG O 210 -56.53 42.82 53.69
C ARG O 210 -55.27 42.73 52.81
N PRO O 211 -55.44 42.82 51.46
CA PRO O 211 -54.24 42.85 50.59
C PRO O 211 -53.13 43.76 51.17
N ARG O 212 -52.15 43.15 51.85
CA ARG O 212 -51.02 43.89 52.49
C ARG O 212 -49.63 43.61 51.83
N LYS O 213 -48.64 44.40 52.27
CA LYS O 213 -47.27 44.28 51.79
C LYS O 213 -46.61 43.15 52.56
N LEU O 214 -45.72 42.45 51.86
CA LEU O 214 -45.22 41.16 52.30
C LEU O 214 -44.28 41.21 53.50
N ARG O 215 -44.64 40.46 54.53
CA ARG O 215 -43.95 40.57 55.80
C ARG O 215 -43.35 39.25 56.21
N PRO O 216 -42.12 39.29 56.72
CA PRO O 216 -41.36 38.10 57.08
C PRO O 216 -41.95 37.30 58.24
N GLY O 217 -43.07 36.66 57.99
CA GLY O 217 -43.71 35.75 58.94
C GLY O 217 -44.99 35.17 58.35
N ASP O 218 -45.38 35.75 57.22
CA ASP O 218 -46.58 35.36 56.51
C ASP O 218 -46.53 33.92 56.08
N SER O 219 -47.69 33.38 55.76
CA SER O 219 -47.75 32.10 55.10
C SER O 219 -48.00 32.35 53.61
N LEU O 220 -47.30 31.57 52.77
CA LEU O 220 -47.46 31.63 51.31
C LEU O 220 -47.79 30.30 50.68
N LEU O 221 -48.66 30.39 49.69
CA LEU O 221 -49.03 29.24 48.96
C LEU O 221 -48.10 29.19 47.77
N VAL O 222 -47.49 28.03 47.51
CA VAL O 222 -46.52 27.90 46.41
C VAL O 222 -46.64 26.66 45.54
N ASP O 223 -46.08 26.74 44.34
CA ASP O 223 -45.95 25.57 43.47
C ASP O 223 -44.48 25.22 43.38
N THR O 224 -44.04 24.53 44.42
CA THR O 224 -42.71 23.97 44.55
C THR O 224 -42.04 23.63 43.24
N LYS O 225 -42.82 23.20 42.27
CA LYS O 225 -42.22 22.77 41.04
C LYS O 225 -41.90 23.94 40.17
N ALA O 226 -42.91 24.72 39.82
CA ALA O 226 -42.72 25.82 38.91
C ALA O 226 -41.70 26.79 39.43
N GLY O 227 -41.90 27.19 40.68
CA GLY O 227 -40.98 28.08 41.32
C GLY O 227 -41.69 29.31 41.80
N TYR O 228 -42.95 29.15 42.15
CA TYR O 228 -43.71 30.33 42.41
C TYR O 228 -44.49 30.37 43.70
N ALA O 229 -44.66 31.59 44.17
CA ALA O 229 -45.64 31.94 45.16
C ALA O 229 -46.89 32.34 44.40
N PHE O 230 -47.92 32.69 45.15
CA PHE O 230 -49.21 32.88 44.55
C PHE O 230 -50.11 33.78 45.42
N GLU O 231 -50.02 33.67 46.74
CA GLU O 231 -50.72 34.63 47.59
C GLU O 231 -50.50 34.48 49.10
N ARG O 232 -50.87 35.54 49.80
CA ARG O 232 -50.79 35.66 51.25
C ARG O 232 -51.85 34.79 51.86
N ILE O 233 -51.83 34.63 53.18
CA ILE O 233 -52.85 33.88 53.89
C ILE O 233 -52.73 34.06 55.39
N PRO O 234 -53.86 34.31 56.06
CA PRO O 234 -53.94 34.38 57.51
C PRO O 234 -53.64 33.05 58.23
N LEU O 235 -52.91 33.11 59.34
CA LEU O 235 -52.85 32.01 60.31
C LEU O 235 -53.84 32.37 61.43
N VAL O 236 -53.97 31.51 62.44
CA VAL O 236 -54.40 31.93 63.80
C VAL O 236 -53.50 31.25 64.87
N PRO O 237 -53.11 31.99 65.95
CA PRO O 237 -52.05 31.55 66.92
C PRO O 237 -52.49 30.90 68.30
N SER P 25 -35.54 4.68 17.14
CA SER P 25 -35.82 4.05 15.81
C SER P 25 -36.96 4.79 15.11
N THR P 26 -36.81 5.00 13.81
CA THR P 26 -37.84 5.68 13.01
C THR P 26 -38.29 4.85 11.79
N ALA P 27 -39.40 5.27 11.15
CA ALA P 27 -39.89 4.70 9.87
C ALA P 27 -38.99 5.07 8.68
N ALA P 28 -38.08 6.04 8.90
CA ALA P 28 -37.00 6.48 7.97
C ALA P 28 -35.63 5.75 8.13
N GLY P 29 -35.30 5.32 9.37
CA GLY P 29 -34.11 4.49 9.68
C GLY P 29 -34.25 3.00 9.35
N GLN P 30 -35.49 2.51 9.34
CA GLN P 30 -35.85 1.12 8.96
C GLN P 30 -35.85 0.87 7.43
N GLU P 31 -36.21 1.90 6.65
CA GLU P 31 -36.25 1.86 5.18
C GLU P 31 -34.89 2.17 4.49
N ARG P 32 -33.91 2.63 5.27
CA ARG P 32 -32.53 2.84 4.78
C ARG P 32 -31.64 1.61 5.01
N ARG P 33 -32.05 0.72 5.92
CA ARG P 33 -31.35 -0.55 6.22
C ARG P 33 -31.80 -1.77 5.37
N GLU P 34 -33.06 -1.77 4.92
CA GLU P 34 -33.59 -2.76 3.95
C GLU P 34 -33.16 -2.50 2.49
N LYS P 35 -32.86 -1.23 2.18
CA LYS P 35 -32.33 -0.78 0.89
C LYS P 35 -30.80 -0.94 0.76
N LEU P 36 -30.08 -0.97 1.89
CA LEU P 36 -28.63 -1.17 1.92
C LEU P 36 -28.22 -2.63 1.83
N THR P 37 -28.94 -3.49 2.55
CA THR P 37 -28.76 -4.95 2.48
C THR P 37 -29.58 -5.59 1.34
N GLU P 38 -30.24 -4.74 0.55
CA GLU P 38 -30.94 -5.14 -0.68
C GLU P 38 -30.14 -4.81 -1.98
N GLU P 39 -29.34 -3.72 -1.96
CA GLU P 39 -28.31 -3.44 -3.00
C GLU P 39 -27.08 -4.31 -2.73
N THR P 40 -27.01 -4.76 -1.47
CA THR P 40 -26.07 -5.73 -0.94
C THR P 40 -26.14 -7.09 -1.62
N ASP P 41 -27.24 -7.82 -1.35
CA ASP P 41 -27.53 -9.18 -1.88
C ASP P 41 -27.74 -9.15 -3.39
N ASP P 42 -27.71 -7.94 -3.96
CA ASP P 42 -27.68 -7.68 -5.42
C ASP P 42 -26.24 -7.58 -5.95
N LEU P 43 -25.34 -7.09 -5.10
CA LEU P 43 -23.92 -7.12 -5.40
C LEU P 43 -23.29 -8.49 -5.06
N LEU P 44 -23.82 -9.19 -4.06
CA LEU P 44 -23.35 -10.54 -3.70
C LEU P 44 -23.67 -11.61 -4.73
N ASP P 45 -24.80 -11.45 -5.40
CA ASP P 45 -25.27 -12.38 -6.45
C ASP P 45 -24.67 -12.04 -7.83
N GLU P 46 -24.20 -10.80 -7.97
CA GLU P 46 -23.36 -10.37 -9.10
C GLU P 46 -21.87 -10.65 -8.78
N ILE P 47 -21.56 -10.76 -7.48
CA ILE P 47 -20.20 -11.03 -6.95
C ILE P 47 -19.74 -12.49 -7.15
N ASP P 48 -20.65 -13.42 -6.92
CA ASP P 48 -20.39 -14.85 -7.10
C ASP P 48 -20.62 -15.27 -8.55
N ASP P 49 -21.12 -14.35 -9.38
CA ASP P 49 -21.25 -14.53 -10.85
C ASP P 49 -20.01 -14.04 -11.63
N VAL P 50 -19.18 -13.25 -10.96
CA VAL P 50 -17.92 -12.73 -11.50
C VAL P 50 -16.70 -13.57 -11.05
N LEU P 51 -16.89 -14.31 -9.96
CA LEU P 51 -15.88 -15.25 -9.47
C LEU P 51 -16.00 -16.68 -10.03
N GLU P 52 -17.09 -16.96 -10.75
CA GLU P 52 -17.29 -18.29 -11.35
C GLU P 52 -17.18 -18.36 -12.91
N GLU P 53 -17.36 -17.21 -13.58
CA GLU P 53 -17.11 -17.09 -15.04
C GLU P 53 -15.68 -16.60 -15.35
N ASN P 54 -14.96 -16.20 -14.29
CA ASN P 54 -13.53 -15.88 -14.33
C ASN P 54 -12.64 -17.11 -14.01
N ALA P 55 -13.28 -18.27 -13.80
CA ALA P 55 -12.57 -19.53 -13.55
C ALA P 55 -12.66 -20.45 -14.77
N SER Q 25 -49.86 18.12 18.64
CA SER Q 25 -49.78 18.18 17.15
C SER Q 25 -50.17 16.83 16.55
N THR Q 26 -50.95 16.87 15.46
CA THR Q 26 -51.40 15.65 14.76
C THR Q 26 -51.03 15.67 13.25
N ALA Q 27 -51.15 14.50 12.59
CA ALA Q 27 -51.01 14.35 11.12
C ALA Q 27 -52.19 15.00 10.34
N ALA Q 28 -53.26 15.33 11.08
CA ALA Q 28 -54.47 16.08 10.59
C ALA Q 28 -54.39 17.62 10.77
N GLY Q 29 -53.67 18.08 11.81
CA GLY Q 29 -53.38 19.51 12.07
C GLY Q 29 -52.26 20.08 11.19
N GLN Q 30 -51.35 19.21 10.75
CA GLN Q 30 -50.26 19.56 9.83
C GLN Q 30 -50.68 19.69 8.34
N GLU Q 31 -51.69 18.90 7.93
CA GLU Q 31 -52.25 18.91 6.57
C GLU Q 31 -53.37 19.97 6.32
N ARG Q 32 -53.82 20.62 7.40
CA ARG Q 32 -54.77 21.73 7.30
C ARG Q 32 -54.07 23.11 7.27
N ARG Q 33 -52.79 23.15 7.68
CA ARG Q 33 -51.95 24.37 7.62
C ARG Q 33 -51.12 24.54 6.33
N GLU Q 34 -50.77 23.43 5.67
CA GLU Q 34 -50.15 23.43 4.32
C GLU Q 34 -51.15 23.71 3.16
N LYS Q 35 -52.42 23.39 3.40
CA LYS Q 35 -53.56 23.67 2.47
C LYS Q 35 -54.13 25.10 2.60
N LEU Q 36 -53.95 25.73 3.76
CA LEU Q 36 -54.41 27.10 3.99
C LEU Q 36 -53.45 28.13 3.45
N THR Q 37 -52.14 27.89 3.65
CA THR Q 37 -51.07 28.74 3.12
C THR Q 37 -50.66 28.32 1.69
N GLU Q 38 -51.40 27.34 1.16
CA GLU Q 38 -51.28 26.91 -0.24
C GLU Q 38 -52.43 27.47 -1.14
N GLU Q 39 -53.62 27.69 -0.56
CA GLU Q 39 -54.74 28.48 -1.18
C GLU Q 39 -54.46 29.99 -0.99
N THR Q 40 -53.60 30.24 0.00
CA THR Q 40 -52.98 31.54 0.30
C THR Q 40 -52.13 32.09 -0.83
N ASP Q 41 -50.97 31.45 -1.08
CA ASP Q 41 -49.97 31.83 -2.11
C ASP Q 41 -50.53 31.63 -3.53
N ASP Q 42 -51.75 31.10 -3.61
CA ASP Q 42 -52.57 31.02 -4.85
C ASP Q 42 -53.48 32.26 -5.01
N LEU Q 43 -53.92 32.81 -3.88
CA LEU Q 43 -54.62 34.09 -3.87
C LEU Q 43 -53.64 35.27 -3.94
N LEU Q 44 -52.44 35.11 -3.36
CA LEU Q 44 -51.42 36.16 -3.41
C LEU Q 44 -50.84 36.38 -4.81
N ASP Q 45 -50.77 35.31 -5.59
CA ASP Q 45 -50.26 35.38 -6.97
C ASP Q 45 -51.35 35.76 -7.97
N GLU Q 46 -52.61 35.59 -7.56
CA GLU Q 46 -53.77 36.14 -8.26
C GLU Q 46 -54.05 37.59 -7.78
N ILE Q 47 -53.58 37.90 -6.56
CA ILE Q 47 -53.71 39.23 -5.93
C ILE Q 47 -52.82 40.31 -6.54
N ASP Q 48 -51.57 39.95 -6.85
CA ASP Q 48 -50.60 40.87 -7.49
C ASP Q 48 -50.74 40.87 -9.01
N ASP Q 49 -51.61 39.99 -9.54
CA ASP Q 49 -52.02 39.97 -10.96
C ASP Q 49 -53.27 40.83 -11.25
N VAL Q 50 -54.00 41.18 -10.18
CA VAL Q 50 -55.19 42.06 -10.24
C VAL Q 50 -54.84 43.52 -9.90
N LEU Q 51 -53.71 43.72 -9.21
CA LEU Q 51 -53.19 45.06 -8.90
C LEU Q 51 -52.23 45.62 -9.96
N GLU Q 52 -51.81 44.78 -10.91
CA GLU Q 52 -50.91 45.21 -11.99
C GLU Q 52 -51.55 45.35 -13.41
N GLU Q 53 -52.67 44.68 -13.63
CA GLU Q 53 -53.47 44.85 -14.87
C GLU Q 53 -54.61 45.88 -14.69
N ASN Q 54 -54.80 46.33 -13.45
CA ASN Q 54 -55.69 47.45 -13.08
C ASN Q 54 -54.95 48.81 -13.07
N ALA Q 55 -53.65 48.80 -13.40
CA ALA Q 55 -52.83 50.01 -13.48
C ALA Q 55 -52.57 50.39 -14.93
N SER R 25 -54.16 -1.46 21.69
CA SER R 25 -54.84 -1.37 20.37
C SER R 25 -53.84 -0.99 19.28
N THR R 26 -53.97 -1.64 18.12
CA THR R 26 -53.07 -1.38 16.99
C THR R 26 -53.85 -1.00 15.69
N ALA R 27 -53.12 -0.50 14.69
CA ALA R 27 -53.65 -0.23 13.31
C ALA R 27 -53.95 -1.53 12.54
N ALA R 28 -53.45 -2.66 13.08
CA ALA R 28 -53.70 -4.06 12.60
C ALA R 28 -54.91 -4.78 13.28
N GLY R 29 -55.17 -4.45 14.55
CA GLY R 29 -56.34 -4.95 15.31
C GLY R 29 -57.64 -4.24 14.97
N GLN R 30 -57.54 -3.00 14.48
CA GLN R 30 -58.69 -2.17 14.03
C GLN R 30 -59.20 -2.56 12.62
N GLU R 31 -58.29 -3.00 11.75
CA GLU R 31 -58.59 -3.41 10.37
C GLU R 31 -59.04 -4.89 10.24
N ARG R 32 -58.92 -5.66 11.32
CA ARG R 32 -59.43 -7.06 11.38
C ARG R 32 -60.85 -7.16 11.96
N ARG R 33 -61.29 -6.10 12.65
CA ARG R 33 -62.65 -5.99 13.21
C ARG R 33 -63.67 -5.32 12.27
N GLU R 34 -63.20 -4.43 11.39
CA GLU R 34 -64.01 -3.83 10.31
C GLU R 34 -64.25 -4.79 9.12
N LYS R 35 -63.33 -5.73 8.93
CA LYS R 35 -63.42 -6.80 7.90
C LYS R 35 -64.25 -8.01 8.36
N LEU R 36 -64.36 -8.22 9.67
CA LEU R 36 -65.17 -9.31 10.25
C LEU R 36 -66.66 -8.99 10.34
N THR R 37 -66.98 -7.76 10.74
CA THR R 37 -68.35 -7.26 10.77
C THR R 37 -68.77 -6.66 9.42
N GLU R 38 -67.89 -6.75 8.41
CA GLU R 38 -68.16 -6.38 7.02
C GLU R 38 -68.45 -7.61 6.11
N GLU R 39 -67.84 -8.76 6.42
CA GLU R 39 -68.23 -10.10 5.85
C GLU R 39 -69.47 -10.63 6.60
N THR R 40 -69.67 -10.05 7.79
CA THR R 40 -70.84 -10.20 8.64
C THR R 40 -72.14 -9.72 8.00
N ASP R 41 -72.26 -8.37 7.85
CA ASP R 41 -73.43 -7.67 7.26
C ASP R 41 -73.60 -8.01 5.77
N ASP R 42 -72.64 -8.76 5.23
CA ASP R 42 -72.71 -9.37 3.88
C ASP R 42 -73.35 -10.78 3.93
N LEU R 43 -73.15 -11.48 5.04
CA LEU R 43 -73.84 -12.74 5.29
C LEU R 43 -75.24 -12.51 5.86
N LEU R 44 -75.43 -11.42 6.61
CA LEU R 44 -76.75 -11.05 7.15
C LEU R 44 -77.75 -10.62 6.08
N ASP R 45 -77.24 -9.98 5.02
CA ASP R 45 -78.07 -9.52 3.91
C ASP R 45 -78.30 -10.61 2.85
N GLU R 46 -77.43 -11.62 2.87
CA GLU R 46 -77.65 -12.88 2.14
C GLU R 46 -78.46 -13.86 2.99
N ILE R 47 -78.44 -13.67 4.32
CA ILE R 47 -79.18 -14.47 5.32
C ILE R 47 -80.70 -14.25 5.34
N ASP R 48 -81.09 -12.97 5.23
CA ASP R 48 -82.51 -12.57 5.17
C ASP R 48 -83.06 -12.64 3.73
N ASP R 49 -82.18 -12.95 2.77
CA ASP R 49 -82.56 -13.21 1.35
C ASP R 49 -82.79 -14.71 1.07
N VAL R 50 -82.33 -15.56 2.00
CA VAL R 50 -82.52 -17.03 1.95
C VAL R 50 -83.69 -17.47 2.84
N LEU R 51 -84.07 -16.63 3.79
CA LEU R 51 -85.22 -16.87 4.64
C LEU R 51 -86.54 -16.31 4.09
N GLU R 52 -86.46 -15.48 3.04
CA GLU R 52 -87.66 -14.87 2.43
C GLU R 52 -88.05 -15.42 1.04
N GLU R 53 -87.09 -16.06 0.34
CA GLU R 53 -87.37 -16.77 -0.94
C GLU R 53 -87.61 -18.28 -0.71
N ASN R 54 -87.37 -18.71 0.54
CA ASN R 54 -87.71 -20.06 1.03
C ASN R 54 -89.12 -20.09 1.67
N ALA R 55 -89.84 -18.97 1.66
CA ALA R 55 -91.21 -18.89 2.18
C ALA R 55 -92.22 -18.81 1.03
#